data_5O3V
#
_entry.id   5O3V
#
_cell.length_a   88.860
_cell.length_b   65.200
_cell.length_c   140.170
_cell.angle_alpha   90.00
_cell.angle_beta   95.91
_cell.angle_gamma   90.00
#
_symmetry.space_group_name_H-M   'P 1 2 1'
#
loop_
_entity.id
_entity.type
_entity.pdbx_description
1 polymer 'Peptide cyclase 1'
2 polymer 'Putative presegetalin B1'
3 non-polymer 'MAGNESIUM ION'
4 non-polymer 'SULFATE ION'
5 water water
#
loop_
_entity_poly.entity_id
_entity_poly.type
_entity_poly.pdbx_seq_one_letter_code
_entity_poly.pdbx_strand_id
1 'polypeptide(L)'
;MATSGFSKPLHYPPVRRDETVVDDYFGVKVADPYRWLEDPNSEETKEFVDNQEKLANSVLEECELIDKFKQKIIDFVNFP
RCGVPFRRANKYFHFYNSGLQAQNVFQMQDDLDGKPEVLYDPNLREGGRSGLSLYSVSEDAKYFAFGIHSGLTEWVTIKI
LKTEDRSYLPDTLEWVKFSPAIWTHDNKGFFYCPYPPLKEGEDHMTRSAVNQEARYHFLGTDQSEDILLWRDLENPAHHL
KCQITDDGKYFLLYILDGCDDANKVYCLDLTKLPNGLESFRGREDSAPFMKLIDSFDASYTAIANDGSVFTFQTNKDAPR
KKLVRVDLNNPSVWTDLVPESKKDLLESAHAVNENQLILRYLSDVKHVLEIRDLESGALQHRLPIDIGSVDGITARRRDS
VVFFKFTSILTPGIVYQCDLKNDPTQLKIFRESVVPDFDRSEFEVKQVFVPSKDGTKIPIFIAARKGISLDGSHPCEMHG
YGGFGINMMPTFSASRIVFLKHLGGVFCLANIRGGGEYGEEWHKAGFRDKKQNVFDDFISAAEYLISSGYTKARRVAIEG
GANGGLLVAACINQRPDLFGCAEANCGVMDMLRFHKFTLGYLWTGDYGCSDKEEEFKWLIKYSPIHNVRRPWEQPGNEET
QYPATMILTADHDDRVVPLHSFKLLATMQHVLCTSLEDSPQKNPIIARIQRKAAHYGRATMTQIAEVADRYGFMAKALEA
PWID
;
A,B
2 'polypeptide(L)' MSPILAHDVVKPQGVAWAFQAKDVENASAPV D,C
#
loop_
_chem_comp.id
_chem_comp.type
_chem_comp.name
_chem_comp.formula
MG non-polymer 'MAGNESIUM ION' 'Mg 2'
SO4 non-polymer 'SULFATE ION' 'O4 S -2'
#
# COMPACT_ATOMS: atom_id res chain seq x y z
N SER A 4 -13.06 -26.21 13.43
CA SER A 4 -13.47 -25.69 14.77
C SER A 4 -12.38 -24.77 15.37
N GLY A 5 -12.59 -24.30 16.60
CA GLY A 5 -11.69 -23.37 17.28
C GLY A 5 -10.43 -24.03 17.82
N PHE A 6 -10.00 -23.59 19.00
CA PHE A 6 -8.66 -23.92 19.51
C PHE A 6 -8.60 -25.35 20.06
N SER A 7 -7.73 -26.17 19.50
CA SER A 7 -7.52 -27.56 19.90
C SER A 7 -6.13 -27.89 20.47
N LYS A 8 -5.09 -27.16 20.06
CA LYS A 8 -3.71 -27.46 20.43
C LYS A 8 -3.41 -27.06 21.89
N PRO A 9 -2.83 -27.98 22.69
CA PRO A 9 -2.59 -27.67 24.11
C PRO A 9 -1.59 -26.53 24.33
N LEU A 10 -1.76 -25.82 25.43
CA LEU A 10 -1.09 -24.54 25.65
C LEU A 10 -0.07 -24.70 26.77
N HIS A 11 1.17 -24.28 26.51
CA HIS A 11 2.24 -24.31 27.51
C HIS A 11 2.30 -22.97 28.20
N TYR A 12 1.52 -22.80 29.26
CA TYR A 12 1.52 -21.54 30.03
C TYR A 12 2.85 -21.41 30.79
N PRO A 13 3.54 -20.26 30.68
CA PRO A 13 4.84 -20.13 31.34
C PRO A 13 4.74 -19.88 32.85
N PRO A 14 5.81 -20.22 33.61
CA PRO A 14 5.82 -19.93 35.04
C PRO A 14 5.96 -18.43 35.33
N VAL A 15 5.20 -17.94 36.30
CA VAL A 15 5.16 -16.53 36.70
C VAL A 15 5.24 -16.47 38.22
N ARG A 16 6.28 -15.83 38.76
CA ARG A 16 6.55 -15.85 40.20
C ARG A 16 5.48 -15.08 40.99
N ARG A 17 5.12 -15.61 42.16
CA ARG A 17 4.20 -14.96 43.08
C ARG A 17 4.94 -14.59 44.37
N ASP A 18 4.88 -13.31 44.73
CA ASP A 18 5.36 -12.84 46.03
C ASP A 18 4.16 -12.80 47.00
N GLU A 19 4.01 -13.84 47.81
CA GLU A 19 2.83 -14.00 48.66
C GLU A 19 2.79 -13.07 49.88
N THR A 20 3.86 -12.32 50.14
CA THR A 20 3.93 -11.43 51.31
C THR A 20 3.32 -10.04 51.11
N VAL A 21 3.02 -9.66 49.86
CA VAL A 21 2.52 -8.31 49.58
C VAL A 21 1.01 -8.25 49.85
N VAL A 22 0.66 -7.60 50.96
CA VAL A 22 -0.73 -7.39 51.35
C VAL A 22 -0.90 -5.93 51.78
N ASP A 23 -2.00 -5.31 51.32
CA ASP A 23 -2.33 -3.91 51.65
C ASP A 23 -3.64 -3.85 52.44
N ASP A 24 -3.72 -2.91 53.40
CA ASP A 24 -4.95 -2.68 54.17
C ASP A 24 -5.68 -1.46 53.61
N TYR A 25 -6.92 -1.66 53.17
CA TYR A 25 -7.81 -0.58 52.73
C TYR A 25 -9.00 -0.51 53.70
N PHE A 26 -8.90 0.37 54.69
CA PHE A 26 -9.93 0.55 55.73
C PHE A 26 -10.42 -0.77 56.36
N GLY A 27 -9.49 -1.62 56.76
CA GLY A 27 -9.80 -2.92 57.38
C GLY A 27 -9.88 -4.13 56.46
N VAL A 28 -9.95 -3.91 55.14
CA VAL A 28 -10.03 -5.00 54.17
C VAL A 28 -8.63 -5.31 53.62
N LYS A 29 -8.22 -6.57 53.70
CA LYS A 29 -6.91 -7.01 53.18
C LYS A 29 -7.01 -7.41 51.71
N VAL A 30 -6.01 -6.99 50.93
CA VAL A 30 -5.91 -7.28 49.50
C VAL A 30 -4.49 -7.70 49.20
N ALA A 31 -4.33 -8.96 48.76
CA ALA A 31 -3.03 -9.47 48.30
C ALA A 31 -2.73 -8.94 46.89
N ASP A 32 -1.48 -8.54 46.65
CA ASP A 32 -1.03 -8.09 45.33
C ASP A 32 0.28 -8.83 44.95
N PRO A 33 0.18 -10.14 44.65
CA PRO A 33 1.36 -10.98 44.42
C PRO A 33 2.13 -10.75 43.10
N TYR A 34 1.58 -9.93 42.20
CA TYR A 34 2.31 -9.50 40.98
C TYR A 34 2.74 -8.02 41.05
N ARG A 35 3.01 -7.54 42.26
CA ARG A 35 3.55 -6.19 42.51
C ARG A 35 4.86 -5.91 41.75
N TRP A 36 5.69 -6.94 41.58
CA TRP A 36 6.95 -6.82 40.82
C TRP A 36 6.77 -6.47 39.33
N LEU A 37 5.64 -6.84 38.73
CA LEU A 37 5.35 -6.45 37.33
C LEU A 37 5.08 -4.94 37.11
N GLU A 38 5.04 -4.16 38.20
CA GLU A 38 4.97 -2.69 38.12
C GLU A 38 6.27 -2.01 37.64
N ASP A 39 7.40 -2.72 37.74
CA ASP A 39 8.69 -2.23 37.19
C ASP A 39 8.86 -2.73 35.72
N PRO A 40 8.72 -1.83 34.72
CA PRO A 40 8.90 -2.24 33.32
C PRO A 40 10.37 -2.49 32.90
N ASN A 41 11.32 -1.91 33.63
CA ASN A 41 12.75 -1.99 33.29
C ASN A 41 13.52 -3.16 33.91
N SER A 42 12.87 -3.96 34.77
CA SER A 42 13.56 -5.08 35.45
C SER A 42 13.73 -6.29 34.53
N GLU A 43 14.69 -7.14 34.86
CA GLU A 43 14.98 -8.37 34.12
C GLU A 43 13.87 -9.40 34.17
N GLU A 44 13.24 -9.55 35.34
CA GLU A 44 12.15 -10.50 35.50
C GLU A 44 10.91 -10.07 34.69
N THR A 45 10.64 -8.77 34.63
CA THR A 45 9.54 -8.24 33.81
C THR A 45 9.82 -8.40 32.32
N LYS A 46 11.05 -8.15 31.89
CA LYS A 46 11.45 -8.37 30.48
C LYS A 46 11.36 -9.85 30.06
N GLU A 47 11.73 -10.75 30.96
CA GLU A 47 11.51 -12.19 30.78
C GLU A 47 10.03 -12.57 30.67
N PHE A 48 9.19 -11.97 31.51
CA PHE A 48 7.72 -12.16 31.44
C PHE A 48 7.21 -11.83 30.04
N VAL A 49 7.57 -10.64 29.55
CA VAL A 49 7.20 -10.20 28.21
C VAL A 49 7.67 -11.19 27.13
N ASP A 50 8.92 -11.68 27.23
CA ASP A 50 9.48 -12.71 26.32
C ASP A 50 8.66 -14.01 26.33
N ASN A 51 8.29 -14.46 27.53
CA ASN A 51 7.53 -15.71 27.67
C ASN A 51 6.11 -15.60 27.14
N GLN A 52 5.48 -14.45 27.38
CA GLN A 52 4.12 -14.21 26.90
C GLN A 52 4.06 -14.01 25.38
N GLU A 53 5.11 -13.37 24.81
CA GLU A 53 5.26 -13.25 23.35
C GLU A 53 5.32 -14.64 22.67
N LYS A 54 6.14 -15.51 23.24
CA LYS A 54 6.31 -16.89 22.77
C LYS A 54 4.98 -17.68 22.80
N LEU A 55 4.29 -17.65 23.93
CA LEU A 55 2.95 -18.26 24.04
C LEU A 55 1.98 -17.70 22.99
N ALA A 56 1.95 -16.36 22.88
CA ALA A 56 1.06 -15.70 21.93
C ALA A 56 1.33 -16.11 20.49
N ASN A 57 2.62 -16.18 20.12
CA ASN A 57 3.01 -16.63 18.77
C ASN A 57 2.49 -18.03 18.40
N SER A 58 2.65 -19.01 19.30
CA SER A 58 2.15 -20.38 19.01
C SER A 58 0.60 -20.46 18.89
N VAL A 59 -0.13 -19.64 19.63
CA VAL A 59 -1.60 -19.57 19.48
C VAL A 59 -1.97 -18.91 18.14
N LEU A 60 -1.37 -17.77 17.83
CA LEU A 60 -1.63 -17.06 16.58
C LEU A 60 -1.17 -17.82 15.30
N GLU A 61 -0.23 -18.75 15.45
CA GLU A 61 0.15 -19.67 14.33
C GLU A 61 -1.02 -20.61 13.95
N GLU A 62 -1.83 -20.99 14.94
CA GLU A 62 -3.04 -21.80 14.74
C GLU A 62 -4.20 -21.04 14.03
N CYS A 63 -4.14 -19.71 13.99
CA CYS A 63 -5.21 -18.88 13.40
C CYS A 63 -4.95 -18.63 11.92
N GLU A 64 -5.45 -19.55 11.09
CA GLU A 64 -5.11 -19.58 9.66
C GLU A 64 -5.67 -18.44 8.78
N LEU A 65 -6.50 -17.56 9.33
CA LEU A 65 -7.05 -16.44 8.54
C LEU A 65 -6.31 -15.10 8.72
N ILE A 66 -5.26 -15.04 9.55
CA ILE A 66 -4.52 -13.79 9.78
C ILE A 66 -3.99 -13.16 8.48
N ASP A 67 -3.34 -13.98 7.63
CA ASP A 67 -2.77 -13.48 6.36
C ASP A 67 -3.83 -12.91 5.39
N LYS A 68 -4.98 -13.56 5.32
CA LYS A 68 -6.12 -13.11 4.49
C LYS A 68 -6.71 -11.80 4.97
N PHE A 69 -6.88 -11.66 6.28
CA PHE A 69 -7.28 -10.38 6.91
C PHE A 69 -6.26 -9.27 6.62
N LYS A 70 -4.98 -9.57 6.82
CA LYS A 70 -3.90 -8.60 6.60
C LYS A 70 -3.95 -8.00 5.18
N GLN A 71 -4.06 -8.85 4.17
CA GLN A 71 -4.04 -8.36 2.78
C GLN A 71 -5.30 -7.56 2.44
N LYS A 72 -6.46 -7.99 2.94
CA LYS A 72 -7.72 -7.27 2.68
C LYS A 72 -7.80 -5.92 3.40
N ILE A 73 -7.21 -5.82 4.59
CA ILE A 73 -7.10 -4.52 5.28
C ILE A 73 -6.21 -3.56 4.48
N ILE A 74 -5.04 -4.05 4.04
CA ILE A 74 -4.13 -3.25 3.20
C ILE A 74 -4.89 -2.76 1.96
N ASP A 75 -5.58 -3.67 1.28
CA ASP A 75 -6.31 -3.32 0.06
C ASP A 75 -7.44 -2.28 0.33
N PHE A 76 -8.26 -2.49 1.36
CA PHE A 76 -9.36 -1.57 1.69
C PHE A 76 -8.94 -0.18 2.20
N VAL A 77 -7.73 -0.04 2.77
CA VAL A 77 -7.26 1.26 3.26
C VAL A 77 -6.35 2.00 2.25
N ASN A 78 -6.04 1.35 1.12
CA ASN A 78 -5.17 1.91 0.08
C ASN A 78 -5.90 2.90 -0.83
N PHE A 79 -6.24 4.06 -0.26
CA PHE A 79 -6.81 5.19 -1.02
C PHE A 79 -6.23 6.48 -0.45
N PRO A 80 -6.08 7.53 -1.29
CA PRO A 80 -5.52 8.79 -0.77
C PRO A 80 -6.46 9.53 0.20
N ARG A 81 -5.88 10.17 1.22
CA ARG A 81 -6.62 10.88 2.28
C ARG A 81 -6.13 12.31 2.44
N CYS A 82 -6.99 13.27 2.08
CA CYS A 82 -6.69 14.69 2.24
CA CYS A 82 -6.69 14.70 2.24
C CYS A 82 -7.33 15.22 3.52
N GLY A 83 -6.52 15.85 4.38
CA GLY A 83 -7.02 16.42 5.63
C GLY A 83 -7.69 17.76 5.39
N VAL A 84 -8.36 18.25 6.43
CA VAL A 84 -9.08 19.53 6.39
C VAL A 84 -8.07 20.67 6.28
N PRO A 85 -8.17 21.52 5.21
CA PRO A 85 -7.24 22.63 5.06
C PRO A 85 -7.59 23.84 5.93
N PHE A 86 -6.57 24.54 6.42
CA PHE A 86 -6.71 25.79 7.16
C PHE A 86 -5.79 26.87 6.61
N ARG A 87 -6.12 28.13 6.90
CA ARG A 87 -5.50 29.29 6.29
C ARG A 87 -4.72 30.13 7.30
N ARG A 88 -3.53 30.60 6.90
CA ARG A 88 -2.80 31.66 7.61
C ARG A 88 -2.26 32.62 6.55
N ALA A 89 -2.48 33.92 6.76
CA ALA A 89 -2.14 34.95 5.77
C ALA A 89 -2.73 34.57 4.40
N ASN A 90 -1.90 34.46 3.34
CA ASN A 90 -2.39 34.03 2.02
C ASN A 90 -1.89 32.61 1.63
N LYS A 91 -1.62 31.77 2.62
CA LYS A 91 -1.21 30.37 2.42
C LYS A 91 -2.25 29.41 3.01
N TYR A 92 -2.32 28.19 2.47
CA TYR A 92 -3.19 27.13 2.98
C TYR A 92 -2.37 25.90 3.38
N PHE A 93 -2.81 25.19 4.42
CA PHE A 93 -2.07 24.07 5.01
C PHE A 93 -2.96 22.85 5.26
N HIS A 94 -2.42 21.65 5.02
CA HIS A 94 -3.14 20.39 5.33
C HIS A 94 -2.25 19.16 5.45
N PHE A 95 -2.73 18.13 6.15
CA PHE A 95 -2.11 16.80 6.17
C PHE A 95 -2.54 15.96 4.94
N TYR A 96 -1.62 15.12 4.45
CA TYR A 96 -1.86 14.23 3.29
C TYR A 96 -1.20 12.87 3.50
N ASN A 97 -1.87 11.83 3.01
CA ASN A 97 -1.33 10.47 2.95
C ASN A 97 -1.77 9.86 1.61
N SER A 98 -0.83 9.32 0.83
CA SER A 98 -1.16 8.74 -0.47
C SER A 98 -1.85 7.37 -0.36
N GLY A 99 -2.00 6.86 0.87
CA GLY A 99 -2.83 5.68 1.16
C GLY A 99 -2.20 4.74 2.16
N LEU A 100 -0.93 4.40 1.93
CA LEU A 100 -0.20 3.45 2.75
C LEU A 100 1.15 3.99 3.27
N GLN A 101 1.30 5.31 3.37
CA GLN A 101 2.49 5.89 4.02
C GLN A 101 2.42 5.65 5.52
N ALA A 102 3.59 5.47 6.15
CA ALA A 102 3.67 5.15 7.58
C ALA A 102 3.03 6.24 8.46
N GLN A 103 3.23 7.49 8.08
CA GLN A 103 2.68 8.66 8.77
C GLN A 103 2.25 9.71 7.76
N ASN A 104 1.30 10.54 8.15
CA ASN A 104 0.81 11.65 7.32
C ASN A 104 1.89 12.73 7.15
N VAL A 105 1.89 13.36 5.96
CA VAL A 105 2.83 14.43 5.61
CA VAL A 105 2.82 14.43 5.60
C VAL A 105 2.11 15.79 5.66
N PHE A 106 2.81 16.83 6.14
CA PHE A 106 2.23 18.18 6.26
C PHE A 106 2.65 19.07 5.10
N GLN A 107 1.66 19.67 4.42
CA GLN A 107 1.86 20.35 3.13
C GLN A 107 1.36 21.80 3.14
N MET A 108 1.93 22.60 2.23
CA MET A 108 1.61 24.02 2.07
C MET A 108 1.25 24.32 0.61
N GLN A 109 0.33 25.28 0.41
CA GLN A 109 -0.11 25.72 -0.92
C GLN A 109 -0.29 27.24 -0.95
N ASP A 110 -0.19 27.82 -2.15
CA ASP A 110 -0.53 29.23 -2.36
C ASP A 110 -2.03 29.45 -2.52
N ASP A 111 -2.70 28.53 -3.23
CA ASP A 111 -4.19 28.47 -3.30
C ASP A 111 -4.66 27.02 -3.18
N LEU A 112 -5.95 26.84 -2.92
CA LEU A 112 -6.51 25.50 -2.67
C LEU A 112 -6.37 24.50 -3.82
N ASP A 113 -6.25 25.01 -5.06
CA ASP A 113 -6.03 24.18 -6.25
C ASP A 113 -4.58 24.26 -6.80
N GLY A 114 -3.65 24.77 -6.01
CA GLY A 114 -2.24 24.90 -6.42
C GLY A 114 -1.43 23.66 -6.13
N LYS A 115 -0.18 23.66 -6.59
CA LYS A 115 0.75 22.56 -6.31
C LYS A 115 1.10 22.53 -4.82
N PRO A 116 0.97 21.35 -4.16
CA PRO A 116 1.40 21.25 -2.77
C PRO A 116 2.93 21.24 -2.63
N GLU A 117 3.43 21.78 -1.52
CA GLU A 117 4.84 21.68 -1.18
C GLU A 117 4.95 20.99 0.18
N VAL A 118 5.81 19.98 0.28
CA VAL A 118 6.01 19.25 1.51
C VAL A 118 6.79 20.13 2.51
N LEU A 119 6.22 20.33 3.70
CA LEU A 119 6.93 21.08 4.77
C LEU A 119 7.64 20.13 5.74
N TYR A 120 6.96 19.05 6.14
CA TYR A 120 7.58 18.04 7.02
C TYR A 120 7.06 16.66 6.68
N ASP A 121 8.01 15.75 6.41
CA ASP A 121 7.72 14.36 6.07
C ASP A 121 8.30 13.45 7.17
N PRO A 122 7.44 12.96 8.11
CA PRO A 122 7.91 12.07 9.18
C PRO A 122 8.46 10.71 8.70
N ASN A 123 8.06 10.29 7.49
CA ASN A 123 8.50 9.02 6.93
C ASN A 123 10.02 8.98 6.68
N LEU A 124 10.67 10.14 6.53
CA LEU A 124 12.13 10.21 6.36
C LEU A 124 12.95 10.03 7.65
N ARG A 125 12.28 10.01 8.81
CA ARG A 125 12.95 9.85 10.09
C ARG A 125 12.55 8.52 10.75
N GLU A 126 13.52 7.61 10.89
CA GLU A 126 13.32 6.32 11.55
C GLU A 126 12.17 5.48 10.93
N GLY A 127 12.03 5.57 9.61
CA GLY A 127 10.98 4.83 8.89
C GLY A 127 9.54 5.24 9.19
N GLY A 128 9.35 6.44 9.75
CA GLY A 128 8.04 6.87 10.21
C GLY A 128 7.52 6.09 11.42
N ARG A 129 8.41 5.66 12.30
CA ARG A 129 8.00 5.02 13.56
C ARG A 129 6.97 5.90 14.30
N SER A 130 7.17 7.22 14.27
CA SER A 130 6.26 8.19 14.90
C SER A 130 5.95 9.33 13.94
N GLY A 131 4.82 10.00 14.18
CA GLY A 131 4.34 11.12 13.36
C GLY A 131 4.34 12.45 14.12
N LEU A 132 3.61 13.43 13.59
CA LEU A 132 3.47 14.73 14.25
C LEU A 132 2.32 14.73 15.22
N SER A 133 2.58 15.03 16.50
CA SER A 133 1.49 15.18 17.49
CA SER A 133 1.49 15.18 17.49
C SER A 133 1.16 16.64 17.80
N LEU A 134 2.00 17.57 17.33
CA LEU A 134 1.76 19.00 17.43
C LEU A 134 2.18 19.64 16.10
N TYR A 135 1.37 20.59 15.63
CA TYR A 135 1.58 21.27 14.34
C TYR A 135 0.91 22.64 14.45
N SER A 136 1.70 23.70 14.34
CA SER A 136 1.17 25.06 14.53
C SER A 136 1.90 26.06 13.64
N VAL A 137 1.13 26.80 12.84
CA VAL A 137 1.69 27.78 11.90
C VAL A 137 1.47 29.20 12.42
N SER A 138 2.52 30.02 12.36
CA SER A 138 2.47 31.41 12.80
C SER A 138 1.49 32.23 11.94
N GLU A 139 1.14 33.42 12.44
CA GLU A 139 0.10 34.26 11.80
C GLU A 139 0.49 34.78 10.43
N ASP A 140 1.78 35.13 10.24
CA ASP A 140 2.29 35.52 8.91
C ASP A 140 2.63 34.34 7.95
N ALA A 141 2.37 33.11 8.38
CA ALA A 141 2.65 31.89 7.62
C ALA A 141 4.14 31.62 7.35
N LYS A 142 5.03 32.31 8.06
CA LYS A 142 6.49 32.17 7.83
C LYS A 142 7.15 31.08 8.67
N TYR A 143 6.52 30.67 9.78
CA TYR A 143 7.10 29.68 10.70
C TYR A 143 6.13 28.54 10.98
N PHE A 144 6.69 27.34 11.17
CA PHE A 144 5.93 26.13 11.47
C PHE A 144 6.55 25.46 12.68
N ALA A 145 5.82 25.48 13.80
CA ALA A 145 6.21 24.78 15.03
C ALA A 145 5.63 23.37 15.00
N PHE A 146 6.50 22.36 15.17
CA PHE A 146 6.08 20.98 15.03
C PHE A 146 6.63 20.11 16.16
N GLY A 147 5.83 19.13 16.59
CA GLY A 147 6.16 18.28 17.73
C GLY A 147 6.45 16.84 17.29
N ILE A 148 7.65 16.38 17.65
CA ILE A 148 8.14 15.03 17.32
C ILE A 148 8.34 14.22 18.60
N HIS A 149 8.48 12.91 18.43
CA HIS A 149 8.79 12.00 19.52
C HIS A 149 10.26 11.59 19.45
N SER A 150 11.06 12.12 20.39
CA SER A 150 12.48 11.80 20.49
C SER A 150 12.75 10.43 21.09
N GLY A 151 11.85 9.94 21.95
CA GLY A 151 11.97 8.61 22.54
C GLY A 151 10.81 7.71 22.13
N LEU A 152 10.58 6.65 22.94
CA LEU A 152 9.53 5.66 22.67
C LEU A 152 8.18 5.98 23.34
N THR A 153 8.18 6.84 24.36
CA THR A 153 6.93 7.31 24.97
C THR A 153 6.27 8.37 24.10
N GLU A 154 5.08 8.81 24.49
CA GLU A 154 4.36 9.88 23.79
C GLU A 154 4.87 11.30 24.14
N TRP A 155 5.89 11.44 24.97
CA TRP A 155 6.42 12.80 25.28
C TRP A 155 6.96 13.51 24.02
N VAL A 156 6.78 14.83 23.96
CA VAL A 156 6.99 15.62 22.74
C VAL A 156 8.15 16.59 22.88
N THR A 157 8.91 16.73 21.79
CA THR A 157 9.95 17.75 21.63
C THR A 157 9.49 18.69 20.52
N ILE A 158 9.47 20.01 20.78
CA ILE A 158 9.03 21.01 19.79
C ILE A 158 10.23 21.59 19.01
N LYS A 159 10.14 21.52 17.68
CA LYS A 159 11.09 22.16 16.78
C LYS A 159 10.35 23.19 15.92
N ILE A 160 11.11 24.06 15.26
CA ILE A 160 10.54 25.12 14.41
C ILE A 160 11.27 25.20 13.07
N LEU A 161 10.54 25.36 11.96
CA LEU A 161 11.17 25.59 10.63
C LEU A 161 10.61 26.83 9.91
N LYS A 162 11.41 27.38 8.99
CA LYS A 162 10.98 28.46 8.08
C LYS A 162 10.26 27.86 6.89
N THR A 163 9.03 28.33 6.61
CA THR A 163 8.21 27.76 5.53
C THR A 163 8.76 28.06 4.13
N GLU A 164 9.43 29.21 3.95
CA GLU A 164 9.95 29.61 2.63
C GLU A 164 11.03 28.69 2.03
N ASP A 165 11.93 28.17 2.86
CA ASP A 165 12.95 27.21 2.38
C ASP A 165 13.03 25.87 3.16
N ARG A 166 12.15 25.67 4.14
CA ARG A 166 12.19 24.52 5.08
C ARG A 166 13.46 24.39 5.94
N SER A 167 14.21 25.48 6.13
CA SER A 167 15.39 25.43 7.02
C SER A 167 14.91 25.39 8.49
N TYR A 168 15.53 24.52 9.28
CA TYR A 168 15.20 24.35 10.71
C TYR A 168 15.89 25.44 11.51
N LEU A 169 15.18 26.04 12.47
CA LEU A 169 15.84 26.89 13.46
C LEU A 169 16.51 25.98 14.50
N PRO A 170 17.49 26.49 15.26
CA PRO A 170 18.08 25.63 16.30
C PRO A 170 17.19 25.38 17.54
N ASP A 171 16.16 26.21 17.75
CA ASP A 171 15.32 26.13 18.97
C ASP A 171 14.82 24.70 19.23
N THR A 172 14.91 24.24 20.47
CA THR A 172 14.43 22.93 20.89
C THR A 172 13.72 23.05 22.25
N LEU A 173 12.45 22.63 22.35
CA LEU A 173 11.70 22.67 23.61
C LEU A 173 11.29 21.27 24.04
N GLU A 174 11.75 20.85 25.22
CA GLU A 174 11.39 19.54 25.76
C GLU A 174 10.21 19.64 26.75
N TRP A 175 9.74 18.48 27.21
CA TRP A 175 8.80 18.35 28.34
C TRP A 175 7.33 18.72 28.04
N VAL A 176 6.89 18.50 26.80
CA VAL A 176 5.50 18.73 26.40
C VAL A 176 4.75 17.39 26.26
N LYS A 177 3.49 17.39 26.69
CA LYS A 177 2.56 16.28 26.42
C LYS A 177 1.48 16.72 25.44
N PHE A 178 0.42 17.35 25.96
CA PHE A 178 -0.79 17.66 25.19
C PHE A 178 -0.89 19.14 24.79
N SER A 179 0.07 19.97 25.23
CA SER A 179 -0.02 21.41 24.96
C SER A 179 0.08 21.76 23.48
N PRO A 180 -0.66 22.79 23.03
CA PRO A 180 -0.44 23.36 21.70
C PRO A 180 0.70 24.40 21.75
N ALA A 181 1.00 25.00 20.60
CA ALA A 181 1.90 26.13 20.51
C ALA A 181 1.08 27.27 19.95
N ILE A 182 0.90 28.33 20.74
CA ILE A 182 -0.05 29.40 20.42
C ILE A 182 0.72 30.68 20.13
N TRP A 183 0.69 31.11 18.88
CA TRP A 183 1.50 32.23 18.43
C TRP A 183 0.85 33.57 18.76
N THR A 184 1.65 34.55 19.19
CA THR A 184 1.21 35.95 19.24
C THR A 184 1.25 36.54 17.82
N HIS A 185 0.41 37.56 17.58
CA HIS A 185 0.27 38.19 16.26
C HIS A 185 1.49 39.03 15.84
N ASP A 186 2.41 39.30 16.77
CA ASP A 186 3.71 39.91 16.41
C ASP A 186 4.72 38.94 15.74
N ASN A 187 4.42 37.64 15.74
CA ASN A 187 5.25 36.58 15.12
C ASN A 187 6.62 36.35 15.81
N LYS A 188 6.74 36.78 17.07
CA LYS A 188 8.00 36.70 17.82
C LYS A 188 8.13 35.46 18.70
N GLY A 189 7.05 34.71 18.85
CA GLY A 189 7.07 33.58 19.78
C GLY A 189 5.70 32.98 20.00
N PHE A 190 5.63 32.05 20.94
CA PHE A 190 4.37 31.37 21.24
C PHE A 190 4.29 30.90 22.69
N PHE A 191 3.04 30.80 23.17
CA PHE A 191 2.72 30.25 24.49
C PHE A 191 2.70 28.73 24.37
N TYR A 192 3.12 28.04 25.43
CA TYR A 192 2.99 26.58 25.52
C TYR A 192 3.05 26.20 26.99
N CYS A 193 2.58 25.00 27.33
CA CYS A 193 2.35 24.60 28.72
C CYS A 193 3.09 23.30 29.11
N PRO A 194 4.41 23.38 29.40
CA PRO A 194 5.20 22.19 29.71
C PRO A 194 5.13 21.73 31.18
N TYR A 195 5.61 20.52 31.41
CA TYR A 195 5.88 19.98 32.77
C TYR A 195 7.34 20.22 33.15
N PRO A 196 7.69 20.09 34.45
CA PRO A 196 9.11 20.25 34.83
C PRO A 196 10.03 19.22 34.14
N PRO A 197 11.34 19.50 34.04
CA PRO A 197 12.24 18.51 33.42
C PRO A 197 12.33 17.19 34.21
N LEU A 198 12.69 16.10 33.53
CA LEU A 198 13.17 14.87 34.22
C LEU A 198 14.48 15.17 34.93
N LYS A 199 14.59 14.78 36.20
CA LYS A 199 15.87 14.79 36.92
C LYS A 199 16.72 13.60 36.48
N GLU A 200 17.98 13.58 36.93
CA GLU A 200 19.00 12.61 36.45
C GLU A 200 18.57 11.13 36.44
N GLY A 201 18.07 10.62 37.56
CA GLY A 201 17.64 9.22 37.62
C GLY A 201 16.36 8.85 36.87
N GLU A 202 15.49 9.84 36.61
CA GLU A 202 14.07 9.58 36.31
C GLU A 202 13.79 9.03 34.90
N ASP A 203 12.59 8.47 34.75
CA ASP A 203 12.14 7.80 33.52
C ASP A 203 10.66 8.12 33.30
N HIS A 204 10.31 8.53 32.08
CA HIS A 204 8.92 8.85 31.71
C HIS A 204 7.90 7.72 32.01
N MET A 205 8.35 6.47 31.98
CA MET A 205 7.50 5.31 32.33
C MET A 205 7.24 5.09 33.83
N THR A 206 8.04 5.69 34.70
CA THR A 206 7.91 5.49 36.15
C THR A 206 7.70 6.77 36.98
N ARG A 207 7.63 7.92 36.33
CA ARG A 207 7.48 9.19 37.03
C ARG A 207 6.05 9.68 36.86
N SER A 208 5.46 10.16 37.95
CA SER A 208 4.14 10.80 37.91
C SER A 208 4.35 12.31 37.87
N ALA A 209 4.28 12.87 36.67
CA ALA A 209 4.57 14.29 36.45
C ALA A 209 3.49 15.19 37.04
N VAL A 210 3.93 16.24 37.73
CA VAL A 210 3.06 17.21 38.40
C VAL A 210 3.61 18.64 38.16
N ASN A 211 2.90 19.64 38.67
CA ASN A 211 3.34 21.04 38.63
C ASN A 211 3.46 21.60 37.19
N GLN A 212 2.45 21.36 36.37
CA GLN A 212 2.43 21.89 34.99
C GLN A 212 2.51 23.42 34.98
N GLU A 213 3.15 23.98 33.96
CA GLU A 213 3.47 25.41 33.89
C GLU A 213 2.90 26.03 32.61
N ALA A 214 2.63 27.34 32.64
CA ALA A 214 2.35 28.13 31.44
C ALA A 214 3.59 28.99 31.12
N ARG A 215 4.12 28.85 29.91
CA ARG A 215 5.35 29.54 29.49
C ARG A 215 5.19 30.26 28.15
N TYR A 216 6.09 31.19 27.88
CA TYR A 216 6.19 31.88 26.58
C TYR A 216 7.61 31.74 26.06
N HIS A 217 7.76 31.29 24.80
CA HIS A 217 9.07 31.11 24.17
C HIS A 217 9.32 32.14 23.06
N PHE A 218 10.41 32.91 23.19
CA PHE A 218 10.86 33.83 22.14
C PHE A 218 11.66 33.03 21.12
N LEU A 219 11.40 33.27 19.83
CA LEU A 219 12.19 32.64 18.76
C LEU A 219 13.65 33.07 18.86
N GLY A 220 14.57 32.12 18.68
CA GLY A 220 16.03 32.40 18.70
C GLY A 220 16.68 32.36 20.06
N THR A 221 15.97 31.81 21.07
CA THR A 221 16.48 31.66 22.43
C THR A 221 16.48 30.20 22.88
N ASP A 222 17.24 29.93 23.95
CA ASP A 222 17.27 28.61 24.59
C ASP A 222 16.02 28.47 25.44
N GLN A 223 15.56 27.22 25.63
CA GLN A 223 14.38 26.95 26.46
C GLN A 223 14.51 27.49 27.90
N SER A 224 15.74 27.54 28.42
CA SER A 224 16.00 28.11 29.77
C SER A 224 15.57 29.57 29.95
N GLU A 225 15.52 30.34 28.86
CA GLU A 225 15.07 31.76 28.89
C GLU A 225 13.54 31.95 28.82
N ASP A 226 12.76 30.90 28.61
CA ASP A 226 11.30 31.04 28.43
C ASP A 226 10.63 31.62 29.68
N ILE A 227 9.71 32.56 29.45
CA ILE A 227 9.09 33.33 30.53
C ILE A 227 8.05 32.48 31.26
N LEU A 228 8.12 32.44 32.59
CA LEU A 228 7.12 31.76 33.41
C LEU A 228 5.93 32.69 33.64
N LEU A 229 4.72 32.20 33.31
CA LEU A 229 3.48 32.97 33.43
C LEU A 229 2.56 32.46 34.53
N TRP A 230 2.55 31.15 34.78
CA TRP A 230 1.70 30.54 35.81
C TRP A 230 2.26 29.22 36.29
N ARG A 231 2.18 29.02 37.61
CA ARG A 231 2.45 27.75 38.26
C ARG A 231 1.69 27.79 39.59
N ASP A 232 1.30 26.63 40.11
CA ASP A 232 0.63 26.52 41.41
C ASP A 232 1.16 25.34 42.21
N LEU A 233 2.22 25.57 42.97
CA LEU A 233 2.86 24.52 43.79
C LEU A 233 1.96 23.94 44.89
N GLU A 234 0.97 24.70 45.36
CA GLU A 234 0.04 24.19 46.38
C GLU A 234 -1.16 23.40 45.82
N ASN A 235 -1.27 23.30 44.49
CA ASN A 235 -2.24 22.42 43.82
C ASN A 235 -1.55 21.67 42.66
N PRO A 236 -0.62 20.74 42.97
CA PRO A 236 0.20 20.06 41.95
C PRO A 236 -0.56 19.32 40.85
N ALA A 237 -1.78 18.87 41.13
CA ALA A 237 -2.58 18.11 40.16
C ALA A 237 -3.35 18.98 39.15
N HIS A 238 -3.56 20.27 39.47
CA HIS A 238 -4.26 21.19 38.54
C HIS A 238 -3.50 21.29 37.21
N HIS A 239 -4.19 20.98 36.10
CA HIS A 239 -3.56 20.97 34.75
C HIS A 239 -4.15 22.08 33.87
N LEU A 240 -3.58 22.28 32.68
CA LEU A 240 -3.77 23.49 31.88
C LEU A 240 -4.11 23.24 30.40
N LYS A 241 -4.87 24.18 29.84
CA LYS A 241 -5.02 24.35 28.40
C LYS A 241 -4.93 25.85 28.16
N CYS A 242 -4.72 26.24 26.90
CA CYS A 242 -4.66 27.67 26.57
C CYS A 242 -5.07 27.99 25.14
N GLN A 243 -5.23 29.30 24.89
CA GLN A 243 -5.84 29.82 23.67
C GLN A 243 -5.46 31.30 23.55
N ILE A 244 -5.47 31.83 22.33
CA ILE A 244 -5.39 33.27 22.07
C ILE A 244 -6.60 33.67 21.23
N THR A 245 -7.10 34.89 21.40
CA THR A 245 -8.29 35.35 20.69
C THR A 245 -7.94 35.74 19.27
N ASP A 246 -8.93 35.66 18.38
CA ASP A 246 -8.76 35.93 16.94
C ASP A 246 -8.17 37.30 16.60
N ASP A 247 -8.44 38.31 17.43
CA ASP A 247 -7.91 39.67 17.26
C ASP A 247 -6.48 39.89 17.80
N GLY A 248 -5.94 38.88 18.49
CA GLY A 248 -4.60 38.95 19.07
C GLY A 248 -4.51 39.60 20.43
N LYS A 249 -5.64 40.07 20.97
CA LYS A 249 -5.62 40.93 22.16
C LYS A 249 -5.42 40.19 23.49
N TYR A 250 -5.98 38.98 23.61
CA TYR A 250 -6.06 38.28 24.90
C TYR A 250 -5.50 36.86 24.85
N PHE A 251 -4.61 36.55 25.79
CA PHE A 251 -4.17 35.16 26.05
C PHE A 251 -5.07 34.60 27.15
N LEU A 252 -5.71 33.46 26.84
CA LEU A 252 -6.62 32.80 27.76
C LEU A 252 -5.99 31.55 28.31
N LEU A 253 -5.93 31.46 29.64
CA LEU A 253 -5.46 30.26 30.34
C LEU A 253 -6.65 29.59 31.02
N TYR A 254 -6.90 28.33 30.66
CA TYR A 254 -7.92 27.49 31.30
C TYR A 254 -7.25 26.55 32.30
N ILE A 255 -7.76 26.47 33.53
CA ILE A 255 -7.20 25.60 34.58
C ILE A 255 -8.22 24.54 34.97
N LEU A 256 -7.79 23.27 34.93
CA LEU A 256 -8.67 22.12 35.14
C LEU A 256 -8.21 21.30 36.34
N ASP A 257 -9.14 20.57 36.93
CA ASP A 257 -8.85 19.65 38.03
C ASP A 257 -9.48 18.30 37.75
N GLY A 258 -8.64 17.32 37.48
CA GLY A 258 -9.10 15.99 37.10
C GLY A 258 -9.74 15.96 35.73
N CYS A 259 -10.54 14.92 35.51
CA CYS A 259 -11.13 14.64 34.20
C CYS A 259 -12.39 15.42 33.89
N ASP A 260 -12.96 16.08 34.91
CA ASP A 260 -14.27 16.72 34.77
C ASP A 260 -14.27 17.79 33.68
N ASP A 261 -15.48 18.09 33.19
CA ASP A 261 -15.71 19.20 32.29
C ASP A 261 -16.16 20.37 33.17
N ALA A 262 -15.15 20.98 33.80
CA ALA A 262 -15.29 22.17 34.61
C ALA A 262 -13.91 22.81 34.65
N ASN A 263 -13.85 24.10 34.31
CA ASN A 263 -12.56 24.81 34.19
C ASN A 263 -12.64 26.28 34.62
N LYS A 264 -11.51 26.82 35.03
CA LYS A 264 -11.34 28.23 35.32
C LYS A 264 -11.07 28.96 34.00
N VAL A 265 -11.20 30.29 34.04
CA VAL A 265 -10.90 31.16 32.89
C VAL A 265 -10.14 32.40 33.38
N TYR A 266 -8.86 32.47 33.03
CA TYR A 266 -7.98 33.61 33.33
C TYR A 266 -7.64 34.31 32.01
N CYS A 267 -7.76 35.64 32.00
CA CYS A 267 -7.55 36.46 30.80
CA CYS A 267 -7.56 36.46 30.79
C CYS A 267 -6.41 37.44 31.03
N LEU A 268 -5.45 37.48 30.09
CA LEU A 268 -4.34 38.44 30.11
C LEU A 268 -4.42 39.36 28.90
N ASP A 269 -4.61 40.66 29.14
CA ASP A 269 -4.67 41.66 28.09
C ASP A 269 -3.26 41.99 27.58
N LEU A 270 -2.96 41.49 26.39
CA LEU A 270 -1.61 41.64 25.79
C LEU A 270 -1.32 43.07 25.30
N THR A 271 -2.37 43.86 25.03
CA THR A 271 -2.19 45.25 24.55
C THR A 271 -1.86 46.26 25.66
N LYS A 272 -1.87 45.86 26.93
CA LYS A 272 -1.58 46.80 28.03
C LYS A 272 -0.35 46.40 28.87
N LEU A 273 0.61 45.73 28.25
CA LEU A 273 1.86 45.34 28.93
C LEU A 273 2.93 46.41 28.71
N PRO A 274 3.56 46.93 29.80
CA PRO A 274 4.65 47.90 29.62
C PRO A 274 5.84 47.40 28.79
N ASN A 275 6.23 46.15 29.01
CA ASN A 275 7.37 45.51 28.34
C ASN A 275 7.00 44.16 27.67
N GLY A 276 5.82 44.09 27.08
CA GLY A 276 5.33 42.95 26.30
C GLY A 276 5.77 41.52 26.57
N LEU A 277 5.55 41.05 27.80
CA LEU A 277 5.86 39.67 28.23
C LEU A 277 7.26 39.49 28.83
N GLU A 278 8.26 40.31 28.49
CA GLU A 278 9.54 40.28 29.23
C GLU A 278 9.45 40.91 30.63
N SER A 279 8.35 41.57 30.93
CA SER A 279 8.05 42.07 32.29
C SER A 279 8.12 41.01 33.42
N PHE A 280 8.01 39.72 33.08
CA PHE A 280 8.00 38.64 34.07
C PHE A 280 9.15 37.66 33.83
N SER A 286 3.88 35.98 39.10
CA SER A 286 3.00 35.69 37.97
C SER A 286 2.50 36.97 37.27
N ALA A 287 1.87 36.76 36.12
CA ALA A 287 1.31 37.85 35.30
C ALA A 287 -0.05 38.31 35.87
N PRO A 288 -0.44 39.58 35.59
CA PRO A 288 -1.68 40.12 36.12
C PRO A 288 -2.92 39.65 35.32
N PHE A 289 -3.30 38.40 35.53
CA PHE A 289 -4.50 37.84 34.91
C PHE A 289 -5.75 38.42 35.57
N MET A 290 -6.77 38.73 34.76
CA MET A 290 -8.12 38.97 35.26
CA MET A 290 -8.13 38.96 35.27
C MET A 290 -8.76 37.58 35.44
N LYS A 291 -9.18 37.27 36.67
CA LYS A 291 -9.75 35.95 36.97
C LYS A 291 -11.27 35.97 36.81
N LEU A 292 -11.72 35.85 35.55
CA LEU A 292 -13.14 35.88 35.20
C LEU A 292 -13.91 34.79 35.94
N ILE A 293 -13.43 33.56 35.85
CA ILE A 293 -13.98 32.41 36.58
C ILE A 293 -12.85 31.81 37.41
N ASP A 294 -13.07 31.68 38.72
CA ASP A 294 -12.04 31.19 39.66
C ASP A 294 -12.47 29.98 40.50
N SER A 295 -13.40 29.17 39.98
CA SER A 295 -13.80 27.92 40.63
C SER A 295 -14.08 26.84 39.58
N PHE A 296 -14.35 25.62 40.05
CA PHE A 296 -14.61 24.46 39.19
C PHE A 296 -16.12 24.13 39.08
N ASP A 297 -16.95 25.16 38.95
CA ASP A 297 -18.42 25.00 38.90
C ASP A 297 -18.97 24.59 37.52
N ALA A 298 -18.30 25.03 36.45
CA ALA A 298 -18.81 24.83 35.09
C ALA A 298 -17.71 24.90 34.01
N SER A 299 -18.04 24.42 32.81
CA SER A 299 -17.15 24.50 31.64
C SER A 299 -17.35 25.83 30.93
N TYR A 300 -16.25 26.38 30.42
CA TYR A 300 -16.24 27.66 29.70
C TYR A 300 -15.21 27.59 28.58
N THR A 301 -15.67 27.76 27.34
CA THR A 301 -14.79 27.88 26.17
C THR A 301 -15.14 29.17 25.42
N ALA A 302 -14.12 30.00 25.18
CA ALA A 302 -14.31 31.26 24.46
C ALA A 302 -14.48 31.00 22.98
N ILE A 303 -15.54 31.56 22.41
CA ILE A 303 -15.87 31.38 20.99
C ILE A 303 -15.49 32.61 20.16
N ALA A 304 -15.79 33.80 20.69
CA ALA A 304 -15.50 35.05 20.00
C ALA A 304 -15.51 36.22 20.96
N ASN A 305 -14.98 37.34 20.50
CA ASN A 305 -15.01 38.57 21.27
C ASN A 305 -14.99 39.78 20.33
N ASP A 306 -15.66 40.84 20.76
CA ASP A 306 -15.52 42.18 20.19
C ASP A 306 -15.07 43.08 21.34
N GLY A 307 -13.80 43.50 21.30
CA GLY A 307 -13.18 44.20 22.41
C GLY A 307 -13.23 43.32 23.65
N SER A 308 -13.77 43.87 24.73
CA SER A 308 -13.94 43.15 26.00
C SER A 308 -15.29 42.38 26.14
N VAL A 309 -16.15 42.41 25.12
CA VAL A 309 -17.42 41.66 25.13
C VAL A 309 -17.20 40.25 24.57
N PHE A 310 -17.27 39.23 25.44
CA PHE A 310 -16.96 37.83 25.06
C PHE A 310 -18.19 36.97 24.88
N THR A 311 -18.08 35.95 24.02
CA THR A 311 -19.10 34.93 23.84
C THR A 311 -18.51 33.58 24.26
N PHE A 312 -19.13 32.93 25.26
CA PHE A 312 -18.68 31.62 25.77
C PHE A 312 -19.66 30.50 25.48
N GLN A 313 -19.13 29.30 25.21
CA GLN A 313 -19.87 28.04 25.37
C GLN A 313 -19.75 27.64 26.82
N THR A 314 -20.84 27.11 27.39
CA THR A 314 -20.85 26.74 28.81
C THR A 314 -21.91 25.70 29.15
N ASN A 315 -21.63 24.89 30.19
CA ASN A 315 -22.62 23.98 30.77
C ASN A 315 -23.23 24.50 32.10
N LYS A 316 -23.01 25.79 32.39
CA LYS A 316 -23.50 26.43 33.62
C LYS A 316 -25.03 26.45 33.63
N ASP A 317 -25.61 25.68 34.56
CA ASP A 317 -27.07 25.47 34.67
C ASP A 317 -27.65 24.94 33.34
N ALA A 318 -26.85 24.17 32.63
CA ALA A 318 -27.15 23.76 31.25
C ALA A 318 -26.41 22.46 30.89
N PRO A 319 -26.95 21.31 31.33
CA PRO A 319 -26.31 20.02 31.05
C PRO A 319 -26.12 19.68 29.56
N ARG A 320 -26.95 20.23 28.67
CA ARG A 320 -26.76 20.09 27.21
C ARG A 320 -25.98 21.25 26.56
N LYS A 321 -25.51 22.20 27.36
CA LYS A 321 -24.74 23.39 26.92
C LYS A 321 -25.55 24.50 26.20
N LYS A 322 -24.92 25.67 26.09
CA LYS A 322 -25.52 26.86 25.50
C LYS A 322 -24.44 27.92 25.23
N LEU A 323 -24.81 29.00 24.54
CA LEU A 323 -23.92 30.16 24.36
C LEU A 323 -24.37 31.33 25.24
N VAL A 324 -23.39 32.00 25.85
CA VAL A 324 -23.64 33.16 26.74
C VAL A 324 -22.65 34.29 26.49
N ARG A 325 -23.06 35.51 26.85
CA ARG A 325 -22.27 36.72 26.59
C ARG A 325 -21.97 37.48 27.88
N VAL A 326 -20.79 38.09 27.95
CA VAL A 326 -20.33 38.81 29.14
C VAL A 326 -19.29 39.88 28.77
N ASP A 327 -19.33 41.02 29.46
CA ASP A 327 -18.36 42.10 29.30
C ASP A 327 -17.35 41.97 30.44
N LEU A 328 -16.05 41.89 30.10
CA LEU A 328 -14.99 41.83 31.12
C LEU A 328 -14.97 43.06 32.05
N ASN A 329 -15.32 44.25 31.51
CA ASN A 329 -15.44 45.46 32.33
C ASN A 329 -16.63 45.47 33.30
N ASN A 330 -17.61 44.59 33.09
CA ASN A 330 -18.74 44.37 34.02
C ASN A 330 -18.91 42.84 34.27
N PRO A 331 -17.98 42.25 35.04
CA PRO A 331 -17.76 40.79 35.00
C PRO A 331 -18.91 39.90 35.49
N SER A 332 -19.76 40.42 36.37
CA SER A 332 -20.79 39.59 37.01
C SER A 332 -22.13 39.50 36.25
N VAL A 333 -22.22 40.11 35.05
CA VAL A 333 -23.50 40.19 34.30
C VAL A 333 -23.47 39.31 33.04
N TRP A 334 -23.92 38.06 33.18
CA TRP A 334 -23.96 37.08 32.08
C TRP A 334 -25.36 37.01 31.44
N THR A 335 -25.41 36.95 30.11
CA THR A 335 -26.68 36.94 29.35
C THR A 335 -26.68 35.86 28.28
N ASP A 336 -27.76 35.08 28.18
CA ASP A 336 -27.89 34.03 27.16
C ASP A 336 -27.96 34.63 25.75
N LEU A 337 -27.24 33.99 24.82
CA LEU A 337 -27.23 34.37 23.41
C LEU A 337 -27.98 33.31 22.58
N VAL A 338 -27.58 32.05 22.75
CA VAL A 338 -28.30 30.89 22.20
C VAL A 338 -28.66 30.00 23.39
N PRO A 339 -29.95 29.97 23.79
CA PRO A 339 -30.32 29.13 24.95
C PRO A 339 -30.08 27.63 24.74
N GLU A 340 -29.96 26.91 25.86
CA GLU A 340 -29.87 25.45 25.86
C GLU A 340 -31.03 24.84 25.06
N SER A 341 -30.70 23.94 24.13
CA SER A 341 -31.73 23.16 23.40
C SER A 341 -32.41 22.21 24.38
N LYS A 342 -33.71 22.03 24.20
CA LYS A 342 -34.51 21.16 25.08
C LYS A 342 -34.21 19.67 24.87
N LYS A 343 -33.70 19.33 23.69
CA LYS A 343 -33.43 17.94 23.28
C LYS A 343 -31.94 17.58 23.14
N ASP A 344 -31.15 18.45 22.50
CA ASP A 344 -29.85 18.07 21.94
C ASP A 344 -28.64 18.78 22.57
N LEU A 345 -27.50 18.06 22.60
CA LEU A 345 -26.24 18.58 23.08
C LEU A 345 -25.67 19.57 22.07
N LEU A 346 -25.29 20.77 22.53
CA LEU A 346 -24.44 21.68 21.75
C LEU A 346 -22.99 21.25 21.95
N GLU A 347 -22.44 20.54 20.96
CA GLU A 347 -21.10 19.92 21.13
C GLU A 347 -20.00 20.94 20.98
N SER A 348 -20.07 21.77 19.94
CA SER A 348 -19.10 22.84 19.72
C SER A 348 -19.68 24.00 18.89
N ALA A 349 -19.03 25.16 19.01
CA ALA A 349 -19.39 26.39 18.28
C ALA A 349 -18.15 27.11 17.73
N HIS A 350 -18.30 27.76 16.57
CA HIS A 350 -17.19 28.35 15.82
C HIS A 350 -17.62 29.65 15.14
N ALA A 351 -16.88 30.74 15.37
CA ALA A 351 -17.14 32.03 14.72
C ALA A 351 -16.56 32.06 13.32
N VAL A 352 -17.36 32.49 12.35
CA VAL A 352 -16.97 32.50 10.93
C VAL A 352 -17.58 33.66 10.14
N ASN A 353 -16.93 34.00 9.01
CA ASN A 353 -17.40 35.04 8.07
C ASN A 353 -17.66 36.38 8.77
N GLU A 354 -16.77 36.75 9.70
CA GLU A 354 -16.86 37.98 10.52
C GLU A 354 -18.05 38.08 11.50
N ASN A 355 -19.26 37.74 11.08
CA ASN A 355 -20.47 37.98 11.89
C ASN A 355 -21.46 36.81 11.90
N GLN A 356 -20.96 35.59 11.79
CA GLN A 356 -21.78 34.37 11.83
C GLN A 356 -21.16 33.29 12.72
N LEU A 357 -21.99 32.34 13.10
CA LEU A 357 -21.61 31.18 13.91
C LEU A 357 -22.03 29.89 13.20
N ILE A 358 -21.18 28.86 13.29
CA ILE A 358 -21.59 27.48 13.00
C ILE A 358 -21.64 26.74 14.32
N LEU A 359 -22.80 26.13 14.61
CA LEU A 359 -23.03 25.34 15.82
C LEU A 359 -23.17 23.86 15.43
N ARG A 360 -22.50 22.99 16.18
CA ARG A 360 -22.54 21.55 15.94
C ARG A 360 -23.31 20.91 17.08
N TYR A 361 -24.51 20.41 16.75
CA TYR A 361 -25.39 19.72 17.69
C TYR A 361 -25.31 18.21 17.50
N LEU A 362 -25.43 17.46 18.60
CA LEU A 362 -25.58 16.01 18.60
C LEU A 362 -27.02 15.62 18.99
N SER A 363 -27.77 15.08 18.02
CA SER A 363 -29.20 14.79 18.15
C SER A 363 -29.45 13.28 17.93
N ASP A 364 -29.60 12.54 19.03
CA ASP A 364 -29.67 11.07 19.00
C ASP A 364 -28.43 10.43 18.31
N VAL A 365 -27.25 10.93 18.66
CA VAL A 365 -25.97 10.46 18.12
C VAL A 365 -25.83 10.66 16.58
N LYS A 366 -26.43 11.72 16.05
CA LYS A 366 -26.21 12.19 14.67
C LYS A 366 -25.98 13.70 14.75
N HIS A 367 -25.07 14.22 13.94
CA HIS A 367 -24.76 15.66 13.98
C HIS A 367 -25.77 16.48 13.19
N VAL A 368 -26.03 17.69 13.68
CA VAL A 368 -26.83 18.70 12.98
C VAL A 368 -26.06 20.02 13.06
N LEU A 369 -25.87 20.67 11.91
CA LEU A 369 -25.22 21.96 11.82
C LEU A 369 -26.26 23.09 11.68
N GLU A 370 -26.12 24.13 12.52
CA GLU A 370 -26.91 25.36 12.40
C GLU A 370 -26.00 26.54 12.08
N ILE A 371 -26.42 27.37 11.12
CA ILE A 371 -25.76 28.63 10.82
C ILE A 371 -26.56 29.75 11.51
N ARG A 372 -25.85 30.59 12.26
CA ARG A 372 -26.49 31.66 13.03
C ARG A 372 -25.79 33.01 12.89
N ASP A 373 -26.53 34.08 13.15
CA ASP A 373 -25.96 35.42 13.25
C ASP A 373 -25.28 35.59 14.62
N LEU A 374 -24.07 36.13 14.63
CA LEU A 374 -23.24 36.24 15.84
C LEU A 374 -23.79 37.24 16.86
N GLU A 375 -24.16 38.44 16.39
CA GLU A 375 -24.65 39.50 17.28
C GLU A 375 -25.98 39.13 17.94
N SER A 376 -26.99 38.81 17.14
CA SER A 376 -28.35 38.58 17.64
C SER A 376 -28.56 37.15 18.17
N GLY A 377 -27.89 36.18 17.55
CA GLY A 377 -28.01 34.76 17.91
C GLY A 377 -29.08 34.00 17.14
N ALA A 378 -29.62 34.60 16.07
CA ALA A 378 -30.80 34.06 15.38
C ALA A 378 -30.42 32.99 14.36
N LEU A 379 -31.28 31.98 14.24
CA LEU A 379 -31.11 30.89 13.29
C LEU A 379 -31.25 31.39 11.85
N GLN A 380 -30.33 30.98 10.97
CA GLN A 380 -30.39 31.31 9.54
C GLN A 380 -30.63 30.08 8.65
N HIS A 381 -29.82 29.04 8.84
CA HIS A 381 -29.93 27.78 8.10
C HIS A 381 -29.72 26.57 9.02
N ARG A 382 -30.33 25.43 8.67
CA ARG A 382 -30.22 24.19 9.43
C ARG A 382 -29.99 23.01 8.48
N LEU A 383 -28.88 22.30 8.66
CA LEU A 383 -28.46 21.20 7.77
C LEU A 383 -28.30 19.90 8.57
N PRO A 384 -29.26 18.94 8.44
CA PRO A 384 -29.09 17.64 9.10
C PRO A 384 -28.07 16.76 8.36
N ILE A 385 -27.21 16.07 9.12
CA ILE A 385 -26.18 15.20 8.55
C ILE A 385 -26.62 13.74 8.69
N ASP A 386 -26.17 12.90 7.75
CA ASP A 386 -26.47 11.46 7.78
C ASP A 386 -25.77 10.77 8.97
N ILE A 387 -26.14 9.52 9.23
CA ILE A 387 -25.48 8.69 10.24
C ILE A 387 -23.97 8.74 9.98
N GLY A 388 -23.22 9.15 10.99
CA GLY A 388 -21.80 9.38 10.84
C GLY A 388 -21.31 10.46 11.79
N SER A 389 -20.31 11.21 11.36
CA SER A 389 -19.65 12.20 12.21
C SER A 389 -19.07 13.34 11.38
N VAL A 390 -19.46 14.56 11.74
CA VAL A 390 -18.80 15.80 11.34
C VAL A 390 -17.83 16.22 12.46
N ASP A 391 -16.59 16.52 12.10
CA ASP A 391 -15.65 17.15 13.03
C ASP A 391 -14.55 17.90 12.27
N GLY A 392 -13.60 18.44 13.03
CA GLY A 392 -12.45 19.12 12.47
C GLY A 392 -12.76 20.47 11.87
N ILE A 393 -13.69 21.21 12.47
CA ILE A 393 -13.94 22.60 12.08
C ILE A 393 -12.86 23.47 12.72
N THR A 394 -11.95 23.97 11.89
CA THR A 394 -10.80 24.77 12.32
C THR A 394 -10.82 26.20 11.76
N ALA A 395 -11.85 26.54 10.99
CA ALA A 395 -11.88 27.85 10.34
C ALA A 395 -11.96 28.95 11.40
N ARG A 396 -11.33 30.08 11.12
CA ARG A 396 -11.29 31.20 12.06
C ARG A 396 -12.24 32.31 11.61
N ARG A 397 -12.46 33.28 12.50
CA ARG A 397 -13.46 34.32 12.30
C ARG A 397 -13.32 35.10 10.98
N ARG A 398 -12.09 35.34 10.56
CA ARG A 398 -11.81 36.08 9.33
C ARG A 398 -12.13 35.31 8.03
N ASP A 399 -12.32 33.99 8.09
CA ASP A 399 -12.53 33.18 6.88
C ASP A 399 -14.00 33.14 6.43
N SER A 400 -14.24 33.30 5.13
CA SER A 400 -15.59 33.21 4.53
C SER A 400 -15.96 31.80 4.03
N VAL A 401 -14.96 30.92 3.91
CA VAL A 401 -15.16 29.52 3.52
C VAL A 401 -14.84 28.62 4.73
N VAL A 402 -15.76 27.73 5.06
CA VAL A 402 -15.58 26.77 6.16
C VAL A 402 -15.40 25.36 5.57
N PHE A 403 -14.43 24.63 6.13
CA PHE A 403 -14.18 23.25 5.76
C PHE A 403 -14.39 22.35 6.97
N PHE A 404 -14.83 21.12 6.71
CA PHE A 404 -14.93 20.08 7.74
C PHE A 404 -14.95 18.68 7.13
N LYS A 405 -14.72 17.67 7.98
CA LYS A 405 -14.57 16.29 7.53
C LYS A 405 -15.80 15.48 7.93
N PHE A 406 -16.23 14.59 7.04
CA PHE A 406 -17.32 13.65 7.31
C PHE A 406 -16.85 12.21 7.13
N THR A 407 -17.20 11.36 8.09
CA THR A 407 -16.90 9.93 8.06
C THR A 407 -18.08 9.13 8.59
N SER A 408 -18.21 7.90 8.11
CA SER A 408 -19.26 6.99 8.58
C SER A 408 -18.78 5.55 8.44
N ILE A 409 -19.55 4.60 8.99
CA ILE A 409 -19.21 3.17 8.90
C ILE A 409 -19.03 2.75 7.43
N LEU A 410 -19.88 3.28 6.54
CA LEU A 410 -19.83 2.95 5.11
C LEU A 410 -19.36 4.11 4.20
N THR A 411 -18.70 5.12 4.77
CA THR A 411 -18.23 6.29 4.02
C THR A 411 -16.80 6.65 4.48
N PRO A 412 -15.77 6.36 3.65
CA PRO A 412 -14.39 6.52 4.11
C PRO A 412 -13.91 7.94 4.48
N GLY A 413 -14.36 8.97 3.77
CA GLY A 413 -13.94 10.34 4.10
C GLY A 413 -14.25 11.40 3.06
N ILE A 414 -15.10 12.36 3.42
CA ILE A 414 -15.42 13.52 2.58
C ILE A 414 -14.99 14.80 3.32
N VAL A 415 -14.24 15.66 2.63
CA VAL A 415 -14.01 17.02 3.11
C VAL A 415 -15.05 17.91 2.43
N TYR A 416 -15.97 18.46 3.21
CA TYR A 416 -17.02 19.34 2.69
C TYR A 416 -16.59 20.81 2.78
N GLN A 417 -17.22 21.63 1.94
CA GLN A 417 -16.97 23.07 1.85
C GLN A 417 -18.31 23.79 1.98
N CYS A 418 -18.38 24.78 2.87
CA CYS A 418 -19.53 25.69 2.97
C CYS A 418 -19.08 27.13 2.77
N ASP A 419 -19.28 27.64 1.55
CA ASP A 419 -19.00 29.04 1.22
C ASP A 419 -20.17 29.89 1.72
N LEU A 420 -19.94 30.69 2.77
CA LEU A 420 -21.04 31.42 3.42
C LEU A 420 -21.54 32.64 2.63
N LYS A 421 -20.65 33.32 1.91
CA LYS A 421 -21.02 34.46 1.07
C LYS A 421 -21.73 34.06 -0.22
N ASN A 422 -21.09 33.18 -0.99
CA ASN A 422 -21.53 32.84 -2.35
C ASN A 422 -22.76 31.92 -2.37
N ASP A 423 -22.81 30.94 -1.46
CA ASP A 423 -23.99 30.08 -1.30
C ASP A 423 -23.98 29.34 0.06
N PRO A 424 -24.54 29.97 1.13
CA PRO A 424 -24.48 29.35 2.47
C PRO A 424 -25.42 28.14 2.73
N THR A 425 -26.30 27.82 1.79
CA THR A 425 -27.36 26.82 2.03
C THR A 425 -26.82 25.38 2.03
N GLN A 426 -26.18 24.99 0.93
CA GLN A 426 -25.77 23.60 0.72
C GLN A 426 -24.27 23.39 0.96
N LEU A 427 -23.86 22.12 0.91
CA LEU A 427 -22.48 21.73 1.11
C LEU A 427 -21.96 21.14 -0.21
N LYS A 428 -20.76 21.55 -0.60
CA LYS A 428 -20.11 21.05 -1.81
C LYS A 428 -18.97 20.11 -1.41
N ILE A 429 -18.70 19.13 -2.28
CA ILE A 429 -17.62 18.17 -2.05
C ILE A 429 -16.29 18.77 -2.52
N PHE A 430 -15.37 18.97 -1.57
CA PHE A 430 -13.99 19.41 -1.86
C PHE A 430 -13.14 18.20 -2.22
N ARG A 431 -13.17 17.19 -1.34
CA ARG A 431 -12.46 15.90 -1.56
C ARG A 431 -13.33 14.76 -1.06
N GLU A 432 -13.22 13.63 -1.72
CA GLU A 432 -14.00 12.43 -1.40
C GLU A 432 -13.16 11.17 -1.59
N SER A 433 -12.87 10.48 -0.50
CA SER A 433 -12.19 9.18 -0.55
C SER A 433 -13.14 8.07 -1.03
N VAL A 434 -12.58 7.04 -1.65
CA VAL A 434 -13.33 5.88 -2.14
C VAL A 434 -12.59 4.58 -1.75
N VAL A 435 -13.34 3.61 -1.20
CA VAL A 435 -12.81 2.29 -0.87
C VAL A 435 -12.73 1.47 -2.16
N PRO A 436 -11.52 0.98 -2.53
CA PRO A 436 -11.39 0.20 -3.77
C PRO A 436 -12.09 -1.16 -3.72
N ASP A 437 -12.90 -1.44 -4.75
CA ASP A 437 -13.56 -2.74 -4.92
C ASP A 437 -14.48 -3.11 -3.73
N PHE A 438 -15.31 -2.14 -3.34
CA PHE A 438 -16.26 -2.30 -2.25
C PHE A 438 -17.60 -1.67 -2.62
N ASP A 439 -18.61 -2.52 -2.77
CA ASP A 439 -19.97 -2.07 -3.05
C ASP A 439 -20.70 -1.72 -1.73
N ARG A 440 -20.71 -0.43 -1.44
CA ARG A 440 -21.43 0.19 -0.32
C ARG A 440 -22.93 -0.16 -0.24
N SER A 441 -23.58 -0.32 -1.40
CA SER A 441 -25.05 -0.53 -1.46
C SER A 441 -25.53 -1.87 -0.90
N GLU A 442 -24.63 -2.83 -0.72
CA GLU A 442 -24.99 -4.14 -0.15
C GLU A 442 -25.16 -4.16 1.38
N PHE A 443 -24.84 -3.07 2.07
CA PHE A 443 -24.88 -2.98 3.54
C PHE A 443 -25.71 -1.80 4.02
N GLU A 444 -26.09 -1.84 5.29
CA GLU A 444 -26.91 -0.80 5.93
C GLU A 444 -26.56 -0.63 7.40
N VAL A 445 -26.82 0.55 7.95
CA VAL A 445 -26.62 0.84 9.37
C VAL A 445 -27.92 1.41 9.93
N LYS A 446 -28.38 0.86 11.07
CA LYS A 446 -29.60 1.31 11.73
C LYS A 446 -29.35 1.54 13.22
N GLN A 447 -30.13 2.45 13.80
CA GLN A 447 -30.17 2.71 15.22
C GLN A 447 -31.40 2.07 15.86
N VAL A 448 -31.21 1.41 17.00
CA VAL A 448 -32.31 0.88 17.81
C VAL A 448 -32.07 1.28 19.27
N PHE A 449 -33.14 1.31 20.06
CA PHE A 449 -33.09 1.62 21.47
C PHE A 449 -33.45 0.38 22.27
N VAL A 450 -32.51 -0.04 23.12
CA VAL A 450 -32.64 -1.26 23.92
C VAL A 450 -32.78 -0.89 25.40
N PRO A 451 -33.74 -1.52 26.11
CA PRO A 451 -33.83 -1.26 27.57
C PRO A 451 -32.71 -1.92 28.39
N SER A 452 -32.03 -1.12 29.20
CA SER A 452 -31.03 -1.60 30.15
C SER A 452 -31.71 -2.28 31.34
N LYS A 453 -30.90 -2.75 32.29
CA LYS A 453 -31.41 -3.39 33.51
C LYS A 453 -32.42 -2.53 34.30
N ASP A 454 -32.13 -1.23 34.45
CA ASP A 454 -32.97 -0.28 35.21
C ASP A 454 -34.07 0.42 34.38
N GLY A 455 -34.25 0.03 33.12
CA GLY A 455 -35.27 0.60 32.24
C GLY A 455 -34.80 1.67 31.26
N THR A 456 -33.67 2.32 31.55
CA THR A 456 -33.12 3.35 30.68
C THR A 456 -32.90 2.80 29.28
N LYS A 457 -33.35 3.52 28.25
CA LYS A 457 -33.17 3.09 26.86
C LYS A 457 -31.82 3.52 26.30
N ILE A 458 -31.07 2.54 25.77
CA ILE A 458 -29.70 2.75 25.33
C ILE A 458 -29.69 2.66 23.80
N PRO A 459 -29.28 3.76 23.14
CA PRO A 459 -29.16 3.69 21.69
C PRO A 459 -27.97 2.81 21.27
N ILE A 460 -28.16 1.99 20.23
CA ILE A 460 -27.05 1.23 19.63
C ILE A 460 -27.16 1.31 18.10
N PHE A 461 -26.02 1.40 17.41
CA PHE A 461 -25.99 1.23 15.96
C PHE A 461 -25.69 -0.22 15.61
N ILE A 462 -26.35 -0.74 14.58
CA ILE A 462 -26.14 -2.10 14.09
C ILE A 462 -25.88 -2.06 12.58
N ALA A 463 -24.69 -2.51 12.16
CA ALA A 463 -24.29 -2.56 10.76
C ALA A 463 -24.23 -4.00 10.28
N ALA A 464 -24.76 -4.26 9.09
CA ALA A 464 -24.88 -5.63 8.58
C ALA A 464 -25.23 -5.64 7.08
N ARG A 465 -25.03 -6.80 6.44
CA ARG A 465 -25.50 -6.98 5.07
C ARG A 465 -27.04 -6.84 5.05
N LYS A 466 -27.57 -6.25 3.98
CA LYS A 466 -29.01 -6.09 3.82
C LYS A 466 -29.68 -7.45 3.66
N GLY A 467 -30.83 -7.61 4.33
CA GLY A 467 -31.69 -8.76 4.13
C GLY A 467 -31.26 -10.07 4.76
N ILE A 468 -30.35 -10.04 5.74
CA ILE A 468 -29.97 -11.28 6.45
C ILE A 468 -31.14 -11.81 7.27
N SER A 469 -31.16 -13.12 7.48
CA SER A 469 -32.17 -13.77 8.34
C SER A 469 -31.72 -13.70 9.79
N LEU A 470 -32.62 -13.30 10.68
CA LEU A 470 -32.31 -13.18 12.10
C LEU A 470 -32.54 -14.54 12.75
N ASP A 471 -31.60 -15.44 12.50
CA ASP A 471 -31.69 -16.85 12.91
C ASP A 471 -30.61 -17.26 13.93
N GLY A 472 -29.91 -16.29 14.51
CA GLY A 472 -28.84 -16.55 15.50
C GLY A 472 -27.50 -17.04 14.96
N SER A 473 -27.35 -17.11 13.63
CA SER A 473 -26.20 -17.80 13.02
C SER A 473 -24.96 -16.90 12.74
N HIS A 474 -25.05 -15.60 12.99
CA HIS A 474 -24.03 -14.66 12.53
C HIS A 474 -23.02 -14.32 13.66
N PRO A 475 -21.70 -14.24 13.30
CA PRO A 475 -20.75 -13.72 14.27
C PRO A 475 -20.95 -12.23 14.45
N CYS A 476 -20.75 -11.75 15.69
CA CYS A 476 -21.10 -10.38 16.06
C CYS A 476 -19.95 -9.76 16.83
N GLU A 477 -19.55 -8.54 16.45
CA GLU A 477 -18.55 -7.74 17.19
C GLU A 477 -19.25 -6.52 17.80
N MET A 478 -19.09 -6.31 19.11
CA MET A 478 -19.67 -5.15 19.78
C MET A 478 -18.57 -4.30 20.42
N HIS A 479 -18.68 -2.98 20.20
CA HIS A 479 -17.72 -2.00 20.65
C HIS A 479 -18.42 -0.99 21.56
N GLY A 480 -17.71 -0.54 22.60
CA GLY A 480 -18.17 0.50 23.50
C GLY A 480 -17.04 1.14 24.28
N TYR A 481 -17.36 2.21 25.02
CA TYR A 481 -16.38 2.95 25.83
C TYR A 481 -16.97 3.33 27.20
N GLY A 482 -17.86 4.32 27.25
CA GLY A 482 -18.64 4.63 28.48
C GLY A 482 -17.84 5.31 29.57
N GLY A 483 -17.44 6.55 29.33
CA GLY A 483 -16.66 7.31 30.32
C GLY A 483 -16.23 8.69 29.86
N PHE A 484 -16.00 9.56 30.84
CA PHE A 484 -15.37 10.88 30.66
C PHE A 484 -16.14 11.90 29.80
N GLY A 485 -17.43 11.66 29.58
CA GLY A 485 -18.22 12.51 28.67
C GLY A 485 -17.89 12.36 27.20
N ILE A 486 -17.24 11.26 26.81
CA ILE A 486 -16.80 11.05 25.42
C ILE A 486 -17.97 10.53 24.60
N ASN A 487 -18.17 11.14 23.43
CA ASN A 487 -19.21 10.76 22.48
C ASN A 487 -18.67 9.76 21.46
N MET A 488 -19.25 8.57 21.43
CA MET A 488 -18.82 7.49 20.53
C MET A 488 -19.62 7.50 19.24
N MET A 489 -18.92 7.83 18.15
CA MET A 489 -19.54 8.06 16.85
C MET A 489 -19.23 6.90 15.89
N PRO A 490 -20.20 6.55 15.00
CA PRO A 490 -19.95 5.52 14.00
C PRO A 490 -19.08 6.02 12.85
N THR A 491 -17.76 5.96 13.04
CA THR A 491 -16.77 6.38 12.04
C THR A 491 -16.29 5.22 11.17
N PHE A 492 -15.48 5.53 10.15
CA PHE A 492 -15.02 4.53 9.19
C PHE A 492 -13.84 3.75 9.74
N SER A 493 -13.89 2.44 9.56
CA SER A 493 -12.79 1.53 9.85
C SER A 493 -12.70 0.53 8.71
N ALA A 494 -11.50 0.36 8.16
CA ALA A 494 -11.31 -0.55 7.02
C ALA A 494 -11.43 -2.00 7.48
N SER A 495 -10.84 -2.32 8.64
CA SER A 495 -10.90 -3.68 9.18
C SER A 495 -12.33 -4.14 9.47
N ARG A 496 -13.19 -3.21 9.88
CA ARG A 496 -14.61 -3.48 10.10
C ARG A 496 -15.34 -3.89 8.82
N ILE A 497 -15.01 -3.24 7.70
CA ILE A 497 -15.53 -3.66 6.38
C ILE A 497 -15.14 -5.10 6.03
N VAL A 498 -13.90 -5.48 6.33
CA VAL A 498 -13.42 -6.86 6.11
C VAL A 498 -14.25 -7.84 6.95
N PHE A 499 -14.52 -7.46 8.21
CA PHE A 499 -15.37 -8.25 9.10
C PHE A 499 -16.79 -8.44 8.53
N LEU A 500 -17.40 -7.36 8.05
CA LEU A 500 -18.74 -7.42 7.45
C LEU A 500 -18.78 -8.26 6.16
N LYS A 501 -17.91 -7.96 5.21
CA LYS A 501 -17.96 -8.60 3.90
C LYS A 501 -17.40 -10.03 3.92
N HIS A 502 -16.17 -10.19 4.43
CA HIS A 502 -15.43 -11.46 4.30
C HIS A 502 -15.56 -12.44 5.47
N LEU A 503 -16.20 -12.01 6.57
CA LEU A 503 -16.56 -12.93 7.66
C LEU A 503 -18.07 -12.97 7.93
N GLY A 504 -18.88 -12.25 7.14
CA GLY A 504 -20.35 -12.22 7.29
C GLY A 504 -20.81 -11.70 8.64
N GLY A 505 -20.11 -10.69 9.14
CA GLY A 505 -20.29 -10.22 10.51
C GLY A 505 -21.39 -9.21 10.70
N VAL A 506 -21.79 -9.04 11.96
CA VAL A 506 -22.69 -7.97 12.37
C VAL A 506 -21.90 -7.12 13.37
N PHE A 507 -21.74 -5.82 13.08
CA PHE A 507 -21.04 -4.90 14.00
C PHE A 507 -22.06 -4.06 14.77
N CYS A 508 -21.81 -3.90 16.07
CA CYS A 508 -22.65 -3.05 16.95
C CYS A 508 -21.79 -2.08 17.76
N LEU A 509 -22.17 -0.81 17.74
CA LEU A 509 -21.60 0.24 18.58
C LEU A 509 -22.70 0.65 19.57
N ALA A 510 -22.39 0.58 20.86
CA ALA A 510 -23.37 0.82 21.93
C ALA A 510 -23.08 2.14 22.63
N ASN A 511 -24.03 3.10 22.58
CA ASN A 511 -23.81 4.43 23.17
C ASN A 511 -24.25 4.40 24.62
N ILE A 512 -23.46 3.68 25.41
CA ILE A 512 -23.76 3.44 26.82
C ILE A 512 -23.56 4.70 27.67
N ARG A 513 -24.07 4.67 28.90
CA ARG A 513 -23.96 5.83 29.80
C ARG A 513 -22.50 6.01 30.22
N GLY A 514 -22.18 7.16 30.80
CA GLY A 514 -20.79 7.53 31.05
C GLY A 514 -20.16 8.34 29.92
N GLY A 515 -20.64 8.16 28.68
CA GLY A 515 -20.39 9.11 27.59
C GLY A 515 -21.14 10.41 27.76
N GLY A 516 -20.99 11.32 26.79
CA GLY A 516 -21.66 12.62 26.82
C GLY A 516 -22.88 12.75 25.92
N GLU A 517 -23.33 11.63 25.34
CA GLU A 517 -24.23 11.68 24.16
C GLU A 517 -25.55 12.43 24.41
N TYR A 518 -26.09 12.34 25.63
CA TYR A 518 -27.29 13.11 26.02
C TYR A 518 -26.96 14.14 27.10
N GLY A 519 -25.76 14.70 27.02
CA GLY A 519 -25.31 15.73 27.96
C GLY A 519 -24.82 15.20 29.29
N GLU A 520 -24.60 16.12 30.21
CA GLU A 520 -23.94 15.84 31.47
C GLU A 520 -24.69 14.84 32.37
N GLU A 521 -26.02 14.80 32.28
CA GLU A 521 -26.83 13.79 32.97
C GLU A 521 -26.50 12.34 32.52
N TRP A 522 -26.18 12.17 31.24
CA TRP A 522 -25.77 10.87 30.68
C TRP A 522 -24.41 10.41 31.24
N HIS A 523 -23.47 11.35 31.35
CA HIS A 523 -22.12 11.14 31.93
C HIS A 523 -22.23 10.76 33.40
N LYS A 524 -22.93 11.58 34.18
CA LYS A 524 -23.06 11.34 35.63
C LYS A 524 -23.81 10.05 36.00
N ALA A 525 -24.74 9.60 35.14
CA ALA A 525 -25.37 8.28 35.32
C ALA A 525 -24.46 7.05 35.04
N GLY A 526 -23.20 7.28 34.62
CA GLY A 526 -22.21 6.19 34.45
C GLY A 526 -20.80 6.51 34.95
N PHE A 527 -20.69 7.16 36.11
CA PHE A 527 -19.37 7.47 36.71
C PHE A 527 -19.43 7.37 38.24
N ARG A 528 -18.26 7.36 38.89
CA ARG A 528 -18.18 7.33 40.35
C ARG A 528 -19.01 6.16 40.93
N ASP A 529 -19.99 6.44 41.80
CA ASP A 529 -20.85 5.37 42.37
C ASP A 529 -21.72 4.60 41.38
N LYS A 530 -21.96 5.16 40.20
CA LYS A 530 -22.84 4.56 39.18
C LYS A 530 -22.09 3.95 37.99
N LYS A 531 -20.81 3.60 38.18
CA LYS A 531 -20.01 3.03 37.10
C LYS A 531 -20.56 1.68 36.65
N GLN A 532 -21.12 0.91 37.60
CA GLN A 532 -21.72 -0.38 37.28
C GLN A 532 -22.81 -0.25 36.19
N ASN A 533 -23.56 0.86 36.19
CA ASN A 533 -24.56 1.12 35.12
C ASN A 533 -23.94 0.96 33.72
N VAL A 534 -22.69 1.39 33.56
CA VAL A 534 -22.01 1.33 32.26
C VAL A 534 -21.88 -0.11 31.77
N PHE A 535 -21.44 -0.98 32.68
CA PHE A 535 -21.31 -2.41 32.38
C PHE A 535 -22.68 -3.06 32.16
N ASP A 536 -23.67 -2.70 32.98
CA ASP A 536 -25.04 -3.20 32.83
C ASP A 536 -25.64 -2.85 31.45
N ASP A 537 -25.43 -1.61 31.01
CA ASP A 537 -25.87 -1.18 29.66
C ASP A 537 -25.26 -2.03 28.55
N PHE A 538 -23.96 -2.31 28.64
CA PHE A 538 -23.23 -3.10 27.63
C PHE A 538 -23.71 -4.55 27.61
N ILE A 539 -23.85 -5.14 28.80
CA ILE A 539 -24.41 -6.49 28.94
C ILE A 539 -25.83 -6.59 28.36
N SER A 540 -26.66 -5.56 28.58
CA SER A 540 -28.03 -5.56 28.04
C SER A 540 -28.03 -5.49 26.52
N ALA A 541 -27.08 -4.75 25.95
CA ALA A 541 -26.97 -4.67 24.49
C ALA A 541 -26.63 -6.02 23.85
N ALA A 542 -25.73 -6.77 24.51
CA ALA A 542 -25.38 -8.12 24.04
C ALA A 542 -26.57 -9.06 24.17
N GLU A 543 -27.34 -8.94 25.27
CA GLU A 543 -28.55 -9.75 25.44
C GLU A 543 -29.64 -9.47 24.41
N TYR A 544 -29.79 -8.21 23.97
CA TYR A 544 -30.70 -7.84 22.88
C TYR A 544 -30.29 -8.43 21.53
N LEU A 545 -29.00 -8.38 21.21
CA LEU A 545 -28.51 -8.94 19.95
C LEU A 545 -28.77 -10.45 19.88
N ILE A 546 -28.68 -11.12 21.03
CA ILE A 546 -29.04 -12.55 21.14
C ILE A 546 -30.56 -12.79 21.03
N SER A 547 -31.37 -12.13 21.86
CA SER A 547 -32.82 -12.38 21.84
C SER A 547 -33.50 -12.00 20.51
N SER A 548 -33.02 -10.95 19.83
CA SER A 548 -33.62 -10.53 18.55
C SER A 548 -33.18 -11.38 17.34
N GLY A 549 -32.14 -12.19 17.52
CA GLY A 549 -31.76 -13.20 16.53
C GLY A 549 -30.60 -12.85 15.60
N TYR A 550 -29.83 -11.80 15.90
CA TYR A 550 -28.63 -11.50 15.13
C TYR A 550 -27.55 -12.56 15.37
N THR A 551 -27.47 -13.08 16.60
CA THR A 551 -26.35 -13.91 17.03
C THR A 551 -26.73 -14.79 18.22
N LYS A 552 -25.79 -15.56 18.74
CA LYS A 552 -25.92 -16.30 20.01
C LYS A 552 -24.64 -16.18 20.85
N ALA A 553 -24.68 -16.63 22.11
CA ALA A 553 -23.59 -16.43 23.08
C ALA A 553 -22.18 -16.87 22.60
N ARG A 554 -22.10 -18.03 21.96
CA ARG A 554 -20.82 -18.51 21.41
C ARG A 554 -20.20 -17.54 20.39
N ARG A 555 -21.05 -16.76 19.73
CA ARG A 555 -20.68 -16.01 18.52
C ARG A 555 -20.53 -14.50 18.75
N VAL A 556 -20.50 -14.05 20.00
CA VAL A 556 -20.35 -12.63 20.34
C VAL A 556 -18.91 -12.31 20.77
N ALA A 557 -18.28 -11.36 20.09
CA ALA A 557 -16.97 -10.81 20.50
C ALA A 557 -17.14 -9.38 20.99
N ILE A 558 -16.45 -9.03 22.09
CA ILE A 558 -16.44 -7.65 22.57
C ILE A 558 -15.02 -7.05 22.55
N GLU A 559 -14.93 -5.78 22.16
CA GLU A 559 -13.66 -5.08 22.06
C GLU A 559 -13.80 -3.65 22.55
N GLY A 560 -12.70 -3.15 23.12
CA GLY A 560 -12.61 -1.77 23.62
C GLY A 560 -11.19 -1.40 24.05
N GLY A 561 -10.92 -0.09 24.07
CA GLY A 561 -9.60 0.48 24.36
C GLY A 561 -9.58 1.39 25.59
N ALA A 562 -8.53 1.26 26.42
CA ALA A 562 -8.32 2.11 27.61
C ALA A 562 -9.46 2.04 28.67
N ASN A 563 -10.25 3.10 28.90
CA ASN A 563 -11.49 2.97 29.69
C ASN A 563 -12.42 1.90 29.08
N GLY A 564 -12.35 1.72 27.76
CA GLY A 564 -13.03 0.63 27.07
C GLY A 564 -12.44 -0.76 27.27
N GLY A 565 -11.18 -0.82 27.71
CA GLY A 565 -10.52 -2.07 28.08
C GLY A 565 -11.01 -2.53 29.43
N LEU A 566 -11.18 -1.57 30.34
CA LEU A 566 -11.85 -1.79 31.61
C LEU A 566 -13.24 -2.39 31.37
N LEU A 567 -14.01 -1.77 30.49
CA LEU A 567 -15.35 -2.24 30.11
C LEU A 567 -15.36 -3.72 29.76
N VAL A 568 -14.45 -4.11 28.86
CA VAL A 568 -14.35 -5.50 28.41
C VAL A 568 -14.02 -6.44 29.57
N ALA A 569 -13.01 -6.08 30.36
CA ALA A 569 -12.52 -6.92 31.44
C ALA A 569 -13.57 -7.13 32.55
N ALA A 570 -14.28 -6.07 32.92
CA ALA A 570 -15.36 -6.16 33.91
C ALA A 570 -16.51 -7.05 33.41
N CYS A 571 -16.89 -6.87 32.14
CA CYS A 571 -17.98 -7.67 31.56
C CYS A 571 -17.68 -9.16 31.49
N ILE A 572 -16.42 -9.53 31.20
CA ILE A 572 -16.04 -10.97 31.18
C ILE A 572 -15.92 -11.58 32.58
N ASN A 573 -15.55 -10.77 33.59
CA ASN A 573 -15.55 -11.22 34.99
C ASN A 573 -16.99 -11.49 35.46
N GLN A 574 -17.93 -10.61 35.10
CA GLN A 574 -19.33 -10.69 35.60
C GLN A 574 -20.22 -11.65 34.78
N ARG A 575 -20.10 -11.64 33.46
CA ARG A 575 -20.93 -12.48 32.58
C ARG A 575 -20.11 -13.22 31.49
N PRO A 576 -19.14 -14.08 31.92
CA PRO A 576 -18.31 -14.84 30.96
C PRO A 576 -19.10 -15.75 30.02
N ASP A 577 -20.27 -16.21 30.48
CA ASP A 577 -21.18 -17.03 29.67
C ASP A 577 -21.73 -16.37 28.40
N LEU A 578 -21.74 -15.04 28.33
CA LEU A 578 -22.31 -14.32 27.17
C LEU A 578 -21.41 -14.23 25.93
N PHE A 579 -20.09 -14.41 26.09
CA PHE A 579 -19.11 -14.02 25.08
C PHE A 579 -18.26 -15.19 24.60
N GLY A 580 -17.90 -15.15 23.32
CA GLY A 580 -17.00 -16.11 22.70
C GLY A 580 -15.59 -15.59 22.51
N CYS A 581 -15.41 -14.28 22.52
CA CYS A 581 -14.10 -13.65 22.33
C CYS A 581 -14.06 -12.28 23.00
N ALA A 582 -12.95 -11.99 23.67
CA ALA A 582 -12.78 -10.72 24.37
C ALA A 582 -11.42 -10.14 24.02
N GLU A 583 -11.40 -8.86 23.64
CA GLU A 583 -10.18 -8.17 23.26
C GLU A 583 -10.08 -6.80 23.97
N ALA A 584 -9.20 -6.69 24.95
CA ALA A 584 -9.02 -5.46 25.74
C ALA A 584 -7.71 -4.77 25.37
N ASN A 585 -7.80 -3.56 24.79
CA ASN A 585 -6.62 -2.85 24.30
C ASN A 585 -6.18 -1.74 25.26
N CYS A 586 -5.01 -1.93 25.89
CA CYS A 586 -4.43 -0.93 26.79
C CYS A 586 -5.41 -0.51 27.92
N GLY A 587 -5.98 -1.51 28.60
CA GLY A 587 -7.03 -1.29 29.57
C GLY A 587 -6.55 -0.88 30.94
N VAL A 588 -7.42 -0.18 31.68
CA VAL A 588 -7.18 0.16 33.10
C VAL A 588 -7.73 -0.97 33.97
N MET A 589 -6.83 -1.79 34.54
CA MET A 589 -7.20 -3.07 35.17
C MET A 589 -7.00 -3.17 36.69
N ASP A 590 -6.15 -2.32 37.26
CA ASP A 590 -5.98 -2.22 38.71
C ASP A 590 -6.62 -0.90 39.13
N MET A 591 -7.89 -0.97 39.52
CA MET A 591 -8.62 0.22 39.95
C MET A 591 -8.25 0.67 41.37
N LEU A 592 -7.56 -0.16 42.13
CA LEU A 592 -7.05 0.24 43.43
C LEU A 592 -5.80 1.14 43.34
N ARG A 593 -4.97 0.97 42.32
CA ARG A 593 -3.67 1.68 42.24
C ARG A 593 -3.44 2.60 41.01
N PHE A 594 -4.43 2.71 40.11
CA PHE A 594 -4.27 3.48 38.85
C PHE A 594 -3.78 4.92 39.05
N HIS A 595 -4.27 5.55 40.13
CA HIS A 595 -3.94 6.95 40.44
C HIS A 595 -2.46 7.23 40.77
N LYS A 596 -1.68 6.19 41.06
CA LYS A 596 -0.27 6.34 41.43
C LYS A 596 0.71 6.50 40.23
N PHE A 597 0.32 6.06 39.04
CA PHE A 597 1.25 5.96 37.87
C PHE A 597 1.00 7.03 36.80
N THR A 598 2.10 7.59 36.29
CA THR A 598 2.11 8.68 35.30
C THR A 598 1.00 9.72 35.54
N LEU A 599 0.10 9.94 34.57
CA LEU A 599 -0.98 10.92 34.74
C LEU A 599 -2.33 10.24 34.99
N GLY A 600 -2.30 9.04 35.55
CA GLY A 600 -3.51 8.31 35.94
C GLY A 600 -4.35 8.97 37.04
N TYR A 601 -3.72 9.82 37.87
CA TYR A 601 -4.43 10.61 38.90
C TYR A 601 -5.50 11.56 38.33
N LEU A 602 -5.39 11.89 37.04
CA LEU A 602 -6.40 12.70 36.34
C LEU A 602 -7.72 11.96 36.09
N TRP A 603 -7.80 10.64 36.31
CA TRP A 603 -9.06 9.87 36.14
C TRP A 603 -9.92 9.73 37.42
N THR A 604 -9.53 10.37 38.52
CA THR A 604 -10.28 10.28 39.80
C THR A 604 -11.64 11.00 39.80
N GLY A 605 -11.82 11.98 38.91
CA GLY A 605 -13.13 12.60 38.70
C GLY A 605 -14.17 11.58 38.24
N ASP A 606 -13.78 10.70 37.30
CA ASP A 606 -14.69 9.67 36.81
C ASP A 606 -14.75 8.42 37.69
N TYR A 607 -13.62 7.99 38.22
CA TYR A 607 -13.54 6.71 38.95
C TYR A 607 -13.71 6.80 40.48
N GLY A 608 -13.39 7.95 41.05
CA GLY A 608 -13.08 8.04 42.49
C GLY A 608 -11.67 7.55 42.74
N CYS A 609 -11.31 7.37 44.01
CA CYS A 609 -9.95 7.00 44.42
C CYS A 609 -9.97 6.15 45.69
N SER A 610 -9.14 5.10 45.71
CA SER A 610 -9.07 4.18 46.85
C SER A 610 -8.47 4.77 48.14
N ASP A 611 -7.93 5.99 48.08
CA ASP A 611 -7.55 6.76 49.28
C ASP A 611 -8.75 7.12 50.17
N LYS A 612 -9.97 7.04 49.64
CA LYS A 612 -11.20 7.38 50.39
C LYS A 612 -12.13 6.16 50.50
N GLU A 613 -12.71 5.98 51.69
CA GLU A 613 -13.40 4.73 52.07
C GLU A 613 -14.64 4.39 51.25
N GLU A 614 -15.54 5.34 51.07
CA GLU A 614 -16.76 5.09 50.27
C GLU A 614 -16.43 4.86 48.77
N GLU A 615 -15.35 5.48 48.30
CA GLU A 615 -14.93 5.36 46.90
C GLU A 615 -14.24 4.01 46.65
N PHE A 616 -13.38 3.58 47.59
CA PHE A 616 -12.83 2.21 47.62
C PHE A 616 -13.92 1.12 47.50
N LYS A 617 -15.01 1.29 48.25
CA LYS A 617 -16.14 0.34 48.20
C LYS A 617 -16.81 0.22 46.83
N TRP A 618 -16.83 1.31 46.04
CA TRP A 618 -17.27 1.22 44.64
C TRP A 618 -16.28 0.37 43.86
N LEU A 619 -15.00 0.73 43.99
CA LEU A 619 -13.92 0.22 43.13
C LEU A 619 -13.63 -1.27 43.29
N ILE A 620 -13.68 -1.76 44.52
CA ILE A 620 -13.38 -3.16 44.82
C ILE A 620 -14.39 -4.15 44.20
N LYS A 621 -15.61 -3.68 43.95
CA LYS A 621 -16.66 -4.52 43.35
C LYS A 621 -16.44 -4.86 41.88
N TYR A 622 -15.75 -3.99 41.13
CA TYR A 622 -15.50 -4.21 39.70
C TYR A 622 -14.03 -4.20 39.21
N SER A 623 -13.07 -3.83 40.07
CA SER A 623 -11.64 -3.80 39.69
C SER A 623 -11.23 -5.12 39.04
N PRO A 624 -10.87 -5.10 37.72
CA PRO A 624 -10.65 -6.37 37.01
C PRO A 624 -9.73 -7.40 37.68
N ILE A 625 -8.54 -7.00 38.15
CA ILE A 625 -7.60 -7.97 38.75
C ILE A 625 -8.05 -8.54 40.11
N HIS A 626 -8.98 -7.86 40.78
CA HIS A 626 -9.48 -8.31 42.08
C HIS A 626 -10.81 -9.08 42.00
N ASN A 627 -11.28 -9.36 40.78
CA ASN A 627 -12.58 -10.02 40.55
C ASN A 627 -12.50 -11.17 39.51
N VAL A 628 -11.32 -11.78 39.34
CA VAL A 628 -11.21 -12.99 38.50
C VAL A 628 -11.60 -14.20 39.35
N ARG A 629 -12.61 -14.95 38.90
CA ARG A 629 -13.13 -16.11 39.62
C ARG A 629 -13.51 -17.23 38.65
N ARG A 630 -13.29 -18.48 39.08
CA ARG A 630 -13.61 -19.65 38.25
C ARG A 630 -15.14 -19.77 38.10
N PRO A 631 -15.68 -19.54 36.88
CA PRO A 631 -17.15 -19.56 36.75
C PRO A 631 -17.80 -20.93 37.02
N TRP A 632 -17.06 -22.02 36.74
CA TRP A 632 -17.53 -23.40 36.95
C TRP A 632 -17.71 -23.81 38.42
N GLU A 633 -17.15 -23.04 39.36
CA GLU A 633 -17.33 -23.32 40.81
C GLU A 633 -18.63 -22.76 41.40
N GLN A 634 -19.35 -21.92 40.65
CA GLN A 634 -20.69 -21.44 41.06
C GLN A 634 -21.75 -22.47 40.68
N PRO A 635 -22.48 -23.04 41.68
CA PRO A 635 -23.46 -24.07 41.36
C PRO A 635 -24.46 -23.61 40.31
N GLY A 636 -24.74 -24.48 39.34
CA GLY A 636 -25.60 -24.14 38.20
C GLY A 636 -24.87 -23.94 36.88
N ASN A 637 -23.66 -23.37 36.92
CA ASN A 637 -22.95 -23.01 35.68
C ASN A 637 -21.61 -23.79 35.53
N GLU A 638 -21.69 -25.10 35.74
CA GLU A 638 -20.50 -25.97 35.72
C GLU A 638 -19.86 -26.10 34.33
N GLU A 639 -20.64 -25.86 33.28
CA GLU A 639 -20.14 -25.89 31.89
C GLU A 639 -19.68 -24.52 31.32
N THR A 640 -19.52 -23.51 32.18
CA THR A 640 -19.11 -22.17 31.76
C THR A 640 -17.60 -21.96 31.98
N GLN A 641 -16.95 -21.33 31.00
CA GLN A 641 -15.56 -20.91 31.11
C GLN A 641 -15.43 -19.48 30.61
N TYR A 642 -14.26 -18.88 30.82
CA TYR A 642 -13.97 -17.58 30.22
C TYR A 642 -13.87 -17.70 28.70
N PRO A 643 -14.30 -16.66 27.96
CA PRO A 643 -14.09 -16.66 26.51
C PRO A 643 -12.61 -16.62 26.19
N ALA A 644 -12.27 -16.97 24.94
CA ALA A 644 -10.92 -16.76 24.42
C ALA A 644 -10.60 -15.28 24.56
N THR A 645 -9.50 -14.97 25.25
CA THR A 645 -9.18 -13.60 25.63
C THR A 645 -7.78 -13.18 25.12
N MET A 646 -7.74 -12.05 24.40
CA MET A 646 -6.49 -11.38 24.01
C MET A 646 -6.39 -10.03 24.71
N ILE A 647 -5.37 -9.88 25.54
CA ILE A 647 -5.05 -8.61 26.18
C ILE A 647 -3.94 -7.92 25.35
N LEU A 648 -4.25 -6.75 24.78
CA LEU A 648 -3.26 -6.01 23.98
C LEU A 648 -2.68 -4.83 24.76
N THR A 649 -1.38 -4.60 24.56
CA THR A 649 -0.70 -3.45 25.14
C THR A 649 0.62 -3.19 24.41
N ALA A 650 1.32 -2.14 24.82
CA ALA A 650 2.60 -1.75 24.23
C ALA A 650 3.58 -1.46 25.36
N ASP A 651 4.87 -1.75 25.11
CA ASP A 651 5.89 -1.69 26.16
C ASP A 651 6.27 -0.30 26.68
N HIS A 652 5.94 0.76 25.92
CA HIS A 652 6.14 2.16 26.35
C HIS A 652 4.83 2.98 26.29
N ASP A 653 3.72 2.34 26.66
CA ASP A 653 2.44 3.05 26.84
C ASP A 653 2.52 3.77 28.18
N ASP A 654 2.91 5.04 28.15
CA ASP A 654 2.94 5.88 29.35
C ASP A 654 1.58 6.53 29.71
N ARG A 655 0.60 6.47 28.80
CA ARG A 655 -0.77 6.91 29.11
C ARG A 655 -1.44 5.94 30.09
N VAL A 656 -1.50 4.67 29.68
CA VAL A 656 -2.04 3.60 30.52
C VAL A 656 -0.91 2.59 30.69
N VAL A 657 -0.22 2.67 31.83
CA VAL A 657 1.00 1.87 32.04
C VAL A 657 0.72 0.38 31.88
N PRO A 658 1.62 -0.34 31.17
CA PRO A 658 1.32 -1.73 30.80
C PRO A 658 1.27 -2.71 31.97
N LEU A 659 1.71 -2.31 33.16
CA LEU A 659 1.45 -3.10 34.38
C LEU A 659 -0.02 -3.47 34.58
N HIS A 660 -0.94 -2.61 34.13
CA HIS A 660 -2.38 -2.92 34.20
C HIS A 660 -2.67 -4.24 33.48
N SER A 661 -2.25 -4.31 32.21
CA SER A 661 -2.37 -5.52 31.37
C SER A 661 -1.56 -6.71 31.86
N PHE A 662 -0.33 -6.46 32.27
CA PHE A 662 0.57 -7.54 32.74
C PHE A 662 -0.02 -8.24 33.98
N LYS A 663 -0.45 -7.46 34.96
CA LYS A 663 -1.05 -7.99 36.20
C LYS A 663 -2.36 -8.76 35.99
N LEU A 664 -3.23 -8.26 35.11
CA LEU A 664 -4.47 -8.98 34.76
C LEU A 664 -4.17 -10.30 34.09
N LEU A 665 -3.27 -10.28 33.10
CA LEU A 665 -2.87 -11.51 32.39
C LEU A 665 -2.38 -12.58 33.36
N ALA A 666 -1.46 -12.19 34.26
CA ALA A 666 -0.92 -13.13 35.25
C ALA A 666 -1.99 -13.66 36.21
N THR A 667 -2.90 -12.80 36.64
CA THR A 667 -3.99 -13.21 37.55
C THR A 667 -4.93 -14.18 36.86
N MET A 668 -5.30 -13.88 35.61
CA MET A 668 -6.18 -14.75 34.81
C MET A 668 -5.55 -16.12 34.56
N GLN A 669 -4.30 -16.13 34.12
CA GLN A 669 -3.58 -17.38 33.88
C GLN A 669 -3.45 -18.21 35.16
N HIS A 670 -3.18 -17.54 36.29
CA HIS A 670 -3.07 -18.23 37.59
C HIS A 670 -4.41 -18.82 38.02
N VAL A 671 -5.41 -17.96 38.22
CA VAL A 671 -6.71 -18.38 38.75
C VAL A 671 -7.38 -19.45 37.89
N LEU A 672 -7.37 -19.26 36.57
CA LEU A 672 -8.11 -20.12 35.65
C LEU A 672 -7.34 -21.30 35.07
N CYS A 673 -6.01 -21.22 34.98
CA CYS A 673 -5.20 -22.24 34.27
C CYS A 673 -4.10 -22.95 35.08
N THR A 674 -3.14 -22.22 35.63
CA THR A 674 -1.97 -22.85 36.28
C THR A 674 -2.18 -23.27 37.76
N SER A 675 -3.17 -22.70 38.47
CA SER A 675 -3.44 -23.10 39.87
C SER A 675 -4.21 -24.43 40.03
N LEU A 676 -4.67 -25.02 38.92
CA LEU A 676 -5.41 -26.29 38.93
C LEU A 676 -4.71 -27.31 38.06
N GLU A 677 -4.78 -28.57 38.48
CA GLU A 677 -4.07 -29.66 37.79
C GLU A 677 -4.76 -30.16 36.52
N ASP A 678 -6.04 -29.87 36.33
CA ASP A 678 -6.77 -30.33 35.14
C ASP A 678 -7.94 -29.40 34.83
N SER A 679 -7.62 -28.18 34.40
CA SER A 679 -8.60 -27.09 34.31
C SER A 679 -9.66 -27.29 33.22
N PRO A 680 -10.93 -26.96 33.52
CA PRO A 680 -11.94 -26.88 32.46
C PRO A 680 -11.78 -25.69 31.50
N GLN A 681 -10.95 -24.71 31.86
CA GLN A 681 -10.60 -23.59 30.97
C GLN A 681 -9.76 -24.07 29.77
N LYS A 682 -10.44 -24.27 28.64
CA LYS A 682 -9.81 -24.67 27.37
C LYS A 682 -9.46 -23.49 26.49
N ASN A 683 -10.34 -22.49 26.41
CA ASN A 683 -10.10 -21.30 25.57
C ASN A 683 -8.81 -20.56 25.99
N PRO A 684 -8.01 -20.09 25.01
CA PRO A 684 -6.71 -19.48 25.34
C PRO A 684 -6.79 -18.08 25.95
N ILE A 685 -5.87 -17.80 26.88
CA ILE A 685 -5.72 -16.50 27.52
C ILE A 685 -4.29 -16.00 27.27
N ILE A 686 -4.16 -15.04 26.35
CA ILE A 686 -2.85 -14.56 25.88
C ILE A 686 -2.78 -13.03 25.87
N ALA A 687 -1.56 -12.52 25.75
CA ALA A 687 -1.30 -11.09 25.56
C ALA A 687 -0.56 -10.89 24.25
N ARG A 688 -0.91 -9.84 23.49
CA ARG A 688 -0.10 -9.39 22.34
C ARG A 688 0.56 -8.08 22.74
N ILE A 689 1.86 -8.14 23.02
CA ILE A 689 2.60 -7.00 23.54
C ILE A 689 3.43 -6.36 22.43
N GLN A 690 3.02 -5.16 21.98
CA GLN A 690 3.74 -4.45 20.89
C GLN A 690 5.05 -3.84 21.42
N ARG A 691 6.17 -4.30 20.87
CA ARG A 691 7.47 -3.78 21.26
C ARG A 691 7.76 -2.40 20.63
N LYS A 692 8.49 -1.56 21.37
CA LYS A 692 8.88 -0.20 20.95
C LYS A 692 7.70 0.66 20.45
N ALA A 693 6.67 0.79 21.27
CA ALA A 693 5.48 1.53 20.89
C ALA A 693 4.80 2.16 22.10
N ALA A 694 4.05 3.22 21.84
CA ALA A 694 3.27 3.95 22.87
C ALA A 694 1.74 3.68 22.69
N HIS A 695 0.92 4.42 23.44
CA HIS A 695 -0.55 4.24 23.43
C HIS A 695 -1.13 4.30 22.02
N TYR A 696 -0.69 5.28 21.25
CA TYR A 696 -1.28 5.61 19.95
C TYR A 696 -0.18 6.23 19.04
N GLY A 697 -0.50 6.46 17.76
CA GLY A 697 0.41 7.15 16.85
C GLY A 697 1.40 6.23 16.13
N ARG A 698 1.06 4.95 16.05
CA ARG A 698 1.95 3.96 15.43
C ARG A 698 1.86 4.01 13.91
N ALA A 699 2.94 3.56 13.26
CA ALA A 699 3.01 3.48 11.80
C ALA A 699 1.89 2.61 11.22
N THR A 700 1.45 2.94 10.01
CA THR A 700 0.34 2.24 9.33
C THR A 700 0.48 0.71 9.31
N MET A 701 1.64 0.20 8.89
CA MET A 701 1.86 -1.25 8.81
C MET A 701 1.90 -1.92 10.21
N THR A 702 2.39 -1.18 11.21
CA THR A 702 2.44 -1.70 12.58
C THR A 702 1.03 -1.85 13.12
N GLN A 703 0.19 -0.86 12.91
CA GLN A 703 -1.21 -0.93 13.34
C GLN A 703 -1.97 -1.99 12.54
N ILE A 704 -1.70 -2.12 11.23
CA ILE A 704 -2.37 -3.15 10.43
C ILE A 704 -2.05 -4.55 10.97
N ALA A 705 -0.78 -4.77 11.33
CA ALA A 705 -0.33 -6.06 11.90
C ALA A 705 -1.05 -6.41 13.21
N GLU A 706 -1.23 -5.44 14.11
CA GLU A 706 -2.00 -5.64 15.34
C GLU A 706 -3.46 -6.01 15.01
N VAL A 707 -4.08 -5.25 14.11
CA VAL A 707 -5.49 -5.45 13.81
C VAL A 707 -5.78 -6.78 13.10
N ALA A 708 -4.89 -7.19 12.20
CA ALA A 708 -5.03 -8.50 11.54
C ALA A 708 -4.90 -9.67 12.53
N ASP A 709 -3.99 -9.55 13.52
CA ASP A 709 -3.88 -10.57 14.58
C ASP A 709 -5.17 -10.64 15.42
N ARG A 710 -5.72 -9.49 15.83
CA ARG A 710 -6.99 -9.42 16.60
CA ARG A 710 -6.97 -9.44 16.61
C ARG A 710 -8.11 -10.16 15.88
N TYR A 711 -8.28 -9.88 14.60
CA TYR A 711 -9.39 -10.45 13.83
C TYR A 711 -9.20 -11.91 13.47
N GLY A 712 -7.96 -12.32 13.24
CA GLY A 712 -7.66 -13.74 13.04
C GLY A 712 -7.95 -14.57 14.28
N PHE A 713 -7.58 -14.04 15.44
CA PHE A 713 -7.88 -14.64 16.74
C PHE A 713 -9.41 -14.71 16.96
N MET A 714 -10.10 -13.61 16.66
CA MET A 714 -11.56 -13.56 16.76
C MET A 714 -12.25 -14.62 15.89
N ALA A 715 -11.88 -14.68 14.61
CA ALA A 715 -12.43 -15.70 13.68
C ALA A 715 -12.29 -17.13 14.20
N LYS A 716 -11.12 -17.45 14.73
CA LYS A 716 -10.87 -18.77 15.32
C LYS A 716 -11.73 -19.00 16.57
N ALA A 717 -11.75 -18.02 17.46
CA ALA A 717 -12.51 -18.11 18.71
C ALA A 717 -14.02 -18.29 18.47
N LEU A 718 -14.58 -17.56 17.51
CA LEU A 718 -16.00 -17.66 17.15
C LEU A 718 -16.37 -18.75 16.15
N GLU A 719 -15.38 -19.48 15.63
CA GLU A 719 -15.58 -20.54 14.62
C GLU A 719 -16.29 -20.01 13.36
N ALA A 720 -15.79 -18.87 12.88
CA ALA A 720 -16.33 -18.17 11.71
C ALA A 720 -15.45 -18.42 10.48
N PRO A 721 -16.02 -19.04 9.42
CA PRO A 721 -15.21 -19.24 8.23
C PRO A 721 -15.10 -17.98 7.37
N TRP A 722 -14.03 -17.92 6.57
CA TRP A 722 -13.84 -16.87 5.60
C TRP A 722 -14.81 -17.03 4.44
N ILE A 723 -15.28 -15.90 3.91
CA ILE A 723 -16.14 -15.86 2.72
C ILE A 723 -15.40 -15.06 1.65
N ASP A 724 -15.19 -15.67 0.47
CA ASP A 724 -14.49 -15.00 -0.63
C ASP A 724 -15.33 -13.84 -1.17
N SER B 4 15.30 -27.79 8.35
CA SER B 4 15.63 -28.33 6.99
C SER B 4 14.49 -28.08 5.98
N GLY B 5 14.64 -28.59 4.75
CA GLY B 5 13.67 -28.38 3.68
C GLY B 5 12.41 -29.20 3.78
N PHE B 6 11.94 -29.69 2.64
CA PHE B 6 10.63 -30.35 2.57
C PHE B 6 10.68 -31.76 3.17
N SER B 7 9.86 -31.98 4.19
CA SER B 7 9.80 -33.26 4.91
C SER B 7 8.46 -33.99 4.78
N LYS B 8 7.35 -33.26 4.63
CA LYS B 8 6.02 -33.89 4.54
C LYS B 8 5.82 -34.48 3.15
N PRO B 9 5.36 -35.77 3.06
CA PRO B 9 5.02 -36.30 1.73
C PRO B 9 3.82 -35.57 1.09
N LEU B 10 3.76 -35.59 -0.24
CA LEU B 10 2.72 -34.97 -1.00
C LEU B 10 1.66 -35.97 -1.49
N HIS B 11 0.40 -35.57 -1.37
CA HIS B 11 -0.75 -36.33 -1.87
C HIS B 11 -1.03 -35.86 -3.31
N TYR B 12 -0.36 -36.47 -4.28
CA TYR B 12 -0.49 -36.06 -5.67
C TYR B 12 -1.87 -36.51 -6.19
N PRO B 13 -2.63 -35.59 -6.83
CA PRO B 13 -3.98 -35.95 -7.28
C PRO B 13 -3.99 -36.83 -8.54
N PRO B 14 -5.08 -37.59 -8.76
CA PRO B 14 -5.19 -38.39 -9.97
C PRO B 14 -5.47 -37.50 -11.20
N VAL B 15 -4.80 -37.81 -12.31
CA VAL B 15 -4.90 -37.07 -13.56
C VAL B 15 -5.08 -38.08 -14.69
N ARG B 16 -6.17 -37.98 -15.45
CA ARG B 16 -6.53 -38.99 -16.44
C ARG B 16 -5.57 -38.99 -17.63
N ARG B 17 -5.26 -40.19 -18.13
CA ARG B 17 -4.43 -40.39 -19.31
C ARG B 17 -5.28 -41.00 -20.43
N ASP B 18 -5.31 -40.34 -21.58
CA ASP B 18 -5.91 -40.89 -22.79
C ASP B 18 -4.80 -41.56 -23.62
N GLU B 19 -4.67 -42.87 -23.49
CA GLU B 19 -3.55 -43.60 -24.09
C GLU B 19 -3.64 -43.79 -25.61
N THR B 20 -4.76 -43.41 -26.23
CA THR B 20 -4.95 -43.57 -27.68
C THR B 20 -4.37 -42.43 -28.54
N VAL B 21 -4.01 -41.31 -27.94
CA VAL B 21 -3.55 -40.14 -28.71
C VAL B 21 -2.08 -40.30 -29.08
N VAL B 22 -1.84 -40.60 -30.36
CA VAL B 22 -0.49 -40.70 -30.92
C VAL B 22 -0.43 -39.93 -32.24
N ASP B 23 0.65 -39.17 -32.44
CA ASP B 23 0.89 -38.41 -33.68
C ASP B 23 2.14 -38.93 -34.40
N ASP B 24 2.10 -38.91 -35.74
CA ASP B 24 3.25 -39.28 -36.57
C ASP B 24 3.95 -38.02 -37.08
N TYR B 25 5.23 -37.89 -36.74
CA TYR B 25 6.09 -36.82 -37.28
C TYR B 25 7.18 -37.47 -38.12
N PHE B 26 6.96 -37.52 -39.44
CA PHE B 26 7.90 -38.14 -40.39
C PHE B 26 8.41 -39.53 -39.97
N GLY B 27 7.50 -40.40 -39.56
CA GLY B 27 7.82 -41.76 -39.14
C GLY B 27 8.04 -41.99 -37.66
N VAL B 28 8.21 -40.91 -36.88
CA VAL B 28 8.44 -41.01 -35.43
C VAL B 28 7.11 -40.82 -34.69
N LYS B 29 6.76 -41.79 -33.83
CA LYS B 29 5.51 -41.73 -33.04
C LYS B 29 5.74 -40.99 -31.72
N VAL B 30 4.78 -40.14 -31.37
CA VAL B 30 4.80 -39.36 -30.13
C VAL B 30 3.42 -39.46 -29.49
N ALA B 31 3.36 -40.08 -28.31
CA ALA B 31 2.13 -40.14 -27.52
C ALA B 31 1.91 -38.81 -26.82
N ASP B 32 0.65 -38.35 -26.80
CA ASP B 32 0.27 -37.09 -26.13
C ASP B 32 -0.96 -37.35 -25.25
N PRO B 33 -0.76 -38.08 -24.12
CA PRO B 33 -1.89 -38.50 -23.28
C PRO B 33 -2.57 -37.40 -22.43
N TYR B 34 -2.02 -36.20 -22.41
CA TYR B 34 -2.69 -35.04 -21.77
C TYR B 34 -3.20 -34.01 -22.80
N ARG B 35 -3.55 -34.51 -24.00
CA ARG B 35 -4.17 -33.71 -25.06
C ARG B 35 -5.45 -32.97 -24.59
N TRP B 36 -6.21 -33.59 -23.70
CA TRP B 36 -7.43 -32.97 -23.14
C TRP B 36 -7.19 -31.68 -22.34
N LEU B 37 -6.00 -31.51 -21.74
CA LEU B 37 -5.65 -30.25 -21.04
C LEU B 37 -5.45 -29.03 -21.97
N GLU B 38 -5.51 -29.25 -23.29
CA GLU B 38 -5.49 -28.15 -24.27
C GLU B 38 -6.80 -27.33 -24.32
N ASP B 39 -7.89 -27.88 -23.81
CA ASP B 39 -9.16 -27.14 -23.65
C ASP B 39 -9.22 -26.46 -22.25
N PRO B 40 -9.05 -25.12 -22.18
CA PRO B 40 -9.11 -24.42 -20.88
C PRO B 40 -10.53 -24.28 -20.30
N ASN B 41 -11.56 -24.38 -21.14
CA ASN B 41 -12.96 -24.17 -20.73
C ASN B 41 -13.70 -25.44 -20.27
N SER B 42 -13.07 -26.62 -20.37
CA SER B 42 -13.74 -27.89 -20.00
C SER B 42 -13.80 -28.09 -18.48
N GLU B 43 -14.74 -28.93 -18.06
CA GLU B 43 -14.91 -29.28 -16.64
C GLU B 43 -13.76 -30.08 -16.05
N GLU B 44 -13.22 -31.00 -16.83
CA GLU B 44 -12.09 -31.81 -16.37
C GLU B 44 -10.82 -30.97 -16.19
N THR B 45 -10.61 -29.99 -17.08
CA THR B 45 -9.49 -29.05 -16.96
C THR B 45 -9.65 -28.12 -15.75
N LYS B 46 -10.87 -27.62 -15.51
CA LYS B 46 -11.15 -26.81 -14.32
C LYS B 46 -10.96 -27.58 -13.00
N GLU B 47 -11.33 -28.86 -12.99
CA GLU B 47 -11.03 -29.77 -11.88
C GLU B 47 -9.53 -29.98 -11.66
N PHE B 48 -8.77 -30.14 -12.75
CA PHE B 48 -7.30 -30.24 -12.70
C PHE B 48 -6.70 -29.03 -11.97
N VAL B 49 -7.10 -27.84 -12.40
CA VAL B 49 -6.67 -26.59 -11.78
C VAL B 49 -7.01 -26.56 -10.27
N ASP B 50 -8.24 -26.96 -9.91
CA ASP B 50 -8.68 -27.07 -8.50
C ASP B 50 -7.80 -28.03 -7.67
N ASN B 51 -7.48 -29.19 -8.25
CA ASN B 51 -6.66 -30.18 -7.56
C ASN B 51 -5.22 -29.73 -7.36
N GLN B 52 -4.68 -29.06 -8.38
CA GLN B 52 -3.30 -28.56 -8.31
C GLN B 52 -3.19 -27.35 -7.37
N GLU B 53 -4.22 -26.51 -7.32
CA GLU B 53 -4.31 -25.42 -6.32
C GLU B 53 -4.25 -25.94 -4.88
N LYS B 54 -5.05 -26.98 -4.62
CA LYS B 54 -5.10 -27.65 -3.32
C LYS B 54 -3.74 -28.23 -2.91
N LEU B 55 -3.11 -28.98 -3.82
CA LEU B 55 -1.75 -29.50 -3.56
C LEU B 55 -0.75 -28.37 -3.31
N ALA B 56 -0.80 -27.33 -4.13
CA ALA B 56 0.10 -26.18 -3.99
C ALA B 56 -0.07 -25.48 -2.64
N ASN B 57 -1.31 -25.29 -2.21
CA ASN B 57 -1.60 -24.68 -0.90
C ASN B 57 -0.96 -25.44 0.28
N SER B 58 -1.12 -26.77 0.33
CA SER B 58 -0.50 -27.56 1.42
C SER B 58 1.04 -27.51 1.43
N VAL B 59 1.67 -27.43 0.26
CA VAL B 59 3.14 -27.28 0.21
C VAL B 59 3.56 -25.88 0.68
N LEU B 60 2.90 -24.85 0.15
CA LEU B 60 3.21 -23.46 0.55
C LEU B 60 2.87 -23.13 2.02
N GLU B 61 1.98 -23.89 2.64
CA GLU B 61 1.75 -23.79 4.10
C GLU B 61 2.96 -24.21 4.94
N GLU B 62 3.75 -25.15 4.42
CA GLU B 62 5.01 -25.61 5.04
C GLU B 62 6.14 -24.54 4.92
N CYS B 63 6.01 -23.57 4.02
CA CYS B 63 7.05 -22.56 3.77
C CYS B 63 6.86 -21.34 4.67
N GLU B 64 7.46 -21.39 5.86
CA GLU B 64 7.17 -20.43 6.92
C GLU B 64 7.69 -18.99 6.72
N LEU B 65 8.45 -18.72 5.66
CA LEU B 65 8.96 -17.38 5.40
C LEU B 65 8.16 -16.53 4.39
N ILE B 66 7.07 -17.07 3.84
CA ILE B 66 6.25 -16.35 2.86
C ILE B 66 5.75 -14.99 3.39
N ASP B 67 5.18 -14.98 4.59
CA ASP B 67 4.63 -13.73 5.18
C ASP B 67 5.71 -12.66 5.43
N LYS B 68 6.90 -13.08 5.87
CA LYS B 68 8.05 -12.17 6.07
C LYS B 68 8.55 -11.56 4.76
N PHE B 69 8.66 -12.39 3.72
CA PHE B 69 8.96 -11.89 2.37
C PHE B 69 7.91 -10.91 1.85
N LYS B 70 6.64 -11.27 2.01
CA LYS B 70 5.55 -10.42 1.56
C LYS B 70 5.60 -9.00 2.16
N GLN B 71 5.80 -8.90 3.47
CA GLN B 71 5.82 -7.58 4.12
C GLN B 71 7.05 -6.76 3.70
N LYS B 72 8.20 -7.41 3.57
CA LYS B 72 9.43 -6.71 3.16
C LYS B 72 9.43 -6.24 1.71
N ILE B 73 8.78 -7.01 0.83
CA ILE B 73 8.58 -6.57 -0.56
C ILE B 73 7.67 -5.33 -0.60
N ILE B 74 6.55 -5.37 0.12
CA ILE B 74 5.64 -4.22 0.22
C ILE B 74 6.41 -2.99 0.70
N ASP B 75 7.18 -3.16 1.78
CA ASP B 75 7.93 -2.04 2.35
C ASP B 75 9.02 -1.50 1.37
N PHE B 76 9.79 -2.37 0.75
CA PHE B 76 10.84 -1.93 -0.22
C PHE B 76 10.34 -1.31 -1.52
N VAL B 77 9.11 -1.61 -1.94
CA VAL B 77 8.56 -1.03 -3.18
C VAL B 77 7.68 0.21 -2.92
N ASN B 78 7.45 0.55 -1.65
CA ASN B 78 6.62 1.70 -1.27
C ASN B 78 7.36 3.05 -1.40
N PHE B 79 7.67 3.46 -2.63
CA PHE B 79 8.29 4.75 -2.93
C PHE B 79 7.68 5.31 -4.22
N PRO B 80 7.57 6.64 -4.35
CA PRO B 80 6.93 7.19 -5.56
C PRO B 80 7.77 7.02 -6.84
N ARG B 81 7.10 6.77 -7.97
CA ARG B 81 7.75 6.49 -9.27
C ARG B 81 7.21 7.40 -10.37
N CYS B 82 8.05 8.31 -10.85
CA CYS B 82 7.69 9.25 -11.92
C CYS B 82 8.23 8.73 -13.26
N GLY B 83 7.35 8.62 -14.26
CA GLY B 83 7.74 8.19 -15.59
C GLY B 83 8.43 9.30 -16.38
N VAL B 84 9.01 8.92 -17.52
CA VAL B 84 9.66 9.85 -18.44
C VAL B 84 8.59 10.74 -19.10
N PRO B 85 8.70 12.08 -18.95
CA PRO B 85 7.72 12.98 -19.55
C PRO B 85 7.94 13.22 -21.04
N PHE B 86 6.84 13.37 -21.79
CA PHE B 86 6.88 13.77 -23.20
C PHE B 86 5.95 14.95 -23.47
N ARG B 87 6.24 15.65 -24.56
CA ARG B 87 5.61 16.93 -24.88
C ARG B 87 4.74 16.84 -26.13
N ARG B 88 3.55 17.46 -26.07
CA ARG B 88 2.73 17.72 -27.26
C ARG B 88 2.20 19.15 -27.11
N ALA B 89 2.32 19.96 -28.17
CA ALA B 89 1.99 21.38 -28.15
C ALA B 89 2.67 22.05 -26.94
N ASN B 90 1.92 22.71 -26.03
CA ASN B 90 2.52 23.31 -24.83
C ASN B 90 2.13 22.57 -23.52
N LYS B 91 1.84 21.27 -23.65
CA LYS B 91 1.51 20.40 -22.51
C LYS B 91 2.56 19.29 -22.36
N TYR B 92 2.72 18.80 -21.14
CA TYR B 92 3.61 17.67 -20.84
C TYR B 92 2.81 16.52 -20.20
N PHE B 93 3.22 15.28 -20.49
CA PHE B 93 2.49 14.08 -20.07
C PHE B 93 3.42 13.01 -19.48
N HIS B 94 2.96 12.33 -18.42
CA HIS B 94 3.71 11.22 -17.83
C HIS B 94 2.86 10.25 -17.00
N PHE B 95 3.36 9.02 -16.83
CA PHE B 95 2.80 8.06 -15.84
C PHE B 95 3.34 8.32 -14.42
N TYR B 96 2.50 8.07 -13.42
CA TYR B 96 2.84 8.23 -12.00
C TYR B 96 2.23 7.12 -11.15
N ASN B 97 2.96 6.70 -10.11
CA ASN B 97 2.47 5.81 -9.07
C ASN B 97 3.02 6.31 -7.73
N SER B 98 2.14 6.49 -6.73
CA SER B 98 2.58 7.00 -5.43
C SER B 98 3.32 5.93 -4.59
N GLY B 99 3.38 4.69 -5.10
CA GLY B 99 4.21 3.65 -4.53
C GLY B 99 3.56 2.27 -4.53
N LEU B 100 2.33 2.22 -4.03
CA LEU B 100 1.59 0.97 -3.90
C LEU B 100 0.20 0.98 -4.55
N GLN B 101 0.01 1.85 -5.55
CA GLN B 101 -1.23 1.83 -6.32
C GLN B 101 -1.23 0.61 -7.24
N ALA B 102 -2.41 0.05 -7.49
CA ALA B 102 -2.57 -1.18 -8.25
C ALA B 102 -2.05 -1.02 -9.68
N GLN B 103 -2.28 0.15 -10.27
CA GLN B 103 -1.84 0.50 -11.62
C GLN B 103 -1.39 1.95 -11.67
N ASN B 104 -0.49 2.25 -12.61
CA ASN B 104 0.02 3.59 -12.84
C ASN B 104 -1.09 4.52 -13.40
N VAL B 105 -1.03 5.79 -13.00
CA VAL B 105 -2.00 6.82 -13.39
C VAL B 105 -1.36 7.74 -14.44
N PHE B 106 -2.15 8.16 -15.44
CA PHE B 106 -1.64 9.02 -16.53
C PHE B 106 -2.01 10.48 -16.27
N GLN B 107 -1.01 11.37 -16.28
CA GLN B 107 -1.16 12.76 -15.82
C GLN B 107 -0.72 13.79 -16.88
N MET B 108 -1.25 15.00 -16.76
CA MET B 108 -0.97 16.13 -17.65
C MET B 108 -0.52 17.36 -16.84
N GLN B 109 0.36 18.17 -17.42
CA GLN B 109 0.86 19.41 -16.81
C GLN B 109 0.97 20.53 -17.86
N ASP B 110 0.92 21.78 -17.39
CA ASP B 110 1.22 22.94 -18.23
C ASP B 110 2.73 23.19 -18.34
N ASP B 111 3.45 23.00 -17.23
CA ASP B 111 4.92 23.07 -17.20
C ASP B 111 5.49 21.92 -16.35
N LEU B 112 6.76 21.60 -16.53
CA LEU B 112 7.36 20.42 -15.88
C LEU B 112 7.37 20.45 -14.34
N ASP B 113 7.33 21.65 -13.75
CA ASP B 113 7.22 21.81 -12.28
C ASP B 113 5.82 22.29 -11.81
N GLY B 114 4.81 22.16 -12.67
CA GLY B 114 3.45 22.59 -12.34
C GLY B 114 2.64 21.50 -11.69
N LYS B 115 1.42 21.83 -11.27
CA LYS B 115 0.51 20.86 -10.65
C LYS B 115 0.07 19.81 -11.69
N PRO B 116 0.21 18.51 -11.37
CA PRO B 116 -0.31 17.49 -12.29
C PRO B 116 -1.84 17.40 -12.25
N GLU B 117 -2.44 17.04 -13.37
CA GLU B 117 -3.88 16.77 -13.46
C GLU B 117 -4.07 15.34 -13.96
N VAL B 118 -4.90 14.57 -13.26
CA VAL B 118 -5.13 13.17 -13.62
C VAL B 118 -6.00 13.11 -14.87
N LEU B 119 -5.53 12.42 -15.91
CA LEU B 119 -6.33 12.20 -17.14
C LEU B 119 -7.05 10.85 -17.11
N TYR B 120 -6.37 9.80 -16.67
CA TYR B 120 -6.99 8.49 -16.54
C TYR B 120 -6.40 7.74 -15.37
N ASP B 121 -7.29 7.29 -14.47
CA ASP B 121 -6.93 6.54 -13.27
C ASP B 121 -7.54 5.12 -13.36
N PRO B 122 -6.73 4.11 -13.76
CA PRO B 122 -7.22 2.72 -13.85
C PRO B 122 -7.66 2.11 -12.51
N ASN B 123 -7.18 2.65 -11.40
CA ASN B 123 -7.51 2.15 -10.06
C ASN B 123 -9.00 2.32 -9.72
N LEU B 124 -9.69 3.25 -10.38
CA LEU B 124 -11.13 3.46 -10.19
C LEU B 124 -12.02 2.47 -10.95
N ARG B 125 -11.43 1.62 -11.79
CA ARG B 125 -12.17 0.61 -12.55
C ARG B 125 -11.77 -0.79 -12.09
N GLU B 126 -12.70 -1.52 -11.48
CA GLU B 126 -12.50 -2.92 -11.05
C GLU B 126 -11.29 -3.11 -10.11
N GLY B 127 -11.06 -2.14 -9.24
CA GLY B 127 -9.93 -2.17 -8.30
C GLY B 127 -8.52 -2.12 -8.93
N GLY B 128 -8.43 -1.66 -10.17
CA GLY B 128 -7.17 -1.69 -10.92
C GLY B 128 -6.71 -3.09 -11.30
N ARG B 129 -7.65 -3.99 -11.56
CA ARG B 129 -7.30 -5.32 -12.05
C ARG B 129 -6.37 -5.23 -13.28
N SER B 130 -6.62 -4.26 -14.15
CA SER B 130 -5.81 -4.02 -15.36
C SER B 130 -5.47 -2.54 -15.51
N GLY B 131 -4.39 -2.26 -16.24
CA GLY B 131 -3.91 -0.89 -16.47
C GLY B 131 -3.96 -0.48 -17.93
N LEU B 132 -3.23 0.57 -18.30
CA LEU B 132 -3.18 1.05 -19.69
C LEU B 132 -2.09 0.34 -20.46
N SER B 133 -2.43 -0.32 -21.55
CA SER B 133 -1.42 -0.94 -22.45
C SER B 133 -1.16 -0.12 -23.71
N LEU B 134 -2.00 0.89 -23.96
CA LEU B 134 -1.81 1.85 -25.06
C LEU B 134 -2.17 3.25 -24.54
N TYR B 135 -1.40 4.25 -24.94
CA TYR B 135 -1.55 5.64 -24.49
C TYR B 135 -0.96 6.53 -25.56
N SER B 136 -1.79 7.38 -26.16
CA SER B 136 -1.35 8.21 -27.29
C SER B 136 -2.08 9.55 -27.30
N VAL B 137 -1.31 10.63 -27.29
CA VAL B 137 -1.82 11.99 -27.26
C VAL B 137 -1.68 12.64 -28.63
N SER B 138 -2.76 13.28 -29.10
CA SER B 138 -2.77 13.97 -30.40
C SER B 138 -1.78 15.13 -30.45
N GLU B 139 -1.50 15.63 -31.64
CA GLU B 139 -0.45 16.66 -31.84
C GLU B 139 -0.82 18.01 -31.19
N ASP B 140 -2.11 18.39 -31.20
CA ASP B 140 -2.57 19.61 -30.48
C ASP B 140 -2.80 19.44 -28.95
N ALA B 141 -2.53 18.24 -28.43
CA ALA B 141 -2.71 17.91 -27.01
C ALA B 141 -4.16 17.93 -26.52
N LYS B 142 -5.13 17.93 -27.44
CA LYS B 142 -6.55 18.02 -27.09
C LYS B 142 -7.22 16.66 -26.87
N TYR B 143 -6.64 15.59 -27.42
CA TYR B 143 -7.22 14.25 -27.35
C TYR B 143 -6.23 13.22 -26.81
N PHE B 144 -6.75 12.26 -26.06
CA PHE B 144 -5.94 11.17 -25.49
C PHE B 144 -6.62 9.84 -25.83
N ALA B 145 -5.97 9.07 -26.71
CA ALA B 145 -6.39 7.71 -27.07
C ALA B 145 -5.75 6.72 -26.12
N PHE B 146 -6.56 5.88 -25.48
CA PHE B 146 -6.07 4.98 -24.43
C PHE B 146 -6.64 3.59 -24.57
N GLY B 147 -5.83 2.59 -24.25
CA GLY B 147 -6.20 1.18 -24.40
C GLY B 147 -6.41 0.47 -23.08
N ILE B 148 -7.61 -0.09 -22.91
CA ILE B 148 -8.03 -0.81 -21.70
C ILE B 148 -8.28 -2.29 -22.02
N HIS B 149 -8.36 -3.09 -20.96
CA HIS B 149 -8.69 -4.51 -21.09
C HIS B 149 -10.15 -4.75 -20.66
N SER B 150 -11.02 -5.01 -21.63
CA SER B 150 -12.44 -5.26 -21.36
C SER B 150 -12.69 -6.68 -20.83
N GLY B 151 -11.82 -7.63 -21.16
CA GLY B 151 -11.92 -9.00 -20.65
C GLY B 151 -10.72 -9.39 -19.79
N LEU B 152 -10.52 -10.70 -19.63
CA LEU B 152 -9.42 -11.25 -18.82
C LEU B 152 -8.12 -11.52 -19.61
N THR B 153 -8.22 -11.61 -20.94
CA THR B 153 -7.02 -11.73 -21.78
C THR B 153 -6.35 -10.36 -21.96
N GLU B 154 -5.18 -10.36 -22.62
CA GLU B 154 -4.47 -9.11 -22.93
C GLU B 154 -5.04 -8.34 -24.13
N TRP B 155 -6.13 -8.80 -24.77
CA TRP B 155 -6.71 -8.03 -25.89
C TRP B 155 -7.18 -6.63 -25.47
N VAL B 156 -7.03 -5.65 -26.37
CA VAL B 156 -7.20 -4.22 -26.05
C VAL B 156 -8.42 -3.61 -26.74
N THR B 157 -9.11 -2.73 -26.01
CA THR B 157 -10.19 -1.88 -26.53
C THR B 157 -9.68 -0.44 -26.45
N ILE B 158 -9.73 0.31 -27.57
CA ILE B 158 -9.28 1.71 -27.59
C ILE B 158 -10.44 2.69 -27.36
N LYS B 159 -10.27 3.57 -26.39
CA LYS B 159 -11.22 4.66 -26.08
C LYS B 159 -10.49 5.98 -26.24
N ILE B 160 -11.25 7.07 -26.34
CA ILE B 160 -10.69 8.41 -26.54
C ILE B 160 -11.34 9.41 -25.58
N LEU B 161 -10.56 10.30 -24.97
CA LEU B 161 -11.12 11.41 -24.16
C LEU B 161 -10.58 12.79 -24.53
N LYS B 162 -11.35 13.83 -24.20
CA LYS B 162 -10.90 15.23 -24.35
C LYS B 162 -10.09 15.62 -23.13
N THR B 163 -8.88 16.14 -23.34
CA THR B 163 -7.96 16.49 -22.24
C THR B 163 -8.44 17.67 -21.40
N GLU B 164 -9.16 18.62 -22.02
CA GLU B 164 -9.65 19.83 -21.31
C GLU B 164 -10.63 19.59 -20.16
N ASP B 165 -11.55 18.63 -20.30
CA ASP B 165 -12.49 18.27 -19.22
C ASP B 165 -12.56 16.77 -18.86
N ARG B 166 -11.72 15.95 -19.49
CA ARG B 166 -11.78 14.46 -19.38
C ARG B 166 -13.10 13.79 -19.82
N SER B 167 -13.90 14.45 -20.66
CA SER B 167 -15.13 13.84 -21.17
C SER B 167 -14.75 12.80 -22.24
N TYR B 168 -15.41 11.63 -22.18
CA TYR B 168 -15.16 10.54 -23.11
C TYR B 168 -15.89 10.78 -24.41
N LEU B 169 -15.22 10.53 -25.56
CA LEU B 169 -15.92 10.47 -26.83
CA LEU B 169 -15.92 10.45 -26.84
C LEU B 169 -16.63 9.10 -26.90
N PRO B 170 -17.67 8.97 -27.75
CA PRO B 170 -18.28 7.62 -27.84
C PRO B 170 -17.43 6.56 -28.60
N ASP B 171 -16.45 7.00 -29.40
CA ASP B 171 -15.67 6.08 -30.25
C ASP B 171 -15.11 4.89 -29.45
N THR B 172 -15.27 3.68 -29.98
CA THR B 172 -14.76 2.45 -29.36
C THR B 172 -14.17 1.55 -30.46
N LEU B 173 -12.89 1.17 -30.32
CA LEU B 173 -12.22 0.30 -31.30
C LEU B 173 -11.80 -1.01 -30.65
N GLU B 174 -12.33 -2.13 -31.14
CA GLU B 174 -11.97 -3.45 -30.62
C GLU B 174 -10.86 -4.09 -31.47
N TRP B 175 -10.37 -5.24 -31.01
CA TRP B 175 -9.51 -6.17 -31.77
C TRP B 175 -8.03 -5.71 -31.95
N VAL B 176 -7.51 -5.02 -30.94
CA VAL B 176 -6.09 -4.59 -30.93
C VAL B 176 -5.28 -5.45 -29.95
N LYS B 177 -4.06 -5.79 -30.35
CA LYS B 177 -3.08 -6.41 -29.45
C LYS B 177 -1.94 -5.41 -29.16
N PHE B 178 -0.94 -5.34 -30.03
CA PHE B 178 0.28 -4.59 -29.76
C PHE B 178 0.38 -3.27 -30.53
N SER B 179 -0.62 -2.95 -31.36
CA SER B 179 -0.56 -1.75 -32.20
C SER B 179 -0.57 -0.45 -31.38
N PRO B 180 0.14 0.58 -31.84
CA PRO B 180 -0.02 1.92 -31.30
C PRO B 180 -1.19 2.65 -31.97
N ALA B 181 -1.42 3.89 -31.57
CA ALA B 181 -2.39 4.77 -32.23
C ALA B 181 -1.59 5.98 -32.67
N ILE B 182 -1.50 6.18 -33.99
CA ILE B 182 -0.58 7.15 -34.58
C ILE B 182 -1.37 8.27 -35.23
N TRP B 183 -1.28 9.47 -34.66
CA TRP B 183 -2.12 10.59 -35.08
C TRP B 183 -1.55 11.29 -36.32
N THR B 184 -2.41 11.68 -37.25
CA THR B 184 -2.05 12.65 -38.30
C THR B 184 -2.02 14.07 -37.71
N HIS B 185 -1.24 14.96 -38.32
CA HIS B 185 -1.02 16.33 -37.83
C HIS B 185 -2.25 17.26 -37.98
N ASP B 186 -3.24 16.82 -38.76
CA ASP B 186 -4.54 17.52 -38.84
C ASP B 186 -5.45 17.31 -37.60
N ASN B 187 -5.10 16.37 -36.72
CA ASN B 187 -5.85 16.05 -35.49
C ASN B 187 -7.26 15.44 -35.73
N LYS B 188 -7.45 14.86 -36.91
CA LYS B 188 -8.76 14.30 -37.31
C LYS B 188 -8.87 12.80 -37.06
N GLY B 189 -7.77 12.15 -36.71
CA GLY B 189 -7.79 10.69 -36.58
C GLY B 189 -6.41 10.09 -36.42
N PHE B 190 -6.36 8.75 -36.42
CA PHE B 190 -5.11 8.03 -36.24
C PHE B 190 -5.10 6.68 -36.93
N PHE B 191 -3.88 6.25 -37.30
CA PHE B 191 -3.62 4.92 -37.85
C PHE B 191 -3.52 3.92 -36.71
N TYR B 192 -3.97 2.69 -36.96
CA TYR B 192 -3.80 1.59 -36.01
C TYR B 192 -3.95 0.28 -36.76
N CYS B 193 -3.45 -0.81 -36.19
CA CYS B 193 -3.32 -2.09 -36.90
C CYS B 193 -4.03 -3.27 -36.21
N PRO B 194 -5.37 -3.40 -36.37
CA PRO B 194 -6.13 -4.45 -35.72
C PRO B 194 -6.16 -5.80 -36.44
N TYR B 195 -6.63 -6.83 -35.72
CA TYR B 195 -6.95 -8.15 -36.29
C TYR B 195 -8.46 -8.21 -36.62
N PRO B 196 -8.90 -9.20 -37.42
CA PRO B 196 -10.34 -9.35 -37.67
C PRO B 196 -11.16 -9.58 -36.40
N PRO B 197 -12.48 -9.29 -36.43
CA PRO B 197 -13.30 -9.55 -35.22
C PRO B 197 -13.41 -11.03 -34.83
N LEU B 198 -13.67 -11.31 -33.56
CA LEU B 198 -14.16 -12.64 -33.14
C LEU B 198 -15.53 -12.91 -33.76
N LYS B 199 -15.72 -14.08 -34.35
CA LYS B 199 -17.05 -14.56 -34.77
C LYS B 199 -17.83 -15.06 -33.54
N GLU B 200 -19.12 -15.36 -33.75
CA GLU B 200 -20.06 -15.71 -32.66
C GLU B 200 -19.59 -16.77 -31.66
N GLY B 201 -19.13 -17.92 -32.15
CA GLY B 201 -18.66 -18.99 -31.24
C GLY B 201 -17.31 -18.74 -30.53
N GLU B 202 -16.47 -17.87 -31.10
CA GLU B 202 -15.03 -17.88 -30.81
C GLU B 202 -14.63 -17.29 -29.44
N ASP B 203 -13.40 -17.60 -29.03
CA ASP B 203 -12.84 -17.23 -27.73
C ASP B 203 -11.36 -16.89 -27.94
N HIS B 204 -10.93 -15.75 -27.38
CA HIS B 204 -9.54 -15.29 -27.47
C HIS B 204 -8.49 -16.32 -26.98
N MET B 205 -8.87 -17.19 -26.05
CA MET B 205 -8.01 -18.27 -25.54
C MET B 205 -7.84 -19.48 -26.48
N THR B 206 -8.73 -19.65 -27.45
CA THR B 206 -8.69 -20.83 -28.35
C THR B 206 -8.61 -20.50 -29.85
N ARG B 207 -8.55 -19.22 -30.21
CA ARG B 207 -8.51 -18.81 -31.61
C ARG B 207 -7.08 -18.37 -31.95
N SER B 208 -6.59 -18.80 -33.10
CA SER B 208 -5.32 -18.35 -33.64
C SER B 208 -5.59 -17.23 -34.65
N ALA B 209 -5.45 -15.98 -34.18
CA ALA B 209 -5.78 -14.81 -35.00
C ALA B 209 -4.77 -14.60 -36.13
N VAL B 210 -5.29 -14.34 -37.33
CA VAL B 210 -4.48 -14.13 -38.54
C VAL B 210 -5.03 -12.93 -39.33
N ASN B 211 -4.37 -12.59 -40.44
CA ASN B 211 -4.83 -11.54 -41.36
C ASN B 211 -4.89 -10.15 -40.73
N GLN B 212 -3.81 -9.76 -40.05
CA GLN B 212 -3.71 -8.42 -39.43
C GLN B 212 -3.86 -7.32 -40.50
N GLU B 213 -4.45 -6.20 -40.11
CA GLU B 213 -4.82 -5.12 -41.05
C GLU B 213 -4.17 -3.80 -40.63
N ALA B 214 -3.97 -2.90 -41.60
CA ALA B 214 -3.64 -1.50 -41.32
C ALA B 214 -4.87 -0.64 -41.61
N ARG B 215 -5.31 0.13 -40.61
CA ARG B 215 -6.54 0.92 -40.71
C ARG B 215 -6.31 2.38 -40.29
N TYR B 216 -7.23 3.25 -40.70
CA TYR B 216 -7.26 4.66 -40.25
C TYR B 216 -8.65 4.95 -39.69
N HIS B 217 -8.69 5.52 -38.47
CA HIS B 217 -9.96 5.88 -37.81
C HIS B 217 -10.17 7.38 -37.74
N PHE B 218 -11.28 7.87 -38.30
CA PHE B 218 -11.70 9.27 -38.16
C PHE B 218 -12.39 9.44 -36.82
N LEU B 219 -12.06 10.48 -36.08
CA LEU B 219 -12.76 10.81 -34.83
C LEU B 219 -14.22 11.12 -35.13
N GLY B 220 -15.13 10.62 -34.28
CA GLY B 220 -16.58 10.84 -34.43
C GLY B 220 -17.31 9.87 -35.34
N THR B 221 -16.66 8.76 -35.70
CA THR B 221 -17.25 7.69 -36.50
C THR B 221 -17.23 6.35 -35.75
N ASP B 222 -18.01 5.39 -36.24
CA ASP B 222 -18.02 4.02 -35.72
C ASP B 222 -16.81 3.28 -36.29
N GLN B 223 -16.33 2.26 -35.59
CA GLN B 223 -15.22 1.43 -36.09
C GLN B 223 -15.50 0.81 -37.47
N SER B 224 -16.76 0.52 -37.78
CA SER B 224 -17.15 -0.03 -39.10
C SER B 224 -16.80 0.87 -40.30
N GLU B 225 -16.68 2.19 -40.07
CA GLU B 225 -16.28 3.16 -41.12
C GLU B 225 -14.76 3.29 -41.35
N ASP B 226 -13.93 2.67 -40.51
CA ASP B 226 -12.46 2.85 -40.60
C ASP B 226 -11.89 2.39 -41.94
N ILE B 227 -10.99 3.20 -42.50
CA ILE B 227 -10.47 2.99 -43.85
C ILE B 227 -9.45 1.85 -43.85
N LEU B 228 -9.61 0.88 -44.76
CA LEU B 228 -8.63 -0.20 -44.94
C LEU B 228 -7.49 0.28 -45.84
N LEU B 229 -6.25 0.14 -45.35
CA LEU B 229 -5.05 0.56 -46.07
C LEU B 229 -4.20 -0.62 -46.55
N TRP B 230 -4.18 -1.72 -45.80
CA TRP B 230 -3.38 -2.90 -46.17
C TRP B 230 -3.94 -4.17 -45.52
N ARG B 231 -3.95 -5.23 -46.32
CA ARG B 231 -4.25 -6.58 -45.87
C ARG B 231 -3.57 -7.51 -46.91
N ASP B 232 -3.21 -8.72 -46.49
CA ASP B 232 -2.58 -9.70 -47.38
C ASP B 232 -3.11 -11.12 -47.07
N LEU B 233 -4.22 -11.47 -47.73
CA LEU B 233 -4.86 -12.78 -47.54
C LEU B 233 -3.99 -13.98 -47.95
N GLU B 234 -3.05 -13.78 -48.88
CA GLU B 234 -2.16 -14.87 -49.31
C GLU B 234 -0.92 -15.07 -48.42
N ASN B 235 -0.72 -14.19 -47.42
CA ASN B 235 0.31 -14.36 -46.40
C ASN B 235 -0.27 -14.05 -44.99
N PRO B 236 -1.17 -14.93 -44.47
CA PRO B 236 -1.90 -14.66 -43.22
C PRO B 236 -1.03 -14.40 -41.98
N ALA B 237 0.18 -14.96 -41.96
CA ALA B 237 1.09 -14.84 -40.82
C ALA B 237 1.89 -13.53 -40.79
N HIS B 238 2.01 -12.84 -41.92
CA HIS B 238 2.75 -11.56 -41.97
C HIS B 238 2.09 -10.52 -41.04
N HIS B 239 2.85 -9.98 -40.08
CA HIS B 239 2.32 -9.03 -39.08
C HIS B 239 2.92 -7.63 -39.28
N LEU B 240 2.43 -6.65 -38.52
CA LEU B 240 2.63 -5.23 -38.82
C LEU B 240 3.08 -4.37 -37.64
N LYS B 241 3.86 -3.35 -37.96
CA LYS B 241 4.11 -2.20 -37.09
C LYS B 241 3.96 -0.96 -37.95
N CYS B 242 3.79 0.20 -37.33
CA CYS B 242 3.70 1.45 -38.10
C CYS B 242 4.18 2.68 -37.35
N GLN B 243 4.31 3.76 -38.11
CA GLN B 243 4.96 4.99 -37.65
C GLN B 243 4.54 6.13 -38.60
N ILE B 244 4.58 7.37 -38.11
CA ILE B 244 4.46 8.56 -38.95
C ILE B 244 5.71 9.42 -38.72
N THR B 245 6.15 10.14 -39.75
CA THR B 245 7.37 10.94 -39.65
C THR B 245 7.08 12.24 -38.91
N ASP B 246 8.13 12.81 -38.30
CA ASP B 246 8.05 14.02 -37.47
C ASP B 246 7.41 15.24 -38.15
N ASP B 247 7.59 15.35 -39.47
CA ASP B 247 7.02 16.44 -40.27
C ASP B 247 5.55 16.24 -40.69
N GLY B 248 4.99 15.06 -40.41
CA GLY B 248 3.62 14.72 -40.75
C GLY B 248 3.41 14.20 -42.17
N LYS B 249 4.47 14.13 -42.97
CA LYS B 249 4.33 13.90 -44.42
C LYS B 249 4.07 12.44 -44.82
N TYR B 250 4.69 11.49 -44.10
CA TYR B 250 4.72 10.09 -44.52
C TYR B 250 4.24 9.13 -43.43
N PHE B 251 3.29 8.26 -43.81
CA PHE B 251 2.91 7.10 -43.00
C PHE B 251 3.78 5.92 -43.42
N LEU B 252 4.48 5.32 -42.47
CA LEU B 252 5.38 4.20 -42.72
C LEU B 252 4.76 2.92 -42.17
N LEU B 253 4.61 1.93 -43.04
CA LEU B 253 4.15 0.60 -42.65
C LEU B 253 5.31 -0.38 -42.75
N TYR B 254 5.65 -1.02 -41.63
CA TYR B 254 6.66 -2.08 -41.59
C TYR B 254 5.95 -3.43 -41.57
N ILE B 255 6.39 -4.37 -42.43
CA ILE B 255 5.78 -5.72 -42.51
C ILE B 255 6.82 -6.76 -42.11
N LEU B 256 6.45 -7.62 -41.15
CA LEU B 256 7.34 -8.62 -40.57
C LEU B 256 6.82 -10.02 -40.81
N ASP B 257 7.74 -10.99 -40.80
CA ASP B 257 7.41 -12.40 -40.92
C ASP B 257 8.13 -13.17 -39.83
N GLY B 258 7.34 -13.64 -38.87
CA GLY B 258 7.88 -14.33 -37.73
C GLY B 258 8.61 -13.36 -36.80
N CYS B 259 9.42 -13.93 -35.93
CA CYS B 259 10.08 -13.19 -34.87
C CYS B 259 11.36 -12.46 -35.29
N ASP B 260 11.84 -12.72 -36.50
CA ASP B 260 13.13 -12.23 -36.96
C ASP B 260 13.22 -10.70 -36.92
N ASP B 261 14.45 -10.21 -36.89
CA ASP B 261 14.73 -8.80 -37.07
C ASP B 261 15.06 -8.60 -38.55
N ALA B 262 13.99 -8.59 -39.33
CA ALA B 262 14.01 -8.33 -40.76
C ALA B 262 12.61 -7.86 -41.12
N ASN B 263 12.51 -6.70 -41.77
CA ASN B 263 11.21 -6.11 -42.11
C ASN B 263 11.20 -5.37 -43.45
N LYS B 264 10.00 -5.27 -44.03
CA LYS B 264 9.76 -4.45 -45.21
C LYS B 264 9.55 -3.01 -44.79
N VAL B 265 9.63 -2.10 -45.75
CA VAL B 265 9.36 -0.67 -45.53
C VAL B 265 8.51 -0.13 -46.68
N TYR B 266 7.25 0.19 -46.38
CA TYR B 266 6.31 0.79 -47.32
C TYR B 266 6.03 2.24 -46.85
N CYS B 267 6.09 3.19 -47.79
CA CYS B 267 5.93 4.61 -47.51
C CYS B 267 4.72 5.15 -48.28
N LEU B 268 3.82 5.86 -47.57
CA LEU B 268 2.68 6.52 -48.16
C LEU B 268 2.81 8.04 -47.96
N ASP B 269 2.92 8.77 -49.06
CA ASP B 269 3.02 10.23 -49.05
C ASP B 269 1.64 10.84 -48.83
N LEU B 270 1.40 11.33 -47.62
CA LEU B 270 0.09 11.86 -47.22
C LEU B 270 -0.26 13.20 -47.89
N THR B 271 0.75 13.95 -48.30
CA THR B 271 0.54 15.27 -48.94
C THR B 271 0.13 15.20 -50.42
N LYS B 272 0.12 14.01 -51.04
CA LYS B 272 -0.24 13.87 -52.47
C LYS B 272 -1.48 13.00 -52.72
N LEU B 273 -2.39 12.95 -51.75
CA LEU B 273 -3.65 12.21 -51.87
C LEU B 273 -4.73 13.15 -52.38
N PRO B 274 -5.45 12.76 -53.46
CA PRO B 274 -6.50 13.64 -54.02
C PRO B 274 -7.61 14.03 -53.05
N ASN B 275 -8.06 13.07 -52.23
CA ASN B 275 -9.26 13.23 -51.39
C ASN B 275 -9.01 12.84 -49.92
N GLY B 276 -7.85 13.22 -49.39
CA GLY B 276 -7.44 12.85 -48.02
C GLY B 276 -7.21 11.35 -47.93
N LEU B 277 -7.53 10.75 -46.78
CA LEU B 277 -7.50 9.28 -46.60
C LEU B 277 -8.84 8.59 -46.99
N GLU B 278 -9.86 9.40 -47.28
CA GLU B 278 -11.17 8.89 -47.69
C GLU B 278 -11.20 8.34 -49.12
N SER B 279 -10.14 8.58 -49.89
CA SER B 279 -9.95 7.97 -51.21
C SER B 279 -10.09 6.43 -51.28
N PHE B 280 -9.93 5.73 -50.14
CA PHE B 280 -10.00 4.26 -50.10
C PHE B 280 -11.08 3.80 -49.13
N SER B 286 -5.93 -1.42 -52.21
CA SER B 286 -5.00 -0.82 -51.24
C SER B 286 -4.53 0.58 -51.67
N ALA B 287 -3.84 1.25 -50.75
CA ALA B 287 -3.27 2.57 -50.97
C ALA B 287 -1.98 2.50 -51.79
N PRO B 288 -1.63 3.59 -52.52
CA PRO B 288 -0.43 3.59 -53.37
C PRO B 288 0.88 3.78 -52.58
N PHE B 289 1.30 2.74 -51.88
CA PHE B 289 2.56 2.75 -51.16
C PHE B 289 3.73 2.67 -52.12
N MET B 290 4.79 3.44 -51.85
CA MET B 290 6.10 3.21 -52.47
CA MET B 290 6.10 3.19 -52.47
C MET B 290 6.76 2.09 -51.67
N LYS B 291 7.10 0.98 -52.34
CA LYS B 291 7.69 -0.17 -51.67
C LYS B 291 9.23 -0.08 -51.70
N LEU B 292 9.77 0.73 -50.80
CA LEU B 292 11.21 0.99 -50.68
C LEU B 292 11.98 -0.31 -50.49
N ILE B 293 11.56 -1.11 -49.50
CA ILE B 293 12.10 -2.43 -49.25
C ILE B 293 10.95 -3.43 -49.33
N ASP B 294 11.07 -4.45 -50.20
CA ASP B 294 10.00 -5.43 -50.42
C ASP B 294 10.42 -6.91 -50.19
N SER B 295 11.41 -7.12 -49.31
CA SER B 295 11.81 -8.48 -48.92
C SER B 295 12.23 -8.51 -47.46
N PHE B 296 12.52 -9.71 -46.95
CA PHE B 296 12.91 -9.92 -45.55
C PHE B 296 14.43 -10.11 -45.38
N ASP B 297 15.22 -9.29 -46.07
CA ASP B 297 16.70 -9.39 -46.06
C ASP B 297 17.35 -8.71 -44.85
N ALA B 298 16.75 -7.63 -44.34
CA ALA B 298 17.36 -6.83 -43.26
C ALA B 298 16.34 -6.01 -42.47
N SER B 299 16.76 -5.51 -41.31
CA SER B 299 15.95 -4.62 -40.46
C SER B 299 16.14 -3.17 -40.92
N TYR B 300 15.06 -2.39 -40.86
CA TYR B 300 15.06 -0.98 -41.24
C TYR B 300 14.10 -0.22 -40.33
N THR B 301 14.63 0.77 -39.59
CA THR B 301 13.83 1.69 -38.81
C THR B 301 14.15 3.12 -39.20
N ALA B 302 13.13 3.90 -39.53
CA ALA B 302 13.30 5.30 -39.94
C ALA B 302 13.59 6.14 -38.71
N ILE B 303 14.67 6.93 -38.77
CA ILE B 303 15.08 7.81 -37.66
C ILE B 303 14.70 9.27 -37.92
N ALA B 304 14.90 9.73 -39.16
CA ALA B 304 14.60 11.12 -39.53
C ALA B 304 14.52 11.25 -41.04
N ASN B 305 13.97 12.39 -41.46
CA ASN B 305 13.88 12.72 -42.87
C ASN B 305 13.88 14.23 -43.07
N ASP B 306 14.46 14.67 -44.18
CA ASP B 306 14.32 16.03 -44.69
C ASP B 306 13.75 15.86 -46.10
N GLY B 307 12.48 16.20 -46.27
CA GLY B 307 11.73 15.90 -47.49
C GLY B 307 11.77 14.41 -47.76
N SER B 308 12.21 14.03 -48.97
CA SER B 308 12.34 12.64 -49.37
C SER B 308 13.70 11.97 -49.03
N VAL B 309 14.62 12.70 -48.38
CA VAL B 309 15.92 12.14 -47.97
C VAL B 309 15.79 11.53 -46.55
N PHE B 310 15.82 10.20 -46.45
CA PHE B 310 15.59 9.48 -45.19
C PHE B 310 16.88 8.97 -44.54
N THR B 311 16.85 8.87 -43.22
CA THR B 311 17.94 8.27 -42.44
C THR B 311 17.40 7.04 -41.73
N PHE B 312 17.98 5.87 -42.03
CA PHE B 312 17.54 4.59 -41.44
C PHE B 312 18.60 3.97 -40.52
N GLN B 313 18.13 3.31 -39.45
CA GLN B 313 18.94 2.30 -38.75
C GLN B 313 18.74 0.99 -39.49
N THR B 314 19.81 0.21 -39.62
CA THR B 314 19.73 -1.07 -40.34
C THR B 314 20.81 -2.07 -39.92
N ASN B 315 20.49 -3.36 -40.06
CA ASN B 315 21.48 -4.43 -39.92
C ASN B 315 21.97 -5.01 -41.26
N LYS B 316 21.67 -4.31 -42.37
CA LYS B 316 22.04 -4.72 -43.73
C LYS B 316 23.56 -4.76 -43.88
N ASP B 317 24.09 -5.98 -44.04
CA ASP B 317 25.54 -6.24 -44.08
C ASP B 317 26.26 -5.71 -42.84
N ALA B 318 25.54 -5.71 -41.71
CA ALA B 318 25.97 -5.02 -40.49
C ALA B 318 25.30 -5.64 -39.25
N PRO B 319 25.82 -6.79 -38.78
CA PRO B 319 25.22 -7.46 -37.62
C PRO B 319 25.18 -6.64 -36.32
N ARG B 320 26.08 -5.67 -36.15
CA ARG B 320 26.03 -4.73 -35.02
C ARG B 320 25.26 -3.42 -35.29
N LYS B 321 24.69 -3.30 -36.49
CA LYS B 321 23.89 -2.15 -36.95
C LYS B 321 24.71 -0.89 -37.30
N LYS B 322 24.04 0.02 -37.99
CA LYS B 322 24.61 1.27 -38.48
C LYS B 322 23.52 2.22 -38.93
N LEU B 323 23.89 3.47 -39.22
CA LEU B 323 22.96 4.44 -39.83
C LEU B 323 23.29 4.65 -41.31
N VAL B 324 22.24 4.72 -42.13
CA VAL B 324 22.37 4.91 -43.58
C VAL B 324 21.34 5.91 -44.12
N ARG B 325 21.66 6.50 -45.28
CA ARG B 325 20.84 7.55 -45.88
C ARG B 325 20.43 7.17 -47.31
N VAL B 326 19.23 7.56 -47.69
CA VAL B 326 18.67 7.23 -49.02
C VAL B 326 17.61 8.28 -49.42
N ASP B 327 17.58 8.59 -50.73
CA ASP B 327 16.58 9.50 -51.30
C ASP B 327 15.49 8.63 -51.95
N LEU B 328 14.24 8.84 -51.56
CA LEU B 328 13.11 8.11 -52.16
C LEU B 328 12.99 8.33 -53.68
N ASN B 329 13.35 9.53 -54.16
CA ASN B 329 13.40 9.81 -55.61
C ASN B 329 14.50 9.04 -56.39
N ASN B 330 15.51 8.54 -55.68
CA ASN B 330 16.56 7.67 -56.26
C ASN B 330 16.75 6.43 -55.35
N PRO B 331 15.77 5.49 -55.38
CA PRO B 331 15.63 4.52 -54.28
C PRO B 331 16.75 3.50 -54.10
N SER B 332 17.52 3.21 -55.15
CA SER B 332 18.53 2.16 -55.09
C SER B 332 19.93 2.61 -54.60
N VAL B 333 20.09 3.88 -54.21
CA VAL B 333 21.41 4.44 -53.84
C VAL B 333 21.49 4.74 -52.32
N TRP B 334 21.96 3.75 -51.56
CA TRP B 334 22.13 3.85 -50.10
C TRP B 334 23.57 4.23 -49.71
N THR B 335 23.72 5.16 -48.77
CA THR B 335 25.05 5.66 -48.33
C THR B 335 25.14 5.67 -46.82
N ASP B 336 26.27 5.17 -46.29
CA ASP B 336 26.52 5.13 -44.84
C ASP B 336 26.68 6.54 -44.27
N LEU B 337 26.07 6.77 -43.10
CA LEU B 337 26.15 8.03 -42.36
C LEU B 337 27.00 7.83 -41.10
N VAL B 338 26.65 6.82 -40.31
CA VAL B 338 27.45 6.37 -39.17
C VAL B 338 27.77 4.89 -39.43
N PRO B 339 29.04 4.58 -39.79
CA PRO B 339 29.36 3.16 -40.06
C PRO B 339 29.20 2.23 -38.85
N GLU B 340 29.03 0.94 -39.13
CA GLU B 340 29.01 -0.11 -38.10
C GLU B 340 30.24 0.00 -37.20
N SER B 341 30.03 0.01 -35.88
CA SER B 341 31.13 -0.06 -34.92
C SER B 341 31.79 -1.44 -34.99
N LYS B 342 33.10 -1.48 -34.84
CA LYS B 342 33.85 -2.74 -34.88
C LYS B 342 33.62 -3.62 -33.66
N LYS B 343 33.18 -3.02 -32.54
CA LYS B 343 33.00 -3.72 -31.26
C LYS B 343 31.55 -3.82 -30.77
N ASP B 344 30.79 -2.71 -30.88
CA ASP B 344 29.56 -2.53 -30.12
C ASP B 344 28.28 -2.44 -30.96
N LEU B 345 27.19 -2.94 -30.38
CA LEU B 345 25.86 -2.88 -30.98
C LEU B 345 25.32 -1.45 -30.90
N LEU B 346 24.86 -0.93 -32.04
CA LEU B 346 24.04 0.29 -32.06
C LEU B 346 22.58 -0.13 -31.79
N GLU B 347 22.13 0.06 -30.56
CA GLU B 347 20.83 -0.49 -30.13
C GLU B 347 19.68 0.38 -30.66
N SER B 348 19.79 1.70 -30.50
CA SER B 348 18.79 2.63 -31.03
C SER B 348 19.37 4.03 -31.30
N ALA B 349 18.66 4.78 -32.15
CA ALA B 349 18.99 6.16 -32.53
C ALA B 349 17.75 7.05 -32.53
N HIS B 350 17.97 8.32 -32.20
CA HIS B 350 16.87 9.30 -32.01
C HIS B 350 17.30 10.69 -32.48
N ALA B 351 16.51 11.31 -33.36
CA ALA B 351 16.76 12.67 -33.81
C ALA B 351 16.27 13.69 -32.80
N VAL B 352 17.12 14.67 -32.47
CA VAL B 352 16.84 15.67 -31.43
C VAL B 352 17.45 17.03 -31.75
N ASN B 353 16.87 18.09 -31.15
CA ASN B 353 17.36 19.48 -31.25
C ASN B 353 17.53 19.94 -32.70
N GLU B 354 16.56 19.55 -33.55
CA GLU B 354 16.54 19.84 -35.01
C GLU B 354 17.64 19.20 -35.87
N ASN B 355 18.91 19.24 -35.42
CA ASN B 355 20.04 18.82 -36.26
C ASN B 355 21.07 17.96 -35.51
N GLN B 356 20.62 17.18 -34.53
CA GLN B 356 21.49 16.27 -33.77
C GLN B 356 20.84 14.90 -33.58
N LEU B 357 21.69 13.93 -33.26
CA LEU B 357 21.30 12.55 -32.99
C LEU B 357 21.82 12.13 -31.62
N ILE B 358 21.01 11.37 -30.87
CA ILE B 358 21.49 10.60 -29.72
C ILE B 358 21.48 9.15 -30.14
N LEU B 359 22.64 8.49 -30.00
CA LEU B 359 22.83 7.07 -30.32
C LEU B 359 23.07 6.30 -29.02
N ARG B 360 22.40 5.15 -28.88
CA ARG B 360 22.50 4.31 -27.71
C ARG B 360 23.24 3.04 -28.13
N TYR B 361 24.46 2.91 -27.62
CA TYR B 361 25.31 1.76 -27.87
C TYR B 361 25.30 0.82 -26.66
N LEU B 362 25.37 -0.48 -26.94
CA LEU B 362 25.59 -1.52 -25.93
C LEU B 362 27.01 -2.10 -26.06
N SER B 363 27.85 -1.80 -25.07
CA SER B 363 29.28 -2.14 -25.08
C SER B 363 29.63 -3.07 -23.92
N ASP B 364 29.72 -4.37 -24.20
CA ASP B 364 29.84 -5.42 -23.17
C ASP B 364 28.70 -5.35 -22.13
N VAL B 365 27.48 -5.21 -22.62
CA VAL B 365 26.26 -5.13 -21.80
C VAL B 365 26.23 -3.92 -20.84
N LYS B 366 26.84 -2.80 -21.24
CA LYS B 366 26.70 -1.50 -20.56
C LYS B 366 26.39 -0.46 -21.64
N HIS B 367 25.46 0.46 -21.34
CA HIS B 367 25.07 1.46 -22.33
C HIS B 367 26.08 2.61 -22.41
N VAL B 368 26.25 3.13 -23.63
CA VAL B 368 27.04 4.32 -23.89
C VAL B 368 26.20 5.21 -24.82
N LEU B 369 26.05 6.48 -24.44
CA LEU B 369 25.36 7.47 -25.27
C LEU B 369 26.38 8.34 -26.03
N GLU B 370 26.16 8.49 -27.33
CA GLU B 370 26.91 9.42 -28.17
C GLU B 370 25.99 10.49 -28.73
N ILE B 371 26.43 11.75 -28.66
CA ILE B 371 25.75 12.87 -29.30
C ILE B 371 26.46 13.15 -30.64
N ARG B 372 25.68 13.23 -31.71
CA ARG B 372 26.22 13.43 -33.05
C ARG B 372 25.47 14.48 -33.85
N ASP B 373 26.15 15.05 -34.85
CA ASP B 373 25.52 15.94 -35.83
C ASP B 373 24.74 15.10 -36.87
N LEU B 374 23.50 15.51 -37.16
CA LEU B 374 22.61 14.75 -38.05
C LEU B 374 23.07 14.74 -39.51
N GLU B 375 23.42 15.91 -40.04
CA GLU B 375 23.81 16.02 -41.45
C GLU B 375 25.10 15.26 -41.75
N SER B 376 26.18 15.58 -41.03
CA SER B 376 27.51 15.00 -41.30
C SER B 376 27.72 13.61 -40.70
N GLY B 377 27.12 13.38 -39.53
CA GLY B 377 27.25 12.12 -38.78
C GLY B 377 28.39 12.09 -37.78
N ALA B 378 29.00 13.25 -37.50
CA ALA B 378 30.25 13.31 -36.72
C ALA B 378 30.00 13.32 -35.22
N LEU B 379 30.89 12.66 -34.48
CA LEU B 379 30.83 12.60 -33.03
C LEU B 379 31.04 13.97 -32.39
N GLN B 380 30.20 14.32 -31.41
CA GLN B 380 30.35 15.57 -30.64
C GLN B 380 30.69 15.31 -29.16
N HIS B 381 29.89 14.48 -28.49
CA HIS B 381 30.10 14.11 -27.08
C HIS B 381 29.86 12.62 -26.84
N ARG B 382 30.50 12.08 -25.79
CA ARG B 382 30.38 10.66 -25.43
C ARG B 382 30.23 10.53 -23.91
N LEU B 383 29.14 9.88 -23.48
CA LEU B 383 28.77 9.75 -22.06
C LEU B 383 28.64 8.27 -21.67
N PRO B 384 29.62 7.71 -20.93
CA PRO B 384 29.48 6.32 -20.45
C PRO B 384 28.50 6.20 -19.28
N ILE B 385 27.67 5.18 -19.30
CA ILE B 385 26.67 4.95 -18.23
C ILE B 385 27.16 3.82 -17.33
N ASP B 386 26.83 3.90 -16.04
CA ASP B 386 27.19 2.86 -15.07
C ASP B 386 26.43 1.55 -15.33
N ILE B 387 26.84 0.48 -14.64
CA ILE B 387 26.13 -0.80 -14.72
C ILE B 387 24.65 -0.56 -14.46
N GLY B 388 23.82 -0.99 -15.42
CA GLY B 388 22.39 -0.68 -15.40
C GLY B 388 21.84 -0.58 -16.79
N SER B 389 20.83 0.28 -16.96
CA SER B 389 20.13 0.40 -18.23
C SER B 389 19.56 1.81 -18.44
N VAL B 390 19.91 2.43 -19.57
CA VAL B 390 19.21 3.59 -20.10
C VAL B 390 18.19 3.13 -21.14
N ASP B 391 16.96 3.61 -21.03
CA ASP B 391 15.96 3.44 -22.09
C ASP B 391 14.86 4.50 -22.00
N GLY B 392 13.86 4.37 -22.87
CA GLY B 392 12.70 5.24 -22.85
C GLY B 392 12.95 6.64 -23.36
N ILE B 393 13.79 6.76 -24.38
CA ILE B 393 14.01 8.03 -25.08
C ILE B 393 12.85 8.21 -26.06
N THR B 394 11.98 9.17 -25.74
CA THR B 394 10.76 9.44 -26.51
C THR B 394 10.72 10.85 -27.09
N ALA B 395 11.77 11.64 -26.86
CA ALA B 395 11.81 13.02 -27.33
C ALA B 395 11.79 13.02 -28.86
N ARG B 396 11.17 14.03 -29.45
CA ARG B 396 11.07 14.14 -30.90
C ARG B 396 12.06 15.19 -31.44
N ARG B 397 12.19 15.22 -32.76
CA ARG B 397 13.17 16.08 -33.43
C ARG B 397 13.10 17.56 -33.04
N ARG B 398 11.89 18.07 -32.82
CA ARG B 398 11.72 19.49 -32.48
C ARG B 398 12.14 19.86 -31.04
N ASP B 399 12.34 18.88 -30.16
CA ASP B 399 12.67 19.15 -28.74
C ASP B 399 14.17 19.38 -28.50
N SER B 400 14.48 20.41 -27.71
CA SER B 400 15.87 20.73 -27.31
C SER B 400 16.30 20.09 -25.98
N VAL B 401 15.32 19.61 -25.20
CA VAL B 401 15.57 18.90 -23.93
C VAL B 401 15.16 17.43 -24.11
N VAL B 402 16.08 16.51 -23.78
CA VAL B 402 15.84 15.08 -23.88
C VAL B 402 15.74 14.49 -22.47
N PHE B 403 14.78 13.60 -22.29
CA PHE B 403 14.61 12.86 -21.04
C PHE B 403 14.79 11.37 -21.28
N PHE B 404 15.29 10.67 -20.28
CA PHE B 404 15.37 9.20 -20.30
C PHE B 404 15.47 8.62 -18.89
N LYS B 405 15.23 7.32 -18.78
CA LYS B 405 15.15 6.63 -17.49
C LYS B 405 16.37 5.77 -17.27
N PHE B 406 16.86 5.73 -16.03
CA PHE B 406 17.97 4.87 -15.63
C PHE B 406 17.56 3.99 -14.45
N THR B 407 17.90 2.70 -14.57
CA THR B 407 17.63 1.72 -13.52
CA THR B 407 17.59 1.72 -13.56
C THR B 407 18.82 0.78 -13.40
N SER B 408 19.01 0.23 -12.20
CA SER B 408 20.07 -0.75 -11.95
C SER B 408 19.65 -1.68 -10.81
N ILE B 409 20.42 -2.73 -10.58
CA ILE B 409 20.13 -3.68 -9.49
C ILE B 409 20.03 -2.95 -8.14
N LEU B 410 20.90 -1.97 -7.92
CA LEU B 410 20.92 -1.20 -6.67
C LEU B 410 20.46 0.27 -6.82
N THR B 411 19.76 0.59 -7.90
CA THR B 411 19.27 1.96 -8.15
C THR B 411 17.83 1.91 -8.65
N PRO B 412 16.84 2.30 -7.80
CA PRO B 412 15.43 2.09 -8.15
C PRO B 412 14.90 2.85 -9.36
N GLY B 413 15.36 4.07 -9.63
CA GLY B 413 14.89 4.81 -10.80
C GLY B 413 15.21 6.29 -10.83
N ILE B 414 16.02 6.71 -11.81
CA ILE B 414 16.33 8.12 -12.06
C ILE B 414 15.82 8.51 -13.45
N VAL B 415 15.10 9.63 -13.52
CA VAL B 415 14.81 10.29 -14.80
C VAL B 415 15.87 11.36 -15.00
N TYR B 416 16.73 11.18 -16.00
CA TYR B 416 17.79 12.16 -16.33
C TYR B 416 17.29 13.16 -17.37
N GLN B 417 17.95 14.32 -17.40
CA GLN B 417 17.66 15.41 -18.32
C GLN B 417 18.95 15.82 -19.02
N CYS B 418 18.92 15.90 -20.34
CA CYS B 418 20.05 16.42 -21.13
C CYS B 418 19.57 17.60 -21.98
N ASP B 419 19.86 18.81 -21.50
CA ASP B 419 19.61 20.05 -22.25
C ASP B 419 20.72 20.22 -23.29
N LEU B 420 20.39 20.06 -24.56
CA LEU B 420 21.42 20.07 -25.63
C LEU B 420 21.95 21.46 -25.97
N LYS B 421 21.11 22.49 -25.89
CA LYS B 421 21.53 23.87 -26.16
C LYS B 421 22.34 24.48 -25.02
N ASN B 422 21.80 24.44 -23.80
CA ASN B 422 22.37 25.16 -22.66
C ASN B 422 23.61 24.47 -22.08
N ASP B 423 23.60 23.14 -22.01
CA ASP B 423 24.78 22.37 -21.59
C ASP B 423 24.67 20.89 -22.02
N PRO B 424 25.12 20.55 -23.24
CA PRO B 424 24.98 19.16 -23.73
C PRO B 424 25.93 18.10 -23.12
N THR B 425 26.90 18.50 -22.30
CA THR B 425 27.94 17.59 -21.81
C THR B 425 27.43 16.62 -20.74
N GLN B 426 26.89 17.16 -19.66
CA GLN B 426 26.52 16.36 -18.48
C GLN B 426 25.01 16.10 -18.40
N LEU B 427 24.63 15.26 -17.44
CA LEU B 427 23.25 14.87 -17.21
C LEU B 427 22.82 15.39 -15.84
N LYS B 428 21.63 15.96 -15.77
CA LYS B 428 21.06 16.45 -14.51
C LYS B 428 19.95 15.52 -14.05
N ILE B 429 19.77 15.41 -12.73
CA ILE B 429 18.73 14.60 -12.14
C ILE B 429 17.41 15.37 -12.13
N PHE B 430 16.42 14.89 -12.90
CA PHE B 430 15.06 15.44 -12.91
C PHE B 430 14.24 14.85 -11.77
N ARG B 431 14.25 13.51 -11.68
CA ARG B 431 13.58 12.76 -10.60
C ARG B 431 14.43 11.58 -10.20
N GLU B 432 14.37 11.23 -8.92
CA GLU B 432 15.16 10.15 -8.35
C GLU B 432 14.36 9.40 -7.29
N SER B 433 14.04 8.14 -7.56
CA SER B 433 13.40 7.26 -6.58
C SER B 433 14.40 6.79 -5.51
N VAL B 434 13.90 6.50 -4.31
CA VAL B 434 14.72 6.00 -3.20
C VAL B 434 14.01 4.85 -2.49
N VAL B 435 14.73 3.74 -2.25
CA VAL B 435 14.22 2.59 -1.50
C VAL B 435 14.25 2.93 0.00
N PRO B 436 13.09 2.86 0.69
CA PRO B 436 13.07 3.20 2.13
C PRO B 436 13.81 2.20 3.00
N ASP B 437 14.68 2.72 3.87
CA ASP B 437 15.39 1.93 4.89
C ASP B 437 16.27 0.82 4.26
N PHE B 438 17.03 1.20 3.24
CA PHE B 438 17.93 0.29 2.53
C PHE B 438 19.26 0.97 2.27
N ASP B 439 20.32 0.45 2.88
CA ASP B 439 21.67 0.96 2.69
C ASP B 439 22.30 0.29 1.46
N ARG B 440 22.25 1.02 0.34
CA ARG B 440 22.87 0.69 -0.94
C ARG B 440 24.37 0.37 -0.87
N SER B 441 25.10 1.07 0.01
CA SER B 441 26.55 0.96 0.10
C SER B 441 27.09 -0.40 0.59
N GLU B 442 26.23 -1.22 1.21
CA GLU B 442 26.63 -2.55 1.69
C GLU B 442 26.74 -3.64 0.61
N PHE B 443 26.32 -3.33 -0.63
CA PHE B 443 26.27 -4.29 -1.73
C PHE B 443 27.01 -3.79 -2.96
N GLU B 444 27.35 -4.72 -3.85
CA GLU B 444 28.08 -4.43 -5.09
C GLU B 444 27.58 -5.31 -6.24
N VAL B 445 27.77 -4.82 -7.47
CA VAL B 445 27.53 -5.61 -8.68
C VAL B 445 28.81 -5.61 -9.52
N LYS B 446 29.22 -6.81 -9.97
CA LYS B 446 30.41 -6.99 -10.81
C LYS B 446 30.06 -7.83 -12.04
N GLN B 447 30.79 -7.59 -13.11
CA GLN B 447 30.70 -8.37 -14.35
C GLN B 447 31.90 -9.29 -14.49
N VAL B 448 31.65 -10.54 -14.85
CA VAL B 448 32.74 -11.48 -15.20
C VAL B 448 32.38 -12.19 -16.50
N PHE B 449 33.39 -12.67 -17.21
CA PHE B 449 33.23 -13.31 -18.52
C PHE B 449 33.69 -14.74 -18.39
N VAL B 450 32.77 -15.68 -18.58
CA VAL B 450 32.98 -17.10 -18.27
C VAL B 450 32.93 -17.92 -19.55
N PRO B 451 33.87 -18.87 -19.74
CA PRO B 451 33.82 -19.72 -20.92
C PRO B 451 32.69 -20.78 -20.90
N SER B 452 31.90 -20.80 -21.97
CA SER B 452 30.91 -21.85 -22.20
C SER B 452 31.58 -23.16 -22.63
N LYS B 453 30.78 -24.18 -22.92
CA LYS B 453 31.29 -25.48 -23.38
C LYS B 453 32.22 -25.38 -24.61
N ASP B 454 31.83 -24.58 -25.60
CA ASP B 454 32.60 -24.41 -26.86
C ASP B 454 33.65 -23.30 -26.84
N GLY B 455 33.87 -22.68 -25.68
CA GLY B 455 34.85 -21.61 -25.52
C GLY B 455 34.31 -20.20 -25.51
N THR B 456 33.16 -19.97 -26.14
CA THR B 456 32.55 -18.65 -26.23
C THR B 456 32.42 -18.03 -24.83
N LYS B 457 32.85 -16.78 -24.69
CA LYS B 457 32.78 -16.11 -23.38
C LYS B 457 31.40 -15.48 -23.13
N ILE B 458 30.82 -15.82 -21.99
CA ILE B 458 29.45 -15.41 -21.64
C ILE B 458 29.57 -14.38 -20.52
N PRO B 459 29.12 -13.14 -20.77
CA PRO B 459 29.10 -12.15 -19.69
C PRO B 459 28.06 -12.51 -18.64
N ILE B 460 28.39 -12.37 -17.35
CA ILE B 460 27.39 -12.51 -16.29
C ILE B 460 27.58 -11.38 -15.28
N PHE B 461 26.45 -10.85 -14.76
CA PHE B 461 26.51 -9.95 -13.61
C PHE B 461 26.33 -10.75 -12.33
N ILE B 462 27.07 -10.40 -11.28
CA ILE B 462 26.96 -11.03 -9.97
C ILE B 462 26.76 -9.95 -8.90
N ALA B 463 25.63 -10.02 -8.20
CA ALA B 463 25.27 -9.06 -7.15
C ALA B 463 25.33 -9.76 -5.79
N ALA B 464 25.92 -9.11 -4.80
CA ALA B 464 26.13 -9.71 -3.48
C ALA B 464 26.57 -8.69 -2.44
N ARG B 465 26.46 -9.06 -1.16
CA ARG B 465 27.04 -8.24 -0.10
C ARG B 465 28.55 -8.12 -0.30
N LYS B 466 29.11 -6.95 0.01
CA LYS B 466 30.56 -6.72 -0.08
C LYS B 466 31.30 -7.60 0.91
N GLY B 467 32.41 -8.18 0.46
CA GLY B 467 33.33 -8.89 1.33
C GLY B 467 32.93 -10.27 1.81
N ILE B 468 31.97 -10.92 1.16
CA ILE B 468 31.63 -12.32 1.50
C ILE B 468 32.79 -13.25 1.17
N SER B 469 32.89 -14.37 1.90
CA SER B 469 33.89 -15.40 1.64
C SER B 469 33.39 -16.36 0.57
N LEU B 470 34.25 -16.67 -0.40
CA LEU B 470 33.90 -17.61 -1.46
C LEU B 470 34.15 -19.03 -0.99
N ASP B 471 33.26 -19.50 -0.11
CA ASP B 471 33.40 -20.80 0.56
C ASP B 471 32.29 -21.80 0.20
N GLY B 472 31.50 -21.50 -0.84
CA GLY B 472 30.40 -22.37 -1.28
C GLY B 472 29.11 -22.36 -0.44
N SER B 473 29.05 -21.49 0.58
CA SER B 473 27.97 -21.55 1.57
C SER B 473 26.71 -20.73 1.26
N HIS B 474 26.71 -19.96 0.17
CA HIS B 474 25.65 -18.97 -0.07
C HIS B 474 24.56 -19.50 -1.01
N PRO B 475 23.27 -19.21 -0.70
CA PRO B 475 22.22 -19.51 -1.68
C PRO B 475 22.32 -18.56 -2.86
N CYS B 476 22.03 -19.07 -4.05
CA CYS B 476 22.29 -18.36 -5.30
C CYS B 476 21.06 -18.43 -6.20
N GLU B 477 20.60 -17.30 -6.73
CA GLU B 477 19.54 -17.25 -7.74
C GLU B 477 20.12 -16.79 -9.07
N MET B 478 19.90 -17.57 -10.15
CA MET B 478 20.37 -17.23 -11.48
C MET B 478 19.20 -17.05 -12.45
N HIS B 479 19.26 -15.98 -13.23
CA HIS B 479 18.22 -15.56 -14.16
C HIS B 479 18.82 -15.49 -15.57
N GLY B 480 18.02 -15.90 -16.57
CA GLY B 480 18.39 -15.78 -17.98
C GLY B 480 17.17 -15.87 -18.88
N TYR B 481 17.38 -15.64 -20.19
CA TYR B 481 16.31 -15.66 -21.19
C TYR B 481 16.79 -16.35 -22.47
N GLY B 482 17.63 -15.69 -23.29
CA GLY B 482 18.28 -16.35 -24.44
C GLY B 482 17.37 -16.61 -25.63
N GLY B 483 16.92 -15.55 -26.29
CA GLY B 483 16.04 -15.68 -27.43
C GLY B 483 15.58 -14.36 -28.03
N PHE B 484 15.22 -14.43 -29.33
CA PHE B 484 14.54 -13.36 -30.07
C PHE B 484 15.32 -12.04 -30.21
N GLY B 485 16.63 -12.06 -30.01
CA GLY B 485 17.43 -10.84 -30.03
C GLY B 485 17.24 -9.91 -28.84
N ILE B 486 16.67 -10.41 -27.75
CA ILE B 486 16.37 -9.60 -26.57
C ILE B 486 17.65 -9.39 -25.74
N ASN B 487 17.89 -8.13 -25.36
CA ASN B 487 19.02 -7.76 -24.51
C ASN B 487 18.61 -7.74 -23.04
N MET B 488 19.23 -8.59 -22.23
CA MET B 488 18.92 -8.71 -20.79
C MET B 488 19.81 -7.82 -19.95
N MET B 489 19.21 -6.78 -19.37
CA MET B 489 19.93 -5.74 -18.63
C MET B 489 19.68 -5.90 -17.12
N PRO B 490 20.69 -5.54 -16.29
CA PRO B 490 20.52 -5.63 -14.84
C PRO B 490 19.70 -4.45 -14.28
N THR B 491 18.37 -4.62 -14.29
CA THR B 491 17.42 -3.60 -13.82
C THR B 491 17.03 -3.81 -12.33
N PHE B 492 16.26 -2.89 -11.78
CA PHE B 492 15.89 -2.91 -10.37
C PHE B 492 14.74 -3.86 -10.12
N SER B 493 14.86 -4.65 -9.06
CA SER B 493 13.79 -5.49 -8.54
C SER B 493 13.80 -5.40 -7.01
N ALA B 494 12.64 -5.12 -6.41
CA ALA B 494 12.55 -4.97 -4.97
C ALA B 494 12.69 -6.32 -4.27
N SER B 495 12.06 -7.36 -4.83
CA SER B 495 12.13 -8.71 -4.26
C SER B 495 13.57 -9.25 -4.25
N ARG B 496 14.36 -8.87 -5.24
CA ARG B 496 15.77 -9.24 -5.32
C ARG B 496 16.58 -8.62 -4.18
N ILE B 497 16.29 -7.38 -3.81
CA ILE B 497 16.89 -6.74 -2.62
C ILE B 497 16.60 -7.54 -1.34
N VAL B 498 15.36 -8.01 -1.19
CA VAL B 498 14.97 -8.84 -0.04
C VAL B 498 15.80 -10.14 -0.02
N PHE B 499 15.98 -10.75 -1.20
CA PHE B 499 16.82 -11.94 -1.35
C PHE B 499 18.27 -11.67 -0.92
N LEU B 500 18.86 -10.57 -1.37
CA LEU B 500 20.25 -10.20 -1.01
C LEU B 500 20.39 -9.91 0.49
N LYS B 501 19.56 -9.02 1.03
CA LYS B 501 19.70 -8.59 2.42
C LYS B 501 19.22 -9.64 3.43
N HIS B 502 18.00 -10.11 3.26
CA HIS B 502 17.32 -10.93 4.29
C HIS B 502 17.43 -12.44 4.13
N LEU B 503 17.98 -12.89 3.01
CA LEU B 503 18.32 -14.31 2.83
C LEU B 503 19.82 -14.54 2.55
N GLY B 504 20.63 -13.48 2.55
CA GLY B 504 22.07 -13.56 2.31
C GLY B 504 22.44 -14.13 0.96
N GLY B 505 21.66 -13.75 -0.05
CA GLY B 505 21.75 -14.38 -1.37
C GLY B 505 22.79 -13.78 -2.30
N VAL B 506 23.12 -14.53 -3.34
CA VAL B 506 23.92 -14.06 -4.45
C VAL B 506 23.03 -14.14 -5.70
N PHE B 507 22.81 -13.02 -6.38
CA PHE B 507 22.04 -13.00 -7.62
C PHE B 507 22.96 -12.94 -8.84
N CYS B 508 22.65 -13.73 -9.87
CA CYS B 508 23.39 -13.75 -11.13
C CYS B 508 22.43 -13.61 -12.32
N LEU B 509 22.77 -12.70 -13.24
CA LEU B 509 22.11 -12.56 -14.54
C LEU B 509 23.12 -12.96 -15.60
N ALA B 510 22.74 -13.93 -16.43
CA ALA B 510 23.61 -14.49 -17.46
C ALA B 510 23.19 -14.04 -18.86
N ASN B 511 24.09 -13.36 -19.58
CA ASN B 511 23.80 -12.81 -20.92
C ASN B 511 24.09 -13.85 -21.99
N ILE B 512 23.32 -14.92 -21.97
CA ILE B 512 23.54 -16.09 -22.84
C ILE B 512 23.21 -15.78 -24.31
N ARG B 513 23.62 -16.67 -25.21
CA ARG B 513 23.40 -16.47 -26.65
C ARG B 513 21.92 -16.63 -26.96
N GLY B 514 21.50 -16.21 -28.16
CA GLY B 514 20.08 -16.10 -28.48
C GLY B 514 19.50 -14.72 -28.20
N GLY B 515 20.07 -13.99 -27.24
CA GLY B 515 19.85 -12.55 -27.10
C GLY B 515 20.53 -11.75 -28.20
N GLY B 516 20.42 -10.42 -28.13
CA GLY B 516 21.02 -9.53 -29.10
C GLY B 516 22.33 -8.85 -28.66
N GLU B 517 22.87 -9.23 -27.50
CA GLU B 517 23.86 -8.41 -26.77
C GLU B 517 25.12 -8.07 -27.58
N TYR B 518 25.58 -9.00 -28.41
CA TYR B 518 26.70 -8.75 -29.34
C TYR B 518 26.24 -8.78 -30.80
N GLY B 519 25.03 -8.29 -31.04
CA GLY B 519 24.46 -8.21 -32.38
C GLY B 519 23.89 -9.49 -32.91
N GLU B 520 23.54 -9.47 -34.19
CA GLU B 520 22.80 -10.54 -34.85
C GLU B 520 23.54 -11.89 -34.87
N GLU B 521 24.88 -11.86 -34.89
CA GLU B 521 25.67 -13.10 -34.73
C GLU B 521 25.44 -13.80 -33.37
N TRP B 522 25.23 -13.03 -32.31
CA TRP B 522 24.91 -13.57 -30.97
C TRP B 522 23.52 -14.24 -30.93
N HIS B 523 22.55 -13.63 -31.60
CA HIS B 523 21.17 -14.16 -31.74
C HIS B 523 21.18 -15.46 -32.55
N LYS B 524 21.80 -15.45 -33.73
CA LYS B 524 21.86 -16.63 -34.61
C LYS B 524 22.64 -17.81 -34.02
N ALA B 525 23.63 -17.56 -33.17
CA ALA B 525 24.32 -18.62 -32.44
C ALA B 525 23.50 -19.27 -31.29
N GLY B 526 22.27 -18.81 -31.04
CA GLY B 526 21.36 -19.46 -30.08
C GLY B 526 19.89 -19.56 -30.53
N PHE B 527 19.67 -19.91 -31.79
CA PHE B 527 18.32 -20.10 -32.34
C PHE B 527 18.28 -21.25 -33.36
N ARG B 528 17.07 -21.69 -33.70
CA ARG B 528 16.88 -22.73 -34.71
C ARG B 528 17.76 -23.98 -34.40
N ASP B 529 18.66 -24.39 -35.30
CA ASP B 529 19.55 -25.55 -35.06
C ASP B 529 20.52 -25.42 -33.89
N LYS B 530 20.82 -24.19 -33.46
CA LYS B 530 21.79 -23.93 -32.38
C LYS B 530 21.15 -23.54 -31.03
N LYS B 531 19.89 -23.90 -30.82
CA LYS B 531 19.17 -23.54 -29.58
C LYS B 531 19.83 -24.18 -28.36
N GLN B 532 20.39 -25.39 -28.53
CA GLN B 532 21.09 -26.09 -27.45
C GLN B 532 22.23 -25.24 -26.86
N ASN B 533 22.90 -24.44 -27.70
CA ASN B 533 23.95 -23.51 -27.20
C ASN B 533 23.43 -22.63 -26.05
N VAL B 534 22.17 -22.22 -26.13
CA VAL B 534 21.57 -21.35 -25.11
C VAL B 534 21.55 -22.05 -23.74
N PHE B 535 21.11 -23.31 -23.74
CA PHE B 535 21.09 -24.13 -22.52
C PHE B 535 22.50 -24.43 -22.02
N ASP B 536 23.41 -24.74 -22.94
CA ASP B 536 24.82 -24.99 -22.59
C ASP B 536 25.48 -23.78 -21.91
N ASP B 537 25.22 -22.57 -22.43
CA ASP B 537 25.71 -21.33 -21.83
C ASP B 537 25.22 -21.15 -20.37
N PHE B 538 23.93 -21.44 -20.14
CA PHE B 538 23.32 -21.29 -18.81
C PHE B 538 23.89 -22.29 -17.81
N ILE B 539 23.98 -23.55 -18.26
CA ILE B 539 24.63 -24.61 -17.48
C ILE B 539 26.08 -24.26 -17.11
N SER B 540 26.84 -23.69 -18.06
CA SER B 540 28.24 -23.31 -17.79
C SER B 540 28.32 -22.19 -16.76
N ALA B 541 27.36 -21.26 -16.77
CA ALA B 541 27.34 -20.18 -15.78
C ALA B 541 27.12 -20.71 -14.37
N ALA B 542 26.24 -21.70 -14.23
CA ALA B 542 25.99 -22.35 -12.94
C ALA B 542 27.23 -23.11 -12.47
N GLU B 543 27.92 -23.78 -13.40
CA GLU B 543 29.18 -24.49 -13.07
C GLU B 543 30.32 -23.56 -12.63
N TYR B 544 30.40 -22.37 -13.22
CA TYR B 544 31.36 -21.33 -12.76
C TYR B 544 31.06 -20.81 -11.35
N LEU B 545 29.78 -20.56 -11.05
CA LEU B 545 29.40 -20.07 -9.72
C LEU B 545 29.75 -21.11 -8.63
N ILE B 546 29.64 -22.40 -8.98
CA ILE B 546 30.07 -23.49 -8.10
C ILE B 546 31.60 -23.58 -7.96
N SER B 547 32.33 -23.68 -9.07
CA SER B 547 33.79 -23.84 -9.00
C SER B 547 34.53 -22.63 -8.38
N SER B 548 34.02 -21.42 -8.58
CA SER B 548 34.67 -20.22 -8.01
C SER B 548 34.34 -19.98 -6.52
N GLY B 549 33.35 -20.69 -6.00
CA GLY B 549 33.08 -20.71 -4.56
C GLY B 549 31.95 -19.80 -4.06
N TYR B 550 31.12 -19.28 -4.94
CA TYR B 550 29.93 -18.53 -4.51
C TYR B 550 28.90 -19.44 -3.84
N THR B 551 28.77 -20.67 -4.35
CA THR B 551 27.66 -21.55 -3.99
C THR B 551 28.03 -23.02 -4.27
N LYS B 552 27.09 -23.94 -4.01
CA LYS B 552 27.20 -25.34 -4.43
C LYS B 552 25.86 -25.86 -4.99
N ALA B 553 25.86 -27.05 -5.58
CA ALA B 553 24.69 -27.58 -6.32
C ALA B 553 23.35 -27.55 -5.57
N ARG B 554 23.37 -27.93 -4.30
CA ARG B 554 22.14 -27.92 -3.47
C ARG B 554 21.54 -26.51 -3.35
N ARG B 555 22.38 -25.48 -3.48
CA ARG B 555 22.05 -24.11 -3.11
C ARG B 555 21.79 -23.17 -4.31
N VAL B 556 21.67 -23.74 -5.51
CA VAL B 556 21.42 -22.95 -6.73
C VAL B 556 19.93 -23.03 -7.15
N ALA B 557 19.29 -21.87 -7.28
CA ALA B 557 17.93 -21.76 -7.84
C ALA B 557 17.99 -21.07 -9.20
N ILE B 558 17.22 -21.58 -10.17
CA ILE B 558 17.11 -20.93 -11.48
C ILE B 558 15.67 -20.50 -11.80
N GLU B 559 15.54 -19.31 -12.39
CA GLU B 559 14.25 -18.73 -12.71
C GLU B 559 14.28 -18.06 -14.07
N GLY B 560 13.12 -18.09 -14.72
CA GLY B 560 12.92 -17.46 -16.02
C GLY B 560 11.46 -17.48 -16.46
N GLY B 561 11.11 -16.55 -17.36
CA GLY B 561 9.74 -16.36 -17.86
C GLY B 561 9.60 -16.56 -19.37
N ALA B 562 8.52 -17.24 -19.78
CA ALA B 562 8.18 -17.45 -21.21
C ALA B 562 9.25 -18.25 -22.01
N ASN B 563 9.97 -17.64 -22.96
CA ASN B 563 11.17 -18.30 -23.55
C ASN B 563 12.19 -18.66 -22.44
N GLY B 564 12.21 -17.86 -21.38
CA GLY B 564 12.98 -18.15 -20.17
C GLY B 564 12.46 -19.28 -19.31
N GLY B 565 11.19 -19.63 -19.48
CA GLY B 565 10.59 -20.78 -18.81
C GLY B 565 10.98 -22.05 -19.50
N LEU B 566 11.04 -22.01 -20.82
CA LEU B 566 11.64 -23.07 -21.64
C LEU B 566 13.07 -23.34 -21.16
N LEU B 567 13.86 -22.27 -21.03
CA LEU B 567 15.26 -22.34 -20.55
C LEU B 567 15.36 -23.16 -19.28
N VAL B 568 14.54 -22.80 -18.29
CA VAL B 568 14.56 -23.48 -16.99
C VAL B 568 14.20 -24.96 -17.11
N ALA B 569 13.11 -25.24 -17.84
CA ALA B 569 12.60 -26.61 -17.99
C ALA B 569 13.60 -27.53 -18.72
N ALA B 570 14.22 -27.03 -19.79
CA ALA B 570 15.24 -27.79 -20.51
C ALA B 570 16.47 -28.09 -19.64
N CYS B 571 16.92 -27.09 -18.89
CA CYS B 571 18.10 -27.26 -18.02
C CYS B 571 17.86 -28.28 -16.89
N ILE B 572 16.65 -28.32 -16.31
CA ILE B 572 16.35 -29.33 -15.28
C ILE B 572 16.16 -30.75 -15.84
N ASN B 573 15.68 -30.87 -17.10
CA ASN B 573 15.64 -32.18 -17.78
C ASN B 573 17.06 -32.70 -18.04
N GLN B 574 17.97 -31.83 -18.47
CA GLN B 574 19.34 -32.23 -18.87
C GLN B 574 20.34 -32.35 -17.70
N ARG B 575 20.29 -31.41 -16.75
CA ARG B 575 21.23 -31.40 -15.61
C ARG B 575 20.51 -31.16 -14.25
N PRO B 576 19.57 -32.07 -13.88
CA PRO B 576 18.82 -31.92 -12.61
C PRO B 576 19.73 -31.91 -11.36
N ASP B 577 20.88 -32.57 -11.45
CA ASP B 577 21.87 -32.61 -10.38
C ASP B 577 22.47 -31.25 -9.98
N LEU B 578 22.44 -30.25 -10.87
CA LEU B 578 23.04 -28.94 -10.60
C LEU B 578 22.21 -27.99 -9.71
N PHE B 579 20.90 -28.23 -9.59
CA PHE B 579 19.96 -27.23 -9.06
C PHE B 579 19.22 -27.74 -7.83
N GLY B 580 18.93 -26.82 -6.91
CA GLY B 580 18.12 -27.09 -5.72
C GLY B 580 16.69 -26.57 -5.84
N CYS B 581 16.46 -25.62 -6.76
CA CYS B 581 15.13 -25.04 -6.96
C CYS B 581 14.97 -24.54 -8.38
N ALA B 582 13.80 -24.79 -8.97
CA ALA B 582 13.52 -24.38 -10.34
C ALA B 582 12.16 -23.71 -10.39
N GLU B 583 12.10 -22.53 -11.00
CA GLU B 583 10.86 -21.76 -11.12
C GLU B 583 10.65 -21.26 -12.55
N ALA B 584 9.72 -21.89 -13.27
CA ALA B 584 9.44 -21.58 -14.68
C ALA B 584 8.10 -20.83 -14.80
N ASN B 585 8.16 -19.57 -15.23
CA ASN B 585 6.98 -18.70 -15.28
C ASN B 585 6.41 -18.58 -16.68
N CYS B 586 5.21 -19.14 -16.91
CA CYS B 586 4.52 -19.05 -18.20
C CYS B 586 5.40 -19.55 -19.38
N GLY B 587 5.99 -20.73 -19.21
CA GLY B 587 6.97 -21.25 -20.14
C GLY B 587 6.37 -21.91 -21.37
N VAL B 588 7.14 -21.92 -22.47
CA VAL B 588 6.78 -22.67 -23.69
C VAL B 588 7.35 -24.10 -23.55
N MET B 589 6.47 -25.08 -23.32
CA MET B 589 6.85 -26.42 -22.90
C MET B 589 6.58 -27.55 -23.91
N ASP B 590 5.65 -27.34 -24.84
CA ASP B 590 5.38 -28.29 -25.92
C ASP B 590 5.90 -27.64 -27.20
N MET B 591 7.14 -27.99 -27.55
CA MET B 591 7.78 -27.44 -28.74
C MET B 591 7.30 -28.10 -30.02
N LEU B 592 6.59 -29.22 -29.92
CA LEU B 592 5.99 -29.84 -31.09
C LEU B 592 4.70 -29.13 -31.56
N ARG B 593 3.94 -28.52 -30.64
CA ARG B 593 2.62 -27.96 -30.98
C ARG B 593 2.42 -26.44 -30.72
N PHE B 594 3.45 -25.74 -30.22
CA PHE B 594 3.34 -24.30 -29.86
C PHE B 594 2.77 -23.42 -30.97
N HIS B 595 3.14 -23.72 -32.21
CA HIS B 595 2.74 -22.94 -33.38
C HIS B 595 1.23 -22.94 -33.70
N LYS B 596 0.49 -23.89 -33.12
CA LYS B 596 -0.95 -24.03 -33.37
C LYS B 596 -1.86 -23.09 -32.55
N PHE B 597 -1.37 -22.57 -31.43
CA PHE B 597 -2.20 -21.82 -30.45
C PHE B 597 -1.95 -20.31 -30.45
N THR B 598 -3.03 -19.54 -30.39
CA THR B 598 -3.03 -18.07 -30.45
C THR B 598 -1.99 -17.52 -31.45
N LEU B 599 -1.06 -16.68 -31.00
CA LEU B 599 -0.05 -16.10 -31.87
C LEU B 599 1.33 -16.77 -31.66
N GLY B 600 1.33 -18.04 -31.24
CA GLY B 600 2.55 -18.83 -31.10
C GLY B 600 3.29 -19.11 -32.40
N TYR B 601 2.57 -19.09 -33.54
CA TYR B 601 3.18 -19.25 -34.88
C TYR B 601 4.23 -18.15 -35.21
N LEU B 602 4.18 -17.02 -34.51
CA LEU B 602 5.17 -15.96 -34.64
C LEU B 602 6.57 -16.31 -34.06
N TRP B 603 6.68 -17.42 -33.31
CA TRP B 603 7.98 -17.88 -32.74
C TRP B 603 8.76 -18.88 -33.64
N THR B 604 8.27 -19.19 -34.83
CA THR B 604 8.93 -20.17 -35.73
C THR B 604 10.25 -19.66 -36.35
N GLY B 605 10.43 -18.34 -36.42
CA GLY B 605 11.73 -17.76 -36.79
C GLY B 605 12.84 -18.19 -35.83
N ASP B 606 12.56 -18.16 -34.53
CA ASP B 606 13.55 -18.55 -33.53
C ASP B 606 13.61 -20.06 -33.29
N TYR B 607 12.47 -20.73 -33.29
CA TYR B 607 12.42 -22.16 -32.91
C TYR B 607 12.48 -23.15 -34.08
N GLY B 608 12.07 -22.72 -35.27
CA GLY B 608 11.66 -23.65 -36.34
C GLY B 608 10.25 -24.17 -36.06
N CYS B 609 9.84 -25.16 -36.83
CA CYS B 609 8.47 -25.70 -36.75
C CYS B 609 8.44 -27.20 -37.07
N SER B 610 7.67 -27.95 -36.29
CA SER B 610 7.55 -29.41 -36.48
C SER B 610 6.83 -29.86 -37.77
N ASP B 611 6.24 -28.92 -38.51
CA ASP B 611 5.77 -29.18 -39.89
C ASP B 611 6.89 -29.59 -40.87
N LYS B 612 8.15 -29.31 -40.52
CA LYS B 612 9.31 -29.60 -41.38
C LYS B 612 10.28 -30.58 -40.68
N GLU B 613 10.78 -31.55 -41.46
CA GLU B 613 11.49 -32.72 -40.91
C GLU B 613 12.80 -32.41 -40.18
N GLU B 614 13.66 -31.63 -40.79
CA GLU B 614 14.95 -31.25 -40.14
C GLU B 614 14.72 -30.37 -38.90
N GLU B 615 13.65 -29.57 -38.90
CA GLU B 615 13.34 -28.67 -37.79
C GLU B 615 12.73 -29.44 -36.61
N PHE B 616 11.84 -30.39 -36.91
CA PHE B 616 11.34 -31.38 -35.93
C PHE B 616 12.49 -32.09 -35.18
N LYS B 617 13.52 -32.51 -35.92
CA LYS B 617 14.69 -33.17 -35.31
C LYS B 617 15.46 -32.30 -34.31
N TRP B 618 15.50 -30.98 -34.52
CA TRP B 618 16.03 -30.06 -33.49
C TRP B 618 15.15 -30.12 -32.26
N LEU B 619 13.85 -29.93 -32.49
CA LEU B 619 12.86 -29.68 -31.43
C LEU B 619 12.63 -30.85 -30.48
N ILE B 620 12.61 -32.07 -31.02
CA ILE B 620 12.36 -33.27 -30.23
C ILE B 620 13.46 -33.56 -29.19
N LYS B 621 14.67 -33.06 -29.44
CA LYS B 621 15.80 -33.28 -28.53
C LYS B 621 15.71 -32.49 -27.22
N TYR B 622 15.05 -31.33 -27.23
CA TYR B 622 14.90 -30.48 -26.03
C TYR B 622 13.47 -30.11 -25.56
N SER B 623 12.44 -30.44 -26.35
CA SER B 623 11.03 -30.14 -25.99
C SER B 623 10.73 -30.62 -24.55
N PRO B 624 10.47 -29.69 -23.61
CA PRO B 624 10.35 -30.10 -22.20
C PRO B 624 9.43 -31.29 -21.88
N ILE B 625 8.21 -31.32 -22.41
CA ILE B 625 7.27 -32.42 -22.08
C ILE B 625 7.66 -33.77 -22.69
N HIS B 626 8.51 -33.76 -23.72
CA HIS B 626 8.94 -35.01 -24.37
C HIS B 626 10.31 -35.53 -23.88
N ASN B 627 10.88 -34.88 -22.86
CA ASN B 627 12.22 -35.20 -22.35
C ASN B 627 12.29 -35.28 -20.81
N VAL B 628 11.17 -35.60 -20.15
CA VAL B 628 11.17 -35.88 -18.70
C VAL B 628 11.59 -37.34 -18.52
N ARG B 629 12.66 -37.56 -17.76
CA ARG B 629 13.20 -38.89 -17.51
C ARG B 629 13.71 -39.01 -16.08
N ARG B 630 13.54 -40.20 -15.49
CA ARG B 630 13.98 -40.48 -14.12
C ARG B 630 15.51 -40.47 -14.05
N PRO B 631 16.12 -39.45 -13.39
CA PRO B 631 17.59 -39.39 -13.38
C PRO B 631 18.28 -40.55 -12.66
N TRP B 632 17.62 -41.12 -11.65
CA TRP B 632 18.16 -42.26 -10.88
C TRP B 632 18.27 -43.58 -11.64
N GLU B 633 17.62 -43.70 -12.80
CA GLU B 633 17.73 -44.91 -13.63
C GLU B 633 18.97 -44.94 -14.54
N GLN B 634 19.69 -43.82 -14.65
CA GLN B 634 20.97 -43.77 -15.38
C GLN B 634 22.09 -44.25 -14.45
N PRO B 635 22.79 -45.34 -14.83
CA PRO B 635 23.87 -45.84 -13.97
C PRO B 635 24.89 -44.76 -13.61
N GLY B 636 25.26 -44.72 -12.33
CA GLY B 636 26.17 -43.69 -11.82
C GLY B 636 25.52 -42.61 -10.97
N ASN B 637 24.29 -42.20 -11.31
CA ASN B 637 23.63 -41.08 -10.61
C ASN B 637 22.33 -41.51 -9.90
N GLU B 638 22.45 -42.59 -9.13
CA GLU B 638 21.31 -43.17 -8.40
C GLU B 638 20.77 -42.27 -7.28
N GLU B 639 21.60 -41.36 -6.77
CA GLU B 639 21.20 -40.41 -5.71
C GLU B 639 20.72 -39.04 -6.24
N THR B 640 20.47 -38.93 -7.55
CA THR B 640 19.98 -37.70 -8.16
C THR B 640 18.46 -37.75 -8.33
N GLN B 641 17.81 -36.62 -8.04
CA GLN B 641 16.39 -36.40 -8.29
C GLN B 641 16.23 -35.02 -8.91
N TYR B 642 15.02 -34.73 -9.39
CA TYR B 642 14.70 -33.38 -9.86
C TYR B 642 14.70 -32.41 -8.66
N PRO B 643 15.13 -31.14 -8.89
CA PRO B 643 15.02 -30.15 -7.82
C PRO B 643 13.56 -29.89 -7.50
N ALA B 644 13.31 -29.27 -6.33
CA ALA B 644 11.98 -28.73 -6.00
C ALA B 644 11.59 -27.76 -7.11
N THR B 645 10.44 -28.01 -7.74
CA THR B 645 10.03 -27.30 -8.94
C THR B 645 8.64 -26.65 -8.74
N MET B 646 8.58 -25.34 -9.03
CA MET B 646 7.31 -24.59 -9.13
C MET B 646 7.10 -24.12 -10.57
N ILE B 647 6.02 -24.61 -11.18
CA ILE B 647 5.58 -24.13 -12.48
C ILE B 647 4.51 -23.05 -12.28
N LEU B 648 4.79 -21.82 -12.71
CA LEU B 648 3.82 -20.71 -12.58
C LEU B 648 3.13 -20.42 -13.90
N THR B 649 1.84 -20.09 -13.82
CA THR B 649 1.06 -19.67 -15.00
C THR B 649 -0.22 -18.96 -14.56
N ALA B 650 -1.01 -18.50 -15.52
CA ALA B 650 -2.25 -17.80 -15.28
C ALA B 650 -3.33 -18.36 -16.21
N ASP B 651 -4.57 -18.38 -15.74
CA ASP B 651 -5.67 -19.06 -16.44
C ASP B 651 -6.15 -18.40 -17.74
N HIS B 652 -5.83 -17.12 -17.94
CA HIS B 652 -6.11 -16.39 -19.20
C HIS B 652 -4.84 -15.79 -19.83
N ASP B 653 -3.74 -16.53 -19.74
CA ASP B 653 -2.50 -16.15 -20.46
C ASP B 653 -2.71 -16.59 -21.92
N ASP B 654 -3.15 -15.66 -22.75
CA ASP B 654 -3.30 -15.91 -24.19
C ASP B 654 -2.01 -15.71 -25.00
N ARG B 655 -0.96 -15.13 -24.39
CA ARG B 655 0.36 -15.04 -25.03
C ARG B 655 0.99 -16.44 -25.10
N VAL B 656 1.16 -17.07 -23.94
CA VAL B 656 1.68 -18.43 -23.82
C VAL B 656 0.58 -19.25 -23.14
N VAL B 657 -0.19 -19.97 -23.95
CA VAL B 657 -1.38 -20.67 -23.45
C VAL B 657 -1.02 -21.64 -22.33
N PRO B 658 -1.83 -21.65 -21.24
CA PRO B 658 -1.47 -22.39 -20.03
C PRO B 658 -1.43 -23.91 -20.18
N LEU B 659 -1.96 -24.45 -21.28
CA LEU B 659 -1.74 -25.87 -21.62
C LEU B 659 -0.26 -26.27 -21.62
N HIS B 660 0.64 -25.35 -21.97
CA HIS B 660 2.09 -25.64 -21.93
C HIS B 660 2.50 -26.08 -20.51
N SER B 661 2.14 -25.25 -19.53
CA SER B 661 2.40 -25.52 -18.10
C SER B 661 1.61 -26.70 -17.54
N PHE B 662 0.34 -26.81 -17.90
CA PHE B 662 -0.51 -27.90 -17.42
C PHE B 662 0.04 -29.27 -17.86
N LYS B 663 0.37 -29.39 -19.14
CA LYS B 663 0.89 -30.64 -19.71
C LYS B 663 2.28 -31.06 -19.13
N LEU B 664 3.17 -30.09 -18.92
CA LEU B 664 4.45 -30.37 -18.28
C LEU B 664 4.26 -30.85 -16.84
N LEU B 665 3.43 -30.15 -16.09
CA LEU B 665 3.14 -30.54 -14.69
C LEU B 665 2.64 -31.98 -14.59
N ALA B 666 1.66 -32.32 -15.42
CA ALA B 666 1.10 -33.67 -15.45
C ALA B 666 2.14 -34.74 -15.84
N THR B 667 2.98 -34.42 -16.84
CA THR B 667 4.01 -35.35 -17.30
C THR B 667 5.06 -35.57 -16.21
N MET B 668 5.49 -34.49 -15.56
CA MET B 668 6.47 -34.57 -14.46
C MET B 668 5.94 -35.37 -13.28
N GLN B 669 4.72 -35.07 -12.85
CA GLN B 669 4.09 -35.79 -11.73
C GLN B 669 3.93 -37.29 -12.08
N HIS B 670 3.55 -37.59 -13.33
CA HIS B 670 3.41 -38.98 -13.77
C HIS B 670 4.74 -39.71 -13.80
N VAL B 671 5.66 -39.23 -14.62
CA VAL B 671 6.94 -39.92 -14.85
C VAL B 671 7.75 -40.08 -13.56
N LEU B 672 7.82 -39.02 -12.75
CA LEU B 672 8.67 -39.01 -11.55
C LEU B 672 8.01 -39.47 -10.24
N CYS B 673 6.69 -39.35 -10.11
CA CYS B 673 5.99 -39.59 -8.83
C CYS B 673 4.89 -40.67 -8.82
N THR B 674 3.85 -40.51 -9.64
CA THR B 674 2.68 -41.41 -9.56
C THR B 674 2.80 -42.73 -10.35
N SER B 675 3.70 -42.81 -11.33
CA SER B 675 3.92 -44.09 -12.07
C SER B 675 4.75 -45.16 -11.34
N LEU B 676 5.32 -44.81 -10.17
CA LEU B 676 6.13 -45.71 -9.36
C LEU B 676 5.53 -45.84 -7.96
N GLU B 677 5.64 -47.03 -7.38
CA GLU B 677 5.04 -47.32 -6.07
C GLU B 677 5.82 -46.79 -4.87
N ASP B 678 7.09 -46.45 -5.04
CA ASP B 678 7.90 -45.93 -3.92
C ASP B 678 9.04 -45.06 -4.45
N SER B 679 8.67 -43.89 -4.99
CA SER B 679 9.60 -43.06 -5.75
C SER B 679 10.73 -42.43 -4.92
N PRO B 680 11.96 -42.41 -5.47
CA PRO B 680 13.03 -41.61 -4.84
C PRO B 680 12.85 -40.10 -4.97
N GLN B 681 11.96 -39.64 -5.85
CA GLN B 681 11.60 -38.22 -5.96
C GLN B 681 10.86 -37.72 -4.70
N LYS B 682 11.61 -37.08 -3.80
CA LYS B 682 11.07 -36.51 -2.56
C LYS B 682 10.72 -35.02 -2.73
N ASN B 683 11.56 -34.27 -3.43
CA ASN B 683 11.32 -32.83 -3.63
C ASN B 683 9.97 -32.59 -4.35
N PRO B 684 9.21 -31.55 -3.92
CA PRO B 684 7.86 -31.33 -4.48
C PRO B 684 7.86 -30.76 -5.91
N ILE B 685 6.86 -31.20 -6.68
CA ILE B 685 6.61 -30.72 -8.04
C ILE B 685 5.17 -30.18 -8.08
N ILE B 686 5.03 -28.86 -8.08
CA ILE B 686 3.75 -28.17 -7.97
C ILE B 686 3.59 -27.07 -9.01
N ALA B 687 2.35 -26.61 -9.17
CA ALA B 687 2.03 -25.45 -9.98
C ALA B 687 1.34 -24.39 -9.13
N ARG B 688 1.66 -23.12 -9.38
CA ARG B 688 0.95 -22.00 -8.80
C ARG B 688 0.20 -21.32 -9.94
N ILE B 689 -1.12 -21.53 -9.98
CA ILE B 689 -1.94 -21.09 -11.10
C ILE B 689 -2.73 -19.84 -10.70
N GLN B 690 -2.36 -18.68 -11.26
CA GLN B 690 -3.02 -17.40 -10.92
C GLN B 690 -4.39 -17.32 -11.62
N ARG B 691 -5.45 -17.25 -10.82
CA ARG B 691 -6.80 -17.13 -11.34
C ARG B 691 -7.10 -15.70 -11.83
N LYS B 692 -7.90 -15.61 -12.89
CA LYS B 692 -8.35 -14.33 -13.49
C LYS B 692 -7.20 -13.36 -13.82
N ALA B 693 -6.23 -13.84 -14.60
CA ALA B 693 -5.06 -13.06 -14.94
C ALA B 693 -4.50 -13.47 -16.29
N ALA B 694 -3.78 -12.52 -16.92
CA ALA B 694 -3.11 -12.73 -18.20
C ALA B 694 -1.57 -12.83 -18.02
N HIS B 695 -0.83 -12.83 -19.14
CA HIS B 695 0.63 -12.96 -19.14
C HIS B 695 1.30 -11.93 -18.23
N TYR B 696 0.87 -10.69 -18.34
CA TYR B 696 1.53 -9.55 -17.72
C TYR B 696 0.48 -8.44 -17.47
N GLY B 697 0.87 -7.39 -16.73
CA GLY B 697 0.01 -6.23 -16.50
C GLY B 697 -0.91 -6.39 -15.29
N ARG B 698 -0.53 -7.26 -14.36
CA ARG B 698 -1.31 -7.53 -13.17
C ARG B 698 -1.15 -6.41 -12.13
N ALA B 699 -2.16 -6.27 -11.27
CA ALA B 699 -2.11 -5.32 -10.16
C ALA B 699 -0.91 -5.57 -9.23
N THR B 700 -0.40 -4.49 -8.65
CA THR B 700 0.79 -4.53 -7.76
C THR B 700 0.70 -5.63 -6.67
N MET B 701 -0.40 -5.68 -5.94
CA MET B 701 -0.56 -6.65 -4.85
C MET B 701 -0.68 -8.09 -5.35
N THR B 702 -1.26 -8.28 -6.53
CA THR B 702 -1.38 -9.60 -7.14
C THR B 702 -0.01 -10.13 -7.52
N GLN B 703 0.80 -9.28 -8.14
CA GLN B 703 2.18 -9.66 -8.49
C GLN B 703 3.04 -9.87 -7.23
N ILE B 704 2.85 -9.03 -6.20
CA ILE B 704 3.61 -9.21 -4.94
C ILE B 704 3.30 -10.58 -4.32
N ALA B 705 2.03 -10.97 -4.34
CA ALA B 705 1.60 -12.28 -3.80
C ALA B 705 2.26 -13.47 -4.52
N GLU B 706 2.34 -13.40 -5.85
CA GLU B 706 3.06 -14.42 -6.62
C GLU B 706 4.55 -14.47 -6.23
N VAL B 707 5.18 -13.30 -6.17
CA VAL B 707 6.63 -13.24 -5.94
C VAL B 707 7.01 -13.68 -4.51
N ALA B 708 6.19 -13.32 -3.51
CA ALA B 708 6.43 -13.80 -2.16
C ALA B 708 6.32 -15.34 -2.04
N ASP B 709 5.36 -15.94 -2.75
CA ASP B 709 5.24 -17.41 -2.79
C ASP B 709 6.49 -18.05 -3.44
N ARG B 710 6.96 -17.52 -4.57
CA ARG B 710 8.18 -18.00 -5.25
CA ARG B 710 8.14 -18.09 -5.22
C ARG B 710 9.37 -18.05 -4.30
N TYR B 711 9.59 -16.94 -3.60
CA TYR B 711 10.76 -16.80 -2.72
C TYR B 711 10.65 -17.61 -1.42
N GLY B 712 9.44 -17.75 -0.89
CA GLY B 712 9.22 -18.63 0.27
C GLY B 712 9.48 -20.09 -0.05
N PHE B 713 9.03 -20.51 -1.23
CA PHE B 713 9.30 -21.84 -1.77
C PHE B 713 10.81 -22.06 -1.98
N MET B 714 11.46 -21.06 -2.58
CA MET B 714 12.91 -21.10 -2.82
C MET B 714 13.70 -21.24 -1.51
N ALA B 715 13.40 -20.41 -0.53
CA ALA B 715 14.06 -20.48 0.80
C ALA B 715 13.97 -21.87 1.43
N LYS B 716 12.79 -22.48 1.36
CA LYS B 716 12.60 -23.84 1.88
C LYS B 716 13.42 -24.86 1.08
N ALA B 717 13.32 -24.79 -0.25
CA ALA B 717 14.01 -25.72 -1.13
C ALA B 717 15.55 -25.68 -0.95
N LEU B 718 16.10 -24.48 -0.82
CA LEU B 718 17.55 -24.30 -0.61
C LEU B 718 18.04 -24.38 0.84
N GLU B 719 17.11 -24.55 1.81
CA GLU B 719 17.44 -24.58 3.24
C GLU B 719 18.17 -23.31 3.72
N ALA B 720 17.63 -22.17 3.31
CA ALA B 720 18.17 -20.85 3.64
C ALA B 720 17.34 -20.19 4.76
N PRO B 721 17.98 -19.91 5.92
CA PRO B 721 17.22 -19.21 6.96
C PRO B 721 17.12 -17.72 6.70
N TRP B 722 16.10 -17.10 7.29
CA TRP B 722 15.92 -15.66 7.27
C TRP B 722 16.99 -14.98 8.12
N ILE B 723 17.43 -13.81 7.67
CA ILE B 723 18.36 -12.96 8.41
C ILE B 723 17.66 -11.62 8.69
N ASP B 724 17.57 -11.25 9.96
CA ASP B 724 16.90 -10.00 10.37
C ASP B 724 17.67 -8.78 9.86
N GLY C 14 10.67 -5.72 -30.33
CA GLY C 14 9.37 -6.43 -30.59
C GLY C 14 8.50 -6.59 -29.36
N VAL C 15 7.19 -6.70 -29.59
CA VAL C 15 6.18 -6.77 -28.53
C VAL C 15 5.51 -8.17 -28.45
N ALA C 16 5.66 -8.99 -29.49
CA ALA C 16 4.81 -10.16 -29.72
C ALA C 16 5.43 -11.49 -29.28
N TRP C 17 6.52 -11.46 -28.52
CA TRP C 17 7.31 -12.67 -28.27
C TRP C 17 6.90 -13.39 -26.98
N ALA C 18 7.43 -14.59 -26.81
CA ALA C 18 7.41 -15.29 -25.53
C ALA C 18 8.32 -14.52 -24.57
N PHE C 19 7.77 -13.46 -23.98
CA PHE C 19 8.52 -12.42 -23.23
C PHE C 19 7.60 -11.70 -22.23
N GLN C 20 8.11 -11.45 -21.01
CA GLN C 20 7.40 -10.64 -19.99
C GLN C 20 8.19 -9.34 -19.74
N ALA C 21 7.54 -8.19 -19.99
CA ALA C 21 8.18 -6.87 -19.88
C ALA C 21 7.99 -6.28 -18.47
N ASN C 26 4.70 0.11 -19.20
CA ASN C 26 4.37 0.67 -17.89
C ASN C 26 3.79 -0.36 -16.88
N ALA C 27 4.68 -1.21 -16.38
CA ALA C 27 4.40 -2.08 -15.25
C ALA C 27 4.12 -1.23 -14.01
N SER C 28 3.18 -1.70 -13.20
CA SER C 28 2.72 -0.94 -12.02
C SER C 28 3.82 -0.73 -10.97
N ALA C 29 4.68 -1.74 -10.78
CA ALA C 29 5.75 -1.67 -9.79
C ALA C 29 6.91 -2.59 -10.17
N PRO C 30 8.16 -2.18 -9.83
CA PRO C 30 9.32 -3.04 -10.08
C PRO C 30 9.48 -4.08 -8.98
N VAL C 31 8.63 -5.11 -9.03
CA VAL C 31 8.56 -6.13 -7.98
C VAL C 31 9.72 -7.11 -8.14
N VAL D 15 -8.25 14.95 25.60
CA VAL D 15 -6.94 14.41 25.09
C VAL D 15 -6.08 13.80 26.21
N ALA D 16 -6.32 14.18 27.47
CA ALA D 16 -5.56 13.66 28.61
C ALA D 16 -6.16 12.41 29.29
N TRP D 17 -7.24 11.85 28.72
CA TRP D 17 -7.98 10.77 29.38
C TRP D 17 -7.53 9.39 28.91
N ALA D 18 -8.01 8.37 29.62
CA ALA D 18 -7.80 6.98 29.23
C ALA D 18 -8.57 6.72 27.92
N PHE D 19 -7.96 7.13 26.80
CA PHE D 19 -8.62 7.21 25.48
C PHE D 19 -7.58 7.17 24.35
N GLN D 20 -7.85 6.40 23.29
CA GLN D 20 -7.02 6.41 22.06
C GLN D 20 -7.85 6.94 20.88
N ALA D 21 -7.37 8.03 20.27
CA ALA D 21 -8.08 8.72 19.18
C ALA D 21 -7.63 8.20 17.83
N ASN D 26 -4.43 13.12 14.07
CA ASN D 26 -3.56 12.94 12.93
C ASN D 26 -3.12 11.48 12.81
N ALA D 27 -4.07 10.57 12.96
CA ALA D 27 -3.82 9.13 12.80
C ALA D 27 -3.46 8.84 11.35
N SER D 28 -2.51 7.93 11.14
CA SER D 28 -1.98 7.69 9.78
C SER D 28 -3.02 7.07 8.85
N ALA D 29 -3.86 6.20 9.38
CA ALA D 29 -4.88 5.51 8.58
C ALA D 29 -6.08 5.08 9.42
N PRO D 30 -7.29 5.09 8.84
CA PRO D 30 -8.47 4.55 9.52
C PRO D 30 -8.51 3.01 9.43
N VAL D 31 -7.67 2.37 10.24
CA VAL D 31 -7.47 0.92 10.17
C VAL D 31 -8.68 0.15 10.71
MG MG E . 12.07 3.16 28.54
S SO4 F . 11.62 7.71 26.35
O1 SO4 F . 12.13 6.54 25.60
O2 SO4 F . 11.21 7.20 27.67
O3 SO4 F . 12.65 8.75 26.50
O4 SO4 F . 10.49 8.34 25.63
S SO4 G . 3.31 1.84 47.25
O1 SO4 G . 4.31 0.82 46.86
O2 SO4 G . 2.07 1.15 47.69
O3 SO4 G . 3.86 2.68 48.34
O4 SO4 G . 2.98 2.73 46.10
MG MG H . -12.47 -17.08 -20.91
S SO4 I . -11.76 -12.31 -22.68
O1 SO4 I . -11.52 -13.55 -23.46
O2 SO4 I . -11.89 -12.70 -21.25
O3 SO4 I . -10.63 -11.35 -22.81
O4 SO4 I . -13.00 -11.66 -23.17
S SO4 J . -5.23 -31.05 -34.36
O1 SO4 J . -4.70 -32.14 -35.22
O2 SO4 J . -4.62 -31.13 -33.02
O3 SO4 J . -6.70 -31.19 -34.25
O4 SO4 J . -4.88 -29.74 -34.98
#